data_1QPN
#
_entry.id   1QPN
#
_cell.length_a   100.383
_cell.length_b   100.383
_cell.length_c   144.610
_cell.angle_alpha   90.00
_cell.angle_beta   90.00
_cell.angle_gamma   120.00
#
_symmetry.space_group_name_H-M   'P 31'
#
loop_
_entity.id
_entity.type
_entity.pdbx_description
1 polymer 'PROTEIN (QUINOLINATE PHOSPHORIBOSYL TRANSFERASE)'
2 non-polymer 'NICOTINATE MONONUCLEOTIDE'
3 water water
#
_entity_poly.entity_id   1
_entity_poly.type   'polypeptide(L)'
_entity_poly.pdbx_seq_one_letter_code
;GLSDWELAAARAAIARGLDEDLRYGPDVTTLATVPASATTTASLVTREAGVVAGLDVALLTLNEVLGTNGYRVLDRVEDG
ARVPPGEALMTLEAQTRGLLTAERTMLNLVGHLSGIATATAAWVDAVRGTKAKIRDTRKTLPGLRALQKYAVRTGGGVNH
RLGLGDAALIKDNHVAAAGSVVDALRAVRNAAPDLPCEVEVDSLEQLDAVLPEKPELILLDNFAVWQTQTAVQRRDSRAP
TVMLESSGGLSLQTAATYAETGVDYLAVGALTHSVRVLDIGLDM
;
_entity_poly.pdbx_strand_id   A,B,C,D,E,F
#
# COMPACT_ATOMS: atom_id res chain seq x y z
N GLY A 1 -20.27 -5.50 33.96
CA GLY A 1 -20.45 -5.57 35.45
C GLY A 1 -19.18 -6.03 36.13
N LEU A 2 -18.65 -5.18 36.99
CA LEU A 2 -17.44 -5.50 37.72
C LEU A 2 -17.79 -6.44 38.87
N SER A 3 -17.04 -7.55 38.99
CA SER A 3 -17.26 -8.52 40.05
C SER A 3 -16.60 -7.90 41.27
N ASP A 4 -16.94 -8.39 42.45
CA ASP A 4 -16.34 -7.82 43.64
C ASP A 4 -14.82 -7.89 43.59
N TRP A 5 -14.28 -8.91 42.93
CA TRP A 5 -12.83 -9.06 42.78
C TRP A 5 -12.30 -7.97 41.86
N GLU A 6 -13.00 -7.75 40.76
CA GLU A 6 -12.61 -6.71 39.83
C GLU A 6 -12.79 -5.33 40.45
N LEU A 7 -13.86 -5.17 41.21
CA LEU A 7 -14.16 -3.89 41.86
C LEU A 7 -13.01 -3.47 42.79
N ALA A 8 -12.38 -4.42 43.45
CA ALA A 8 -11.29 -4.10 44.36
C ALA A 8 -10.07 -3.72 43.54
N ALA A 9 -9.83 -4.44 42.46
CA ALA A 9 -8.69 -4.18 41.63
C ALA A 9 -8.88 -2.77 41.11
N ALA A 10 -10.11 -2.46 40.68
CA ALA A 10 -10.43 -1.11 40.17
C ALA A 10 -10.03 -0.06 41.19
N ARG A 11 -10.54 -0.20 42.42
CA ARG A 11 -10.24 0.72 43.51
C ARG A 11 -8.74 0.82 43.71
N ALA A 12 -8.06 -0.31 43.72
CA ALA A 12 -6.63 -0.26 43.92
C ALA A 12 -5.96 0.55 42.82
N ALA A 13 -6.40 0.31 41.59
CA ALA A 13 -5.85 0.99 40.45
C ALA A 13 -6.15 2.46 40.54
N ILE A 14 -7.41 2.83 40.76
CA ILE A 14 -7.73 4.26 40.81
C ILE A 14 -6.94 4.93 41.96
N ALA A 15 -6.77 4.23 43.08
CA ALA A 15 -6.02 4.80 44.19
C ALA A 15 -4.55 5.03 43.84
N ARG A 16 -3.90 4.07 43.21
CA ARG A 16 -2.51 4.25 42.81
C ARG A 16 -2.43 5.41 41.81
N GLY A 17 -3.36 5.44 40.88
CA GLY A 17 -3.32 6.52 39.93
C GLY A 17 -3.37 7.91 40.57
N LEU A 18 -4.33 8.10 41.48
CA LEU A 18 -4.52 9.39 42.15
C LEU A 18 -3.32 9.74 42.96
N ASP A 19 -2.75 8.77 43.63
CA ASP A 19 -1.58 9.05 44.40
C ASP A 19 -0.43 9.55 43.51
N GLU A 20 -0.28 9.03 42.30
CA GLU A 20 0.82 9.50 41.43
C GLU A 20 0.62 10.96 41.04
N ASP A 21 -0.62 11.34 40.78
CA ASP A 21 -0.96 12.71 40.40
C ASP A 21 -0.89 13.75 41.52
N LEU A 22 -1.36 13.34 42.71
CA LEU A 22 -1.39 14.23 43.88
C LEU A 22 -0.12 14.15 44.75
N ARG A 23 0.80 13.28 44.40
CA ARG A 23 2.03 13.16 45.15
C ARG A 23 2.79 14.46 45.24
N TYR A 24 2.72 15.30 44.21
CA TYR A 24 3.49 16.54 44.19
C TYR A 24 2.75 17.77 44.56
N GLY A 25 1.49 17.59 44.90
CA GLY A 25 0.70 18.74 45.30
C GLY A 25 -0.64 18.75 44.61
N PRO A 26 -1.60 19.55 45.11
CA PRO A 26 -2.94 19.66 44.53
C PRO A 26 -2.91 20.49 43.28
N ASP A 27 -3.99 20.42 42.52
CA ASP A 27 -4.06 21.18 41.31
C ASP A 27 -4.15 22.64 41.70
N VAL A 28 -3.01 23.27 41.93
CA VAL A 28 -2.93 24.66 42.34
C VAL A 28 -3.67 25.63 41.41
N THR A 29 -3.74 25.26 40.14
CA THR A 29 -4.41 26.13 39.19
C THR A 29 -5.91 26.09 39.23
N THR A 30 -6.54 24.94 39.50
CA THR A 30 -8.01 24.92 39.59
C THR A 30 -8.33 25.65 40.88
N LEU A 31 -7.59 25.33 41.94
CA LEU A 31 -7.78 25.96 43.24
C LEU A 31 -7.81 27.46 43.09
N ALA A 32 -6.84 27.98 42.35
CA ALA A 32 -6.75 29.42 42.18
C ALA A 32 -7.85 30.03 41.31
N THR A 33 -8.30 29.33 40.27
CA THR A 33 -9.30 29.89 39.38
C THR A 33 -10.75 29.43 39.52
N VAL A 34 -10.97 28.27 40.12
CA VAL A 34 -12.33 27.77 40.24
C VAL A 34 -12.85 27.59 41.64
N PRO A 35 -14.01 28.21 41.91
CA PRO A 35 -14.67 28.17 43.21
C PRO A 35 -15.19 26.80 43.60
N ALA A 36 -15.14 26.54 44.90
CA ALA A 36 -15.57 25.28 45.46
C ALA A 36 -17.04 25.04 45.26
N SER A 37 -17.83 26.10 45.08
CA SER A 37 -19.27 25.90 44.88
C SER A 37 -19.63 25.59 43.45
N ALA A 38 -18.66 25.70 42.55
CA ALA A 38 -18.90 25.49 41.13
C ALA A 38 -19.28 24.04 40.79
N THR A 39 -20.25 23.93 39.89
CA THR A 39 -20.77 22.67 39.44
C THR A 39 -20.98 22.73 37.94
N THR A 40 -20.61 21.65 37.22
CA THR A 40 -20.77 21.57 35.77
C THR A 40 -21.38 20.29 35.33
N THR A 41 -21.71 20.26 34.06
CA THR A 41 -22.25 19.07 33.46
C THR A 41 -21.10 18.78 32.52
N ALA A 42 -20.53 17.58 32.60
CA ALA A 42 -19.43 17.22 31.77
C ALA A 42 -19.79 15.94 31.07
N SER A 43 -19.12 15.68 29.95
CA SER A 43 -19.39 14.46 29.20
C SER A 43 -18.10 13.80 28.83
N LEU A 44 -18.09 12.46 28.89
CA LEU A 44 -16.93 11.71 28.48
C LEU A 44 -17.23 11.45 27.04
N VAL A 45 -16.46 12.01 26.12
CA VAL A 45 -16.79 11.73 24.73
C VAL A 45 -15.57 11.17 24.04
N THR A 46 -15.82 10.18 23.18
CA THR A 46 -14.76 9.53 22.39
C THR A 46 -14.31 10.39 21.25
N ARG A 47 -13.00 10.39 21.01
CA ARG A 47 -12.46 11.11 19.88
C ARG A 47 -12.39 10.14 18.70
N GLU A 48 -12.68 8.87 18.95
CA GLU A 48 -12.63 7.87 17.91
C GLU A 48 -13.63 6.78 18.11
N ALA A 49 -13.67 5.82 17.19
CA ALA A 49 -14.66 4.78 17.33
C ALA A 49 -14.05 3.62 17.99
N GLY A 50 -14.89 2.84 18.68
CA GLY A 50 -14.45 1.66 19.39
C GLY A 50 -15.54 1.01 20.18
N VAL A 51 -15.14 0.25 21.20
CA VAL A 51 -16.06 -0.48 22.06
C VAL A 51 -15.67 0.08 23.38
N VAL A 52 -16.66 0.49 24.14
CA VAL A 52 -16.38 1.10 25.43
C VAL A 52 -16.28 0.06 26.55
N ALA A 53 -15.35 0.29 27.48
CA ALA A 53 -15.21 -0.59 28.63
C ALA A 53 -14.59 0.23 29.75
N GLY A 54 -15.03 -0.04 30.98
CA GLY A 54 -14.48 0.64 32.14
C GLY A 54 -15.20 1.87 32.61
N LEU A 55 -16.45 2.02 32.22
CA LEU A 55 -17.23 3.18 32.63
C LEU A 55 -17.48 3.21 34.14
N ASP A 56 -17.71 2.05 34.74
CA ASP A 56 -17.94 1.95 36.18
C ASP A 56 -16.67 2.39 36.87
N VAL A 57 -15.54 2.08 36.29
CA VAL A 57 -14.28 2.53 36.87
C VAL A 57 -14.25 4.11 36.90
N ALA A 58 -14.90 4.75 35.93
CA ALA A 58 -14.92 6.21 35.89
C ALA A 58 -15.73 6.68 37.08
N LEU A 59 -16.93 6.14 37.22
CA LEU A 59 -17.76 6.47 38.38
C LEU A 59 -16.98 6.24 39.68
N LEU A 60 -16.33 5.07 39.84
CA LEU A 60 -15.54 4.76 41.03
C LEU A 60 -14.48 5.83 41.34
N THR A 61 -13.90 6.43 40.30
CA THR A 61 -12.87 7.46 40.50
C THR A 61 -13.51 8.71 41.05
N LEU A 62 -14.75 8.96 40.65
CA LEU A 62 -15.47 10.11 41.11
C LEU A 62 -15.86 9.90 42.59
N ASN A 63 -16.29 8.68 42.93
CA ASN A 63 -16.66 8.37 44.30
C ASN A 63 -15.51 8.70 45.19
N GLU A 64 -14.34 8.34 44.76
CA GLU A 64 -13.13 8.56 45.51
C GLU A 64 -12.75 10.03 45.63
N VAL A 65 -13.06 10.81 44.61
CA VAL A 65 -12.68 12.20 44.66
C VAL A 65 -13.77 13.16 45.14
N LEU A 66 -15.00 12.88 44.79
CA LEU A 66 -16.12 13.73 45.17
C LEU A 66 -17.03 13.12 46.24
N GLY A 67 -16.85 11.85 46.55
CA GLY A 67 -17.74 11.24 47.50
C GLY A 67 -18.89 10.67 46.69
N THR A 68 -19.40 9.52 47.13
CA THR A 68 -20.47 8.82 46.46
C THR A 68 -21.59 9.65 45.89
N ASN A 69 -21.99 10.67 46.65
CA ASN A 69 -23.07 11.54 46.23
C ASN A 69 -22.54 12.93 45.88
N GLY A 70 -21.33 12.99 45.36
CA GLY A 70 -20.77 14.28 45.00
C GLY A 70 -21.03 14.62 43.55
N TYR A 71 -21.72 13.72 42.85
CA TYR A 71 -22.02 13.90 41.44
C TYR A 71 -23.35 13.26 41.08
N ARG A 72 -23.83 13.56 39.89
CA ARG A 72 -25.10 13.02 39.44
C ARG A 72 -24.90 12.58 37.98
N VAL A 73 -25.23 11.33 37.70
CA VAL A 73 -25.09 10.79 36.36
C VAL A 73 -26.42 11.02 35.66
N LEU A 74 -26.38 11.85 34.62
CA LEU A 74 -27.58 12.16 33.86
C LEU A 74 -27.79 11.09 32.81
N ASP A 75 -26.68 10.59 32.29
CA ASP A 75 -26.77 9.59 31.26
C ASP A 75 -25.46 8.84 31.04
N ARG A 76 -25.58 7.58 30.66
CA ARG A 76 -24.40 6.76 30.40
C ARG A 76 -24.72 5.65 29.43
N VAL A 77 -23.68 5.16 28.79
CA VAL A 77 -23.80 4.10 27.82
C VAL A 77 -23.40 2.83 28.56
N GLU A 78 -23.74 1.67 28.01
CA GLU A 78 -23.38 0.41 28.66
C GLU A 78 -22.00 -0.05 28.21
N ASP A 79 -21.26 -0.67 29.12
CA ASP A 79 -19.97 -1.20 28.76
C ASP A 79 -20.26 -2.21 27.65
N GLY A 80 -19.42 -2.21 26.63
CA GLY A 80 -19.60 -3.14 25.53
C GLY A 80 -20.33 -2.58 24.34
N ALA A 81 -20.57 -1.27 24.36
CA ALA A 81 -21.27 -0.60 23.29
C ALA A 81 -20.29 -0.25 22.22
N ARG A 82 -20.70 -0.42 20.97
CA ARG A 82 -19.90 -0.08 19.81
C ARG A 82 -20.23 1.42 19.74
N VAL A 83 -19.22 2.25 19.65
CA VAL A 83 -19.45 3.67 19.74
C VAL A 83 -18.73 4.45 18.62
N PRO A 84 -19.42 5.40 18.00
CA PRO A 84 -18.86 6.22 16.92
C PRO A 84 -18.09 7.37 17.52
N PRO A 85 -17.33 8.10 16.68
CA PRO A 85 -16.54 9.22 17.11
C PRO A 85 -17.08 10.20 18.13
N GLY A 86 -17.83 11.22 17.77
CA GLY A 86 -18.26 12.15 18.83
C GLY A 86 -19.22 11.69 19.93
N GLU A 87 -19.35 10.38 20.10
CA GLU A 87 -20.26 9.80 21.09
C GLU A 87 -20.03 10.21 22.55
N ALA A 88 -21.12 10.52 23.25
CA ALA A 88 -21.03 10.88 24.67
C ALA A 88 -21.30 9.57 25.44
N LEU A 89 -20.22 9.01 25.98
CA LEU A 89 -20.30 7.74 26.69
C LEU A 89 -21.04 7.86 27.99
N MET A 90 -20.93 9.03 28.61
CA MET A 90 -21.57 9.27 29.91
C MET A 90 -21.63 10.78 30.14
N THR A 91 -22.76 11.26 30.62
CA THR A 91 -22.93 12.67 30.93
C THR A 91 -23.23 12.82 32.40
N LEU A 92 -22.44 13.62 33.10
CA LEU A 92 -22.66 13.83 34.53
C LEU A 92 -22.68 15.29 34.96
N GLU A 93 -23.19 15.52 36.17
CA GLU A 93 -23.26 16.84 36.76
C GLU A 93 -22.48 16.70 38.06
N ALA A 94 -21.41 17.47 38.20
CA ALA A 94 -20.57 17.35 39.38
C ALA A 94 -19.82 18.64 39.72
N GLN A 95 -19.14 18.62 40.86
CA GLN A 95 -18.39 19.78 41.29
C GLN A 95 -17.20 19.87 40.39
N THR A 96 -17.06 21.01 39.74
CA THR A 96 -15.97 21.30 38.81
C THR A 96 -14.57 20.97 39.30
N ARG A 97 -14.23 21.39 40.50
CA ARG A 97 -12.90 21.10 41.00
C ARG A 97 -12.64 19.61 41.07
N GLY A 98 -13.64 18.85 41.47
CA GLY A 98 -13.49 17.41 41.60
C GLY A 98 -13.26 16.75 40.27
N LEU A 99 -14.04 17.17 39.27
CA LEU A 99 -13.91 16.66 37.92
C LEU A 99 -12.50 16.88 37.44
N LEU A 100 -12.00 18.11 37.57
CA LEU A 100 -10.65 18.41 37.10
C LEU A 100 -9.54 17.63 37.76
N THR A 101 -9.77 17.18 38.98
CA THR A 101 -8.77 16.39 39.70
C THR A 101 -8.79 14.92 39.26
N ALA A 102 -10.00 14.41 39.02
CA ALA A 102 -10.24 13.03 38.60
C ALA A 102 -9.89 12.75 37.14
N GLU A 103 -10.16 13.75 36.30
CA GLU A 103 -9.96 13.73 34.85
C GLU A 103 -8.88 12.83 34.25
N ARG A 104 -7.62 13.15 34.50
CA ARG A 104 -6.53 12.38 33.92
C ARG A 104 -6.50 10.88 34.27
N THR A 105 -6.76 10.54 35.53
CA THR A 105 -6.74 9.18 36.04
C THR A 105 -7.88 8.41 35.48
N MET A 106 -9.01 9.08 35.42
CA MET A 106 -10.22 8.48 34.92
C MET A 106 -10.04 8.15 33.42
N LEU A 107 -9.62 9.14 32.63
CA LEU A 107 -9.40 8.95 31.20
C LEU A 107 -8.30 7.91 30.88
N ASN A 108 -7.20 7.95 31.63
CA ASN A 108 -6.15 6.98 31.45
C ASN A 108 -6.66 5.51 31.65
N LEU A 109 -7.52 5.29 32.64
CA LEU A 109 -8.05 3.97 32.86
C LEU A 109 -9.07 3.57 31.80
N VAL A 110 -10.16 4.32 31.64
CA VAL A 110 -11.15 3.91 30.66
C VAL A 110 -10.60 3.90 29.26
N GLY A 111 -9.62 4.75 29.02
CA GLY A 111 -9.01 4.81 27.71
C GLY A 111 -8.30 3.50 27.42
N HIS A 112 -7.63 2.98 28.45
CA HIS A 112 -6.89 1.73 28.35
C HIS A 112 -7.84 0.55 28.23
N LEU A 113 -8.78 0.45 29.13
CA LEU A 113 -9.70 -0.66 29.07
C LEU A 113 -10.52 -0.68 27.78
N SER A 114 -10.84 0.49 27.23
CA SER A 114 -11.61 0.58 25.98
C SER A 114 -10.70 0.20 24.80
N GLY A 115 -9.44 0.62 24.86
CA GLY A 115 -8.48 0.25 23.84
C GLY A 115 -8.46 -1.24 23.68
N ILE A 116 -8.48 -1.96 24.81
CA ILE A 116 -8.43 -3.44 24.82
C ILE A 116 -9.70 -4.07 24.29
N ALA A 117 -10.84 -3.58 24.74
CA ALA A 117 -12.09 -4.16 24.30
C ALA A 117 -12.29 -3.92 22.85
N THR A 118 -11.68 -2.85 22.34
CA THR A 118 -11.78 -2.48 20.94
C THR A 118 -10.98 -3.47 20.11
N ALA A 119 -9.71 -3.65 20.45
CA ALA A 119 -8.87 -4.62 19.76
C ALA A 119 -9.49 -6.01 19.85
N THR A 120 -9.99 -6.43 21.02
CA THR A 120 -10.55 -7.77 21.08
C THR A 120 -11.80 -7.95 20.27
N ALA A 121 -12.58 -6.89 20.10
CA ALA A 121 -13.78 -7.04 19.27
C ALA A 121 -13.38 -7.21 17.79
N ALA A 122 -12.24 -6.64 17.39
CA ALA A 122 -11.77 -6.76 16.02
C ALA A 122 -11.36 -8.22 15.77
N TRP A 123 -10.68 -8.83 16.75
CA TRP A 123 -10.26 -10.22 16.60
C TRP A 123 -11.47 -11.09 16.52
N VAL A 124 -12.41 -10.84 17.40
CA VAL A 124 -13.69 -11.57 17.42
C VAL A 124 -14.44 -11.47 16.06
N ASP A 125 -14.44 -10.30 15.44
CA ASP A 125 -15.10 -10.14 14.13
C ASP A 125 -14.34 -10.97 13.14
N ALA A 126 -13.02 -10.91 13.23
CA ALA A 126 -12.16 -11.63 12.32
C ALA A 126 -12.46 -13.12 12.22
N VAL A 127 -12.75 -13.77 13.35
CA VAL A 127 -12.99 -15.20 13.29
C VAL A 127 -14.47 -15.54 13.29
N ARG A 128 -15.31 -14.55 13.06
CA ARG A 128 -16.73 -14.77 13.03
C ARG A 128 -16.99 -15.82 11.95
N GLY A 129 -17.97 -16.70 12.19
CA GLY A 129 -18.25 -17.74 11.22
C GLY A 129 -17.41 -19.00 11.38
N THR A 130 -16.63 -19.01 12.44
CA THR A 130 -15.74 -20.07 12.79
C THR A 130 -16.18 -20.48 14.21
N LYS A 131 -15.71 -21.60 14.73
CA LYS A 131 -16.11 -21.93 16.10
C LYS A 131 -15.13 -21.37 17.15
N ALA A 132 -13.98 -20.86 16.70
CA ALA A 132 -12.95 -20.33 17.58
C ALA A 132 -13.40 -19.19 18.49
N LYS A 133 -12.84 -19.16 19.70
CA LYS A 133 -13.12 -18.12 20.67
C LYS A 133 -11.78 -17.42 20.89
N ILE A 134 -11.82 -16.12 21.13
CA ILE A 134 -10.60 -15.35 21.33
C ILE A 134 -10.27 -15.38 22.83
N ARG A 135 -9.05 -15.78 23.18
CA ARG A 135 -8.70 -15.86 24.57
C ARG A 135 -7.51 -15.03 24.88
N ASP A 136 -7.39 -14.61 26.15
CA ASP A 136 -6.24 -13.82 26.57
C ASP A 136 -5.12 -14.68 27.18
N THR A 137 -4.08 -14.03 27.66
CA THR A 137 -2.93 -14.67 28.24
C THR A 137 -2.52 -14.02 29.60
N ARG A 138 -1.35 -14.41 30.10
CA ARG A 138 -0.83 -13.87 31.34
C ARG A 138 0.12 -12.76 31.02
N LYS A 139 0.11 -12.32 29.76
CA LYS A 139 0.98 -11.25 29.33
C LYS A 139 0.23 -9.93 29.60
N THR A 140 0.00 -9.67 30.88
CA THR A 140 -0.71 -8.52 31.39
C THR A 140 0.22 -7.51 32.11
N LEU A 141 -0.22 -6.27 32.30
CA LEU A 141 0.63 -5.31 33.00
C LEU A 141 0.45 -5.54 34.49
N PRO A 142 1.51 -5.42 35.26
CA PRO A 142 1.47 -5.62 36.73
C PRO A 142 0.53 -4.70 37.48
N GLY A 143 -0.46 -5.27 38.14
CA GLY A 143 -1.40 -4.50 38.90
C GLY A 143 -2.67 -4.31 38.13
N LEU A 144 -2.69 -4.65 36.84
CA LEU A 144 -3.89 -4.43 36.03
C LEU A 144 -4.54 -5.67 35.43
N ARG A 145 -3.96 -6.84 35.68
CA ARG A 145 -4.53 -8.09 35.15
C ARG A 145 -6.03 -8.23 35.25
N ALA A 146 -6.61 -8.11 36.45
CA ALA A 146 -8.07 -8.28 36.60
C ALA A 146 -8.84 -7.32 35.70
N LEU A 147 -8.37 -6.08 35.62
CA LEU A 147 -9.06 -5.09 34.78
C LEU A 147 -8.90 -5.44 33.29
N GLN A 148 -7.66 -5.74 32.87
CA GLN A 148 -7.40 -6.11 31.47
C GLN A 148 -8.19 -7.33 31.07
N LYS A 149 -8.31 -8.31 31.97
CA LYS A 149 -9.05 -9.53 31.71
C LYS A 149 -10.52 -9.17 31.54
N TYR A 150 -10.98 -8.21 32.35
CA TYR A 150 -12.36 -7.75 32.31
C TYR A 150 -12.70 -7.13 30.97
N ALA A 151 -11.81 -6.26 30.50
CA ALA A 151 -12.01 -5.62 29.20
C ALA A 151 -12.03 -6.57 28.01
N VAL A 152 -11.20 -7.65 27.98
CA VAL A 152 -11.24 -8.56 26.84
C VAL A 152 -12.57 -9.25 26.80
N ARG A 153 -13.06 -9.58 27.97
CA ARG A 153 -14.34 -10.24 28.08
C ARG A 153 -15.43 -9.31 27.56
N THR A 154 -15.28 -8.03 27.85
CA THR A 154 -16.24 -7.03 27.39
C THR A 154 -16.24 -6.89 25.86
N GLY A 155 -15.05 -7.05 25.26
CA GLY A 155 -14.89 -6.99 23.82
C GLY A 155 -15.40 -8.25 23.15
N GLY A 156 -15.67 -9.27 23.95
CA GLY A 156 -16.21 -10.51 23.41
C GLY A 156 -15.27 -11.69 23.55
N GLY A 157 -14.15 -11.48 24.22
CA GLY A 157 -13.19 -12.55 24.42
C GLY A 157 -13.54 -13.39 25.63
N VAL A 158 -12.76 -14.44 25.87
CA VAL A 158 -13.00 -15.28 27.01
C VAL A 158 -11.68 -15.36 27.75
N ASN A 159 -11.74 -15.23 29.07
CA ASN A 159 -10.56 -15.24 29.92
C ASN A 159 -9.94 -16.61 30.06
N HIS A 160 -8.62 -16.64 30.03
CA HIS A 160 -7.91 -17.89 30.13
C HIS A 160 -7.34 -18.03 31.53
N ARG A 161 -6.03 -18.00 31.67
CA ARG A 161 -5.47 -18.18 33.00
C ARG A 161 -5.31 -16.90 33.73
N LEU A 162 -5.69 -16.93 35.00
CA LEU A 162 -5.57 -15.75 35.83
C LEU A 162 -4.24 -15.69 36.55
N GLY A 163 -3.57 -16.82 36.67
CA GLY A 163 -2.32 -16.88 37.35
C GLY A 163 -1.73 -18.26 37.22
N LEU A 164 -0.58 -18.45 37.85
CA LEU A 164 0.20 -19.69 37.84
C LEU A 164 -0.51 -20.91 38.42
N GLY A 165 -1.33 -20.74 39.43
CA GLY A 165 -1.98 -21.89 40.02
C GLY A 165 -3.30 -22.28 39.41
N ASP A 166 -3.74 -21.54 38.39
CA ASP A 166 -5.01 -21.75 37.65
C ASP A 166 -5.24 -23.16 37.12
N ALA A 167 -4.21 -23.62 36.42
CA ALA A 167 -4.28 -24.90 35.80
C ALA A 167 -2.86 -25.30 35.65
N ALA A 168 -2.64 -26.56 35.30
CA ALA A 168 -1.30 -27.06 35.11
C ALA A 168 -0.97 -26.88 33.64
N LEU A 169 0.06 -26.08 33.36
CA LEU A 169 0.51 -25.87 32.01
C LEU A 169 1.93 -26.40 31.82
N ILE A 170 2.07 -27.53 31.14
CA ILE A 170 3.40 -28.10 30.89
C ILE A 170 4.07 -27.44 29.67
N LYS A 171 5.20 -26.79 29.91
CA LYS A 171 5.95 -26.12 28.87
C LYS A 171 7.21 -26.89 28.62
N ASP A 172 8.02 -26.33 27.74
CA ASP A 172 9.32 -26.84 27.33
C ASP A 172 10.24 -27.19 28.51
N ASN A 173 10.38 -26.23 29.43
CA ASN A 173 11.21 -26.38 30.61
C ASN A 173 10.80 -27.60 31.42
N HIS A 174 9.50 -27.81 31.58
CA HIS A 174 8.99 -28.93 32.36
C HIS A 174 9.27 -30.25 31.64
N VAL A 175 9.08 -30.21 30.32
CA VAL A 175 9.32 -31.36 29.46
C VAL A 175 10.77 -31.79 29.64
N ALA A 176 11.66 -30.81 29.60
CA ALA A 176 13.10 -31.01 29.75
C ALA A 176 13.44 -31.76 31.02
N ALA A 177 13.03 -31.19 32.15
CA ALA A 177 13.27 -31.76 33.47
C ALA A 177 12.68 -33.16 33.59
N ALA A 178 11.52 -33.36 32.99
CA ALA A 178 10.86 -34.65 33.05
C ALA A 178 11.56 -35.63 32.10
N GLY A 179 12.16 -35.07 31.06
CA GLY A 179 12.84 -35.87 30.07
C GLY A 179 12.14 -35.65 28.74
N SER A 180 10.81 -35.80 28.75
CA SER A 180 10.01 -35.62 27.55
C SER A 180 8.68 -35.01 27.89
N VAL A 181 7.94 -34.65 26.86
CA VAL A 181 6.63 -34.03 27.03
C VAL A 181 5.68 -34.97 27.76
N VAL A 182 5.75 -36.24 27.42
CA VAL A 182 4.89 -37.22 28.07
C VAL A 182 5.28 -37.41 29.53
N ASP A 183 6.59 -37.34 29.79
CA ASP A 183 7.14 -37.51 31.13
C ASP A 183 6.53 -36.48 32.06
N ALA A 184 6.71 -35.22 31.69
CA ALA A 184 6.17 -34.10 32.45
C ALA A 184 4.67 -34.24 32.63
N LEU A 185 3.96 -34.55 31.55
CA LEU A 185 2.52 -34.68 31.60
C LEU A 185 2.12 -35.65 32.67
N ARG A 186 2.80 -36.78 32.71
CA ARG A 186 2.52 -37.80 33.69
C ARG A 186 2.80 -37.30 35.09
N ALA A 187 3.95 -36.65 35.23
CA ALA A 187 4.37 -36.10 36.51
C ALA A 187 3.27 -35.25 37.13
N VAL A 188 2.82 -34.26 36.38
CA VAL A 188 1.78 -33.37 36.85
C VAL A 188 0.46 -34.11 37.08
N ARG A 189 0.16 -35.09 36.25
CA ARG A 189 -1.07 -35.85 36.43
C ARG A 189 -1.12 -36.43 37.84
N ASN A 190 0.04 -36.82 38.33
CA ASN A 190 0.14 -37.41 39.66
C ASN A 190 0.24 -36.38 40.76
N ALA A 191 0.94 -35.30 40.48
CA ALA A 191 1.08 -34.26 41.48
C ALA A 191 -0.22 -33.45 41.74
N ALA A 192 -0.97 -33.10 40.69
CA ALA A 192 -2.20 -32.32 40.89
C ALA A 192 -3.30 -32.86 40.03
N PRO A 193 -3.83 -34.04 40.38
CA PRO A 193 -4.91 -34.74 39.67
C PRO A 193 -6.23 -33.95 39.58
N ASP A 194 -6.35 -32.96 40.46
CA ASP A 194 -7.53 -32.10 40.53
C ASP A 194 -7.55 -30.93 39.53
N LEU A 195 -6.37 -30.53 39.09
CA LEU A 195 -6.13 -29.40 38.21
C LEU A 195 -6.19 -29.70 36.72
N PRO A 196 -6.62 -28.70 35.92
CA PRO A 196 -6.73 -28.79 34.45
C PRO A 196 -5.35 -28.80 33.78
N CYS A 197 -5.11 -29.82 32.95
CA CYS A 197 -3.85 -29.97 32.23
C CYS A 197 -3.90 -29.24 30.92
N GLU A 198 -2.79 -28.60 30.58
CA GLU A 198 -2.66 -27.88 29.33
C GLU A 198 -1.22 -28.09 28.96
N VAL A 199 -1.00 -28.63 27.78
CA VAL A 199 0.38 -28.83 27.37
C VAL A 199 0.70 -28.06 26.10
N GLU A 200 1.84 -27.41 26.12
CA GLU A 200 2.32 -26.59 25.01
C GLU A 200 3.25 -27.43 24.16
N VAL A 201 2.90 -27.58 22.88
CA VAL A 201 3.71 -28.34 21.92
C VAL A 201 4.15 -27.39 20.81
N ASP A 202 5.35 -27.57 20.31
CA ASP A 202 5.84 -26.72 19.27
C ASP A 202 6.15 -27.52 18.02
N SER A 203 5.69 -28.76 17.95
CA SER A 203 5.95 -29.57 16.78
C SER A 203 4.86 -30.58 16.60
N LEU A 204 4.68 -31.08 15.39
CA LEU A 204 3.60 -32.05 15.19
C LEU A 204 4.00 -33.34 15.83
N GLU A 205 5.31 -33.51 16.00
CA GLU A 205 5.86 -34.69 16.63
C GLU A 205 5.45 -34.70 18.10
N GLN A 206 5.55 -33.54 18.75
CA GLN A 206 5.15 -33.48 20.14
C GLN A 206 3.67 -33.68 20.22
N LEU A 207 2.95 -33.15 19.23
CA LEU A 207 1.50 -33.29 19.21
C LEU A 207 1.13 -34.76 19.27
N ASP A 208 1.69 -35.54 18.33
CA ASP A 208 1.43 -37.00 18.24
C ASP A 208 1.78 -37.69 19.54
N ALA A 209 2.88 -37.27 20.15
CA ALA A 209 3.34 -37.83 21.41
C ALA A 209 2.39 -37.60 22.59
N VAL A 210 1.74 -36.43 22.66
CA VAL A 210 0.88 -36.18 23.80
C VAL A 210 -0.58 -36.51 23.56
N LEU A 211 -0.98 -36.50 22.30
CA LEU A 211 -2.38 -36.75 21.94
C LEU A 211 -3.00 -37.94 22.66
N PRO A 212 -2.31 -39.10 22.64
CA PRO A 212 -2.87 -40.29 23.31
C PRO A 212 -3.00 -40.11 24.84
N GLU A 213 -2.15 -39.29 25.45
CA GLU A 213 -2.23 -39.06 26.90
C GLU A 213 -3.50 -38.29 27.20
N LYS A 214 -4.14 -37.80 26.14
CA LYS A 214 -5.38 -37.06 26.28
C LYS A 214 -5.46 -35.87 27.27
N PRO A 215 -4.59 -34.86 27.15
CA PRO A 215 -4.65 -33.71 28.05
C PRO A 215 -5.90 -32.88 27.74
N GLU A 216 -6.31 -32.00 28.64
CA GLU A 216 -7.50 -31.19 28.43
C GLU A 216 -7.39 -30.19 27.26
N LEU A 217 -6.20 -29.64 27.11
CA LEU A 217 -5.96 -28.60 26.13
C LEU A 217 -4.50 -28.63 25.66
N ILE A 218 -4.31 -28.59 24.34
CA ILE A 218 -2.95 -28.56 23.77
C ILE A 218 -2.78 -27.18 23.12
N LEU A 219 -1.68 -26.53 23.43
CA LEU A 219 -1.35 -25.24 22.90
C LEU A 219 -0.36 -25.40 21.73
N LEU A 220 -0.76 -24.96 20.54
CA LEU A 220 0.08 -25.07 19.36
C LEU A 220 0.93 -23.80 19.30
N ASP A 221 2.17 -23.94 19.71
CA ASP A 221 3.08 -22.84 19.75
C ASP A 221 3.77 -22.59 18.45
N ASN A 222 3.42 -21.46 17.84
CA ASN A 222 3.97 -21.02 16.59
C ASN A 222 3.89 -22.02 15.47
N PHE A 223 2.68 -22.49 15.15
CA PHE A 223 2.44 -23.43 14.07
C PHE A 223 1.99 -22.64 12.84
N ALA A 224 2.40 -23.13 11.69
CA ALA A 224 2.00 -22.52 10.43
C ALA A 224 0.56 -22.93 10.27
N VAL A 225 -0.13 -22.30 9.34
CA VAL A 225 -1.55 -22.63 9.18
C VAL A 225 -1.67 -24.05 8.77
N TRP A 226 -0.78 -24.51 7.90
CA TRP A 226 -0.86 -25.89 7.45
C TRP A 226 -0.64 -26.91 8.54
N GLN A 227 0.23 -26.61 9.51
CA GLN A 227 0.46 -27.52 10.62
C GLN A 227 -0.65 -27.48 11.61
N THR A 228 -1.39 -26.36 11.62
CA THR A 228 -2.54 -26.24 12.53
C THR A 228 -3.69 -27.07 11.98
N GLN A 229 -3.85 -27.06 10.66
CA GLN A 229 -4.89 -27.86 10.04
C GLN A 229 -4.62 -29.33 10.38
N THR A 230 -3.36 -29.76 10.17
CA THR A 230 -2.93 -31.12 10.42
C THR A 230 -3.22 -31.47 11.86
N ALA A 231 -2.79 -30.61 12.77
CA ALA A 231 -3.02 -30.83 14.18
C ALA A 231 -4.53 -31.04 14.44
N VAL A 232 -5.40 -30.31 13.76
CA VAL A 232 -6.83 -30.48 13.96
C VAL A 232 -7.26 -31.83 13.41
N GLN A 233 -6.75 -32.20 12.24
CA GLN A 233 -7.09 -33.48 11.63
C GLN A 233 -6.72 -34.63 12.59
N ARG A 234 -5.51 -34.63 13.11
CA ARG A 234 -5.12 -35.66 14.07
C ARG A 234 -5.96 -35.66 15.38
N ARG A 235 -6.19 -34.51 15.99
CA ARG A 235 -6.96 -34.48 17.21
C ARG A 235 -8.34 -35.02 16.93
N ASP A 236 -8.94 -34.59 15.85
CA ASP A 236 -10.29 -35.00 15.48
C ASP A 236 -10.44 -36.49 15.36
N SER A 237 -9.39 -37.15 14.91
CA SER A 237 -9.42 -38.58 14.74
C SER A 237 -8.91 -39.39 15.91
N ARG A 238 -7.91 -38.89 16.60
CA ARG A 238 -7.34 -39.63 17.70
C ARG A 238 -7.80 -39.27 19.11
N ALA A 239 -8.15 -38.01 19.35
CA ALA A 239 -8.56 -37.60 20.69
C ALA A 239 -9.50 -36.42 20.60
N PRO A 240 -10.71 -36.68 20.12
CA PRO A 240 -11.81 -35.74 19.90
C PRO A 240 -12.12 -34.78 21.07
N THR A 241 -11.87 -35.26 22.27
CA THR A 241 -12.15 -34.53 23.47
C THR A 241 -11.16 -33.46 23.79
N VAL A 242 -9.95 -33.57 23.23
CA VAL A 242 -8.88 -32.59 23.45
C VAL A 242 -9.13 -31.25 22.70
N MET A 243 -9.04 -30.16 23.43
CA MET A 243 -9.24 -28.85 22.87
C MET A 243 -7.87 -28.44 22.34
N LEU A 244 -7.86 -27.53 21.38
CA LEU A 244 -6.63 -27.05 20.78
C LEU A 244 -6.68 -25.50 20.78
N GLU A 245 -5.55 -24.85 21.02
CA GLU A 245 -5.46 -23.38 21.05
C GLU A 245 -4.21 -22.90 20.35
N SER A 246 -4.38 -22.07 19.32
CA SER A 246 -3.24 -21.54 18.58
C SER A 246 -2.57 -20.43 19.36
N SER A 247 -1.26 -20.44 19.49
CA SER A 247 -0.57 -19.40 20.23
C SER A 247 0.76 -19.08 19.56
N GLY A 248 1.12 -17.81 19.45
CA GLY A 248 2.39 -17.48 18.82
C GLY A 248 2.41 -16.61 17.59
N GLY A 249 2.36 -17.20 16.41
CA GLY A 249 2.45 -16.39 15.19
C GLY A 249 1.16 -15.82 14.66
N LEU A 250 0.36 -15.27 15.57
CA LEU A 250 -0.94 -14.73 15.21
C LEU A 250 -0.91 -13.23 14.95
N SER A 251 -1.58 -12.84 13.88
CA SER A 251 -1.71 -11.44 13.53
C SER A 251 -3.19 -11.33 13.16
N LEU A 252 -3.75 -10.14 13.29
CA LEU A 252 -5.15 -9.95 12.95
C LEU A 252 -5.44 -10.30 11.47
N GLN A 253 -4.41 -10.22 10.64
CA GLN A 253 -4.55 -10.54 9.21
C GLN A 253 -4.67 -12.03 8.98
N THR A 254 -3.99 -12.82 9.79
CA THR A 254 -4.02 -14.27 9.69
C THR A 254 -5.08 -14.94 10.56
N ALA A 255 -5.71 -14.18 11.46
CA ALA A 255 -6.66 -14.75 12.38
C ALA A 255 -7.73 -15.66 11.82
N ALA A 256 -8.36 -15.25 10.74
CA ALA A 256 -9.45 -16.02 10.17
C ALA A 256 -8.96 -17.29 9.53
N THR A 257 -7.79 -17.19 8.93
CA THR A 257 -7.16 -18.33 8.30
C THR A 257 -6.88 -19.37 9.38
N TYR A 258 -6.28 -18.96 10.48
CA TYR A 258 -6.04 -19.92 11.53
C TYR A 258 -7.38 -20.47 12.01
N ALA A 259 -8.35 -19.59 12.19
CA ALA A 259 -9.66 -20.01 12.68
C ALA A 259 -10.34 -21.04 11.80
N GLU A 260 -10.21 -20.90 10.49
CA GLU A 260 -10.85 -21.84 9.63
C GLU A 260 -10.30 -23.25 9.66
N THR A 261 -9.18 -23.44 10.35
CA THR A 261 -8.57 -24.77 10.47
C THR A 261 -9.39 -25.59 11.41
N GLY A 262 -10.24 -24.93 12.20
CA GLY A 262 -11.06 -25.63 13.17
C GLY A 262 -10.56 -25.59 14.61
N VAL A 263 -9.45 -24.91 14.88
CA VAL A 263 -8.95 -24.79 16.25
C VAL A 263 -10.06 -24.21 17.10
N ASP A 264 -10.03 -24.59 18.38
CA ASP A 264 -11.02 -24.14 19.33
C ASP A 264 -10.81 -22.74 19.86
N TYR A 265 -9.57 -22.29 19.94
CA TYR A 265 -9.33 -20.98 20.47
C TYR A 265 -8.13 -20.35 19.83
N LEU A 266 -8.00 -19.03 19.98
CA LEU A 266 -6.87 -18.28 19.52
C LEU A 266 -6.45 -17.55 20.77
N ALA A 267 -5.20 -17.74 21.19
CA ALA A 267 -4.63 -17.07 22.37
C ALA A 267 -3.89 -15.82 21.88
N VAL A 268 -4.43 -14.66 22.19
CA VAL A 268 -3.83 -13.43 21.72
C VAL A 268 -3.17 -12.64 22.81
N GLY A 269 -1.86 -12.63 22.81
CA GLY A 269 -1.18 -11.87 23.83
C GLY A 269 -1.29 -10.36 23.64
N ALA A 270 -1.39 -9.92 22.39
CA ALA A 270 -1.47 -8.47 22.06
C ALA A 270 -2.65 -7.74 22.62
N LEU A 271 -3.71 -8.46 22.98
CA LEU A 271 -4.90 -7.82 23.53
C LEU A 271 -4.59 -7.08 24.83
N THR A 272 -3.56 -7.53 25.55
CA THR A 272 -3.19 -6.96 26.85
C THR A 272 -1.79 -6.36 26.94
N HIS A 273 -0.83 -6.90 26.21
CA HIS A 273 0.49 -6.24 26.16
C HIS A 273 0.28 -5.47 24.87
N SER A 274 1.09 -4.52 24.50
CA SER A 274 0.74 -3.90 23.22
C SER A 274 -0.67 -3.34 23.04
N VAL A 275 -1.21 -2.50 23.93
CA VAL A 275 -2.57 -1.93 23.69
C VAL A 275 -2.50 -0.44 23.27
N ARG A 276 -3.38 -0.06 22.33
CA ARG A 276 -3.46 1.30 21.82
C ARG A 276 -4.67 1.94 22.44
N VAL A 277 -4.45 3.04 23.12
CA VAL A 277 -5.53 3.72 23.83
C VAL A 277 -6.74 4.17 22.99
N LEU A 278 -7.95 4.04 23.54
CA LEU A 278 -9.10 4.53 22.82
C LEU A 278 -9.15 5.99 23.31
N ASP A 279 -8.97 6.94 22.41
CA ASP A 279 -8.95 8.35 22.76
C ASP A 279 -10.29 8.88 23.21
N ILE A 280 -10.30 9.44 24.41
CA ILE A 280 -11.50 9.92 25.05
C ILE A 280 -11.17 11.16 25.83
N GLY A 281 -12.08 12.12 25.82
CA GLY A 281 -11.84 13.36 26.52
C GLY A 281 -13.00 13.68 27.41
N LEU A 282 -12.76 14.51 28.42
CA LEU A 282 -13.81 14.94 29.34
C LEU A 282 -14.15 16.33 28.86
N ASP A 283 -15.35 16.50 28.30
CA ASP A 283 -15.80 17.79 27.81
C ASP A 283 -16.75 18.49 28.76
N MET A 284 -16.34 19.66 29.22
CA MET A 284 -17.11 20.51 30.14
C MET A 284 -17.59 21.79 29.46
N GLY B 1 19.52 4.45 35.44
CA GLY B 1 19.66 4.43 36.93
C GLY B 1 18.32 4.74 37.58
N LEU B 2 17.80 3.78 38.35
CA LEU B 2 16.55 3.97 39.04
C LEU B 2 16.80 4.84 40.26
N SER B 3 16.00 5.87 40.44
CA SER B 3 16.15 6.75 41.59
C SER B 3 15.42 6.00 42.71
N ASP B 4 15.70 6.34 43.96
CA ASP B 4 15.04 5.67 45.07
C ASP B 4 13.54 5.71 44.90
N TRP B 5 13.08 6.73 44.20
CA TRP B 5 11.69 6.89 43.96
C TRP B 5 11.29 5.84 42.94
N GLU B 6 12.03 5.75 41.85
CA GLU B 6 11.74 4.75 40.83
C GLU B 6 11.89 3.35 41.37
N LEU B 7 12.96 3.14 42.12
CA LEU B 7 13.26 1.84 42.70
C LEU B 7 12.11 1.39 43.58
N ALA B 8 11.43 2.33 44.23
CA ALA B 8 10.30 1.99 45.09
C ALA B 8 9.07 1.60 44.27
N ALA B 9 8.87 2.35 43.20
CA ALA B 9 7.77 2.14 42.27
C ALA B 9 7.94 0.76 41.65
N ALA B 10 9.16 0.46 41.19
CA ALA B 10 9.53 -0.84 40.62
C ALA B 10 9.14 -1.97 41.60
N ARG B 11 9.69 -1.94 42.81
CA ARG B 11 9.37 -2.96 43.80
C ARG B 11 7.87 -3.11 43.97
N ALA B 12 7.17 -1.99 44.12
CA ALA B 12 5.73 -2.08 44.30
C ALA B 12 5.09 -2.76 43.09
N ALA B 13 5.57 -2.41 41.90
CA ALA B 13 5.05 -2.99 40.68
C ALA B 13 5.35 -4.46 40.66
N ILE B 14 6.62 -4.85 40.90
CA ILE B 14 6.98 -6.27 40.83
C ILE B 14 6.19 -7.06 41.89
N ALA B 15 5.95 -6.44 43.03
CA ALA B 15 5.21 -7.13 44.07
C ALA B 15 3.77 -7.37 43.60
N ARG B 16 3.12 -6.35 43.01
CA ARG B 16 1.74 -6.49 42.52
C ARG B 16 1.67 -7.57 41.46
N GLY B 17 2.70 -7.61 40.62
CA GLY B 17 2.75 -8.61 39.57
C GLY B 17 2.83 -10.03 40.11
N LEU B 18 3.78 -10.28 41.02
CA LEU B 18 3.93 -11.61 41.60
C LEU B 18 2.71 -12.00 42.34
N ASP B 19 2.05 -11.03 42.98
CA ASP B 19 0.85 -11.34 43.73
C ASP B 19 -0.28 -11.76 42.80
N GLU B 20 -0.33 -11.24 41.58
CA GLU B 20 -1.41 -11.64 40.68
C GLU B 20 -1.22 -13.09 40.24
N ASP B 21 0.05 -13.46 40.06
CA ASP B 21 0.45 -14.80 39.64
C ASP B 21 0.32 -15.88 40.71
N LEU B 22 0.72 -15.56 41.92
CA LEU B 22 0.66 -16.49 43.03
C LEU B 22 -0.64 -16.53 43.80
N ARG B 23 -1.49 -15.55 43.61
CA ARG B 23 -2.79 -15.52 44.30
C ARG B 23 -3.57 -16.86 44.25
N TYR B 24 -3.43 -17.63 43.16
CA TYR B 24 -4.20 -18.87 43.01
C TYR B 24 -3.44 -20.10 43.39
N GLY B 25 -2.27 -19.92 43.97
CA GLY B 25 -1.46 -21.06 44.35
C GLY B 25 -0.12 -21.05 43.64
N PRO B 26 0.81 -21.91 44.08
CA PRO B 26 2.13 -22.01 43.49
C PRO B 26 2.12 -22.68 42.14
N ASP B 27 3.24 -22.61 41.46
CA ASP B 27 3.37 -23.23 40.16
C ASP B 27 3.45 -24.73 40.38
N VAL B 28 2.28 -25.34 40.50
CA VAL B 28 2.16 -26.76 40.74
C VAL B 28 2.93 -27.60 39.78
N THR B 29 3.02 -27.13 38.54
CA THR B 29 3.71 -27.90 37.52
C THR B 29 5.25 -27.89 37.57
N THR B 30 5.87 -26.77 37.97
CA THR B 30 7.33 -26.77 38.08
C THR B 30 7.60 -27.65 39.28
N LEU B 31 6.88 -27.41 40.38
CA LEU B 31 6.98 -28.20 41.61
C LEU B 31 6.99 -29.69 41.30
N ALA B 32 6.01 -30.13 40.50
CA ALA B 32 5.89 -31.51 40.10
C ALA B 32 6.99 -32.01 39.17
N THR B 33 7.55 -31.18 38.32
CA THR B 33 8.57 -31.66 37.38
C THR B 33 10.04 -31.31 37.65
N VAL B 34 10.28 -30.22 38.38
CA VAL B 34 11.63 -29.76 38.66
C VAL B 34 12.00 -29.66 40.14
N PRO B 35 13.08 -30.34 40.54
CA PRO B 35 13.59 -30.38 41.90
C PRO B 35 14.07 -29.05 42.46
N ALA B 36 13.90 -28.89 43.76
CA ALA B 36 14.33 -27.67 44.42
C ALA B 36 15.83 -27.40 44.29
N SER B 37 16.63 -28.44 44.09
CA SER B 37 18.07 -28.23 43.97
C SER B 37 18.54 -27.88 42.56
N ALA B 38 17.62 -27.88 41.59
CA ALA B 38 17.96 -27.56 40.20
C ALA B 38 18.42 -26.14 39.99
N THR B 39 19.39 -26.02 39.12
CA THR B 39 19.98 -24.75 38.79
C THR B 39 20.19 -24.66 37.29
N THR B 40 19.91 -23.51 36.68
CA THR B 40 20.13 -23.34 35.24
C THR B 40 20.79 -22.06 34.89
N THR B 41 21.11 -21.95 33.63
CA THR B 41 21.66 -20.75 33.10
C THR B 41 20.57 -20.41 32.11
N ALA B 42 20.04 -19.22 32.24
CA ALA B 42 18.98 -18.80 31.35
C ALA B 42 19.38 -17.45 30.77
N SER B 43 18.75 -17.09 29.66
CA SER B 43 19.05 -15.82 29.03
C SER B 43 17.79 -15.11 28.60
N LEU B 44 17.73 -13.80 28.81
CA LEU B 44 16.59 -13.03 28.31
C LEU B 44 17.10 -12.68 26.91
N VAL B 45 16.44 -13.17 25.88
CA VAL B 45 16.90 -12.85 24.55
C VAL B 45 15.77 -12.21 23.76
N THR B 46 16.11 -11.13 23.03
CA THR B 46 15.12 -10.42 22.24
C THR B 46 14.73 -11.18 21.03
N ARG B 47 13.44 -11.17 20.76
CA ARG B 47 12.94 -11.81 19.57
C ARG B 47 12.88 -10.76 18.45
N GLU B 48 13.18 -9.50 18.79
CA GLU B 48 13.15 -8.41 17.84
C GLU B 48 14.13 -7.32 18.23
N ALA B 49 14.34 -6.35 17.34
CA ALA B 49 15.30 -5.28 17.63
C ALA B 49 14.65 -4.15 18.35
N GLY B 50 15.44 -3.44 19.14
CA GLY B 50 14.88 -2.31 19.87
C GLY B 50 15.88 -1.76 20.85
N VAL B 51 15.38 -0.94 21.78
CA VAL B 51 16.21 -0.35 22.83
C VAL B 51 15.74 -1.01 24.12
N VAL B 52 16.69 -1.60 24.83
CA VAL B 52 16.37 -2.32 26.04
C VAL B 52 16.22 -1.39 27.21
N ALA B 53 15.27 -1.69 28.10
CA ALA B 53 15.11 -0.90 29.30
C ALA B 53 14.39 -1.72 30.33
N GLY B 54 14.79 -1.54 31.58
CA GLY B 54 14.16 -2.24 32.67
C GLY B 54 14.90 -3.47 33.11
N LEU B 55 16.20 -3.52 32.82
CA LEU B 55 17.00 -4.68 33.18
C LEU B 55 17.18 -4.77 34.67
N ASP B 56 17.27 -3.62 35.33
CA ASP B 56 17.41 -3.60 36.79
C ASP B 56 16.13 -4.10 37.38
N VAL B 57 15.02 -3.88 36.69
CA VAL B 57 13.72 -4.32 37.18
C VAL B 57 13.63 -5.84 37.14
N ALA B 58 14.36 -6.43 36.21
CA ALA B 58 14.41 -7.88 36.09
C ALA B 58 15.16 -8.40 37.32
N LEU B 59 16.30 -7.80 37.61
CA LEU B 59 17.09 -8.20 38.76
C LEU B 59 16.29 -8.09 40.05
N LEU B 60 15.53 -7.00 40.20
CA LEU B 60 14.72 -6.79 41.42
C LEU B 60 13.65 -7.83 41.57
N THR B 61 13.16 -8.37 40.47
CA THR B 61 12.15 -9.43 40.53
C THR B 61 12.76 -10.75 41.07
N LEU B 62 14.03 -10.99 40.71
CA LEU B 62 14.75 -12.17 41.15
C LEU B 62 15.05 -12.00 42.62
N ASN B 63 15.45 -10.82 43.06
CA ASN B 63 15.70 -10.57 44.48
C ASN B 63 14.48 -10.96 45.29
N GLU B 64 13.33 -10.56 44.79
CA GLU B 64 12.09 -10.83 45.46
C GLU B 64 11.74 -12.31 45.50
N VAL B 65 12.10 -13.04 44.46
CA VAL B 65 11.75 -14.44 44.41
C VAL B 65 12.83 -15.40 44.91
N LEU B 66 14.08 -15.10 44.61
CA LEU B 66 15.22 -15.93 45.01
C LEU B 66 16.06 -15.40 46.15
N GLY B 67 15.96 -14.12 46.44
CA GLY B 67 16.74 -13.50 47.49
C GLY B 67 17.92 -12.92 46.75
N THR B 68 18.35 -11.75 47.19
CA THR B 68 19.47 -11.03 46.58
C THR B 68 20.63 -11.85 46.02
N ASN B 69 21.02 -12.89 46.75
CA ASN B 69 22.14 -13.71 46.31
C ASN B 69 21.68 -15.08 45.86
N GLY B 70 20.45 -15.16 45.37
CA GLY B 70 19.94 -16.45 44.96
C GLY B 70 20.23 -16.77 43.52
N TYR B 71 20.91 -15.86 42.84
CA TYR B 71 21.22 -16.02 41.45
C TYR B 71 22.51 -15.33 41.20
N ARG B 72 23.08 -15.59 40.04
CA ARG B 72 24.34 -15.00 39.63
C ARG B 72 24.15 -14.45 38.22
N VAL B 73 24.61 -13.22 38.00
CA VAL B 73 24.55 -12.63 36.66
C VAL B 73 25.90 -12.87 35.99
N LEU B 74 25.90 -13.71 34.96
CA LEU B 74 27.10 -14.01 34.23
C LEU B 74 27.36 -12.90 33.26
N ASP B 75 26.31 -12.25 32.80
CA ASP B 75 26.49 -11.17 31.84
C ASP B 75 25.21 -10.40 31.60
N ARG B 76 25.36 -9.14 31.25
CA ARG B 76 24.20 -8.33 30.95
C ARG B 76 24.58 -7.16 30.09
N VAL B 77 23.55 -6.62 29.44
CA VAL B 77 23.64 -5.46 28.57
C VAL B 77 23.16 -4.26 29.41
N GLU B 78 23.58 -3.06 29.05
CA GLU B 78 23.15 -1.88 29.78
C GLU B 78 21.83 -1.38 29.26
N ASP B 79 21.05 -0.78 30.13
CA ASP B 79 19.77 -0.23 29.72
C ASP B 79 20.06 0.87 28.68
N GLY B 80 19.30 0.90 27.59
CA GLY B 80 19.50 1.93 26.60
C GLY B 80 20.29 1.45 25.38
N ALA B 81 20.61 0.18 25.37
CA ALA B 81 21.35 -0.41 24.27
C ALA B 81 20.41 -0.70 23.12
N ARG B 82 20.83 -0.33 21.92
CA ARG B 82 20.05 -0.61 20.72
C ARG B 82 20.45 -2.06 20.54
N VAL B 83 19.49 -2.92 20.34
CA VAL B 83 19.77 -4.32 20.28
C VAL B 83 19.14 -5.00 19.09
N PRO B 84 19.92 -5.88 18.43
CA PRO B 84 19.44 -6.64 17.28
C PRO B 84 18.66 -7.83 17.77
N PRO B 85 17.87 -8.46 16.92
CA PRO B 85 17.06 -9.62 17.23
C PRO B 85 17.53 -10.66 18.26
N GLY B 86 18.29 -11.68 17.87
CA GLY B 86 18.64 -12.70 18.86
C GLY B 86 19.56 -12.38 20.01
N GLU B 87 19.72 -11.11 20.33
CA GLU B 87 20.57 -10.62 21.40
C GLU B 87 20.24 -11.13 22.79
N ALA B 88 21.28 -11.48 23.53
CA ALA B 88 21.12 -11.93 24.91
C ALA B 88 21.32 -10.67 25.76
N LEU B 89 20.25 -10.16 26.35
CA LEU B 89 20.31 -8.95 27.18
C LEU B 89 20.97 -9.21 28.53
N MET B 90 20.75 -10.39 29.10
CA MET B 90 21.30 -10.74 30.40
C MET B 90 21.31 -12.25 30.55
N THR B 91 22.41 -12.79 31.05
CA THR B 91 22.55 -14.22 31.24
C THR B 91 22.79 -14.43 32.72
N LEU B 92 21.97 -15.31 33.31
CA LEU B 92 22.06 -15.64 34.72
C LEU B 92 21.98 -17.11 35.07
N GLU B 93 22.50 -17.46 36.24
CA GLU B 93 22.42 -18.80 36.73
C GLU B 93 21.55 -18.68 37.97
N ALA B 94 20.47 -19.44 38.03
CA ALA B 94 19.60 -19.32 39.16
C ALA B 94 18.87 -20.61 39.40
N GLN B 95 18.38 -20.74 40.62
CA GLN B 95 17.65 -21.93 40.95
C GLN B 95 16.52 -21.97 39.94
N THR B 96 16.44 -23.06 39.21
CA THR B 96 15.42 -23.21 38.18
C THR B 96 13.99 -22.88 38.56
N ARG B 97 13.54 -23.33 39.72
CA ARG B 97 12.16 -23.08 40.16
C ARG B 97 11.88 -21.60 40.31
N GLY B 98 12.87 -20.88 40.80
CA GLY B 98 12.71 -19.47 41.02
C GLY B 98 12.58 -18.77 39.70
N LEU B 99 13.45 -19.09 38.75
CA LEU B 99 13.37 -18.48 37.44
C LEU B 99 11.98 -18.68 36.86
N LEU B 100 11.52 -19.92 36.84
CA LEU B 100 10.21 -20.21 36.28
C LEU B 100 9.06 -19.46 36.94
N THR B 101 9.22 -19.05 38.20
CA THR B 101 8.12 -18.35 38.87
C THR B 101 8.18 -16.88 38.59
N ALA B 102 9.40 -16.35 38.53
CA ALA B 102 9.65 -14.95 38.24
C ALA B 102 9.44 -14.60 36.73
N GLU B 103 9.70 -15.56 35.84
CA GLU B 103 9.59 -15.39 34.39
C GLU B 103 8.56 -14.43 33.80
N ARG B 104 7.29 -14.77 33.95
CA ARG B 104 6.22 -14.00 33.39
C ARG B 104 6.14 -12.53 33.87
N THR B 105 6.27 -12.27 35.16
CA THR B 105 6.24 -10.91 35.70
C THR B 105 7.43 -10.11 35.19
N MET B 106 8.60 -10.74 35.25
CA MET B 106 9.84 -10.12 34.82
C MET B 106 9.78 -9.78 33.32
N LEU B 107 9.29 -10.70 32.48
CA LEU B 107 9.21 -10.47 31.03
C LEU B 107 8.13 -9.44 30.70
N ASN B 108 7.03 -9.48 31.45
CA ASN B 108 5.98 -8.50 31.26
C ASN B 108 6.51 -7.09 31.51
N LEU B 109 7.24 -6.91 32.60
CA LEU B 109 7.80 -5.61 32.94
C LEU B 109 8.82 -5.09 31.92
N VAL B 110 9.91 -5.83 31.73
CA VAL B 110 10.93 -5.39 30.78
C VAL B 110 10.44 -5.31 29.30
N GLY B 111 9.51 -6.17 28.92
CA GLY B 111 9.01 -6.12 27.57
C GLY B 111 8.29 -4.80 27.40
N HIS B 112 7.54 -4.42 28.41
CA HIS B 112 6.80 -3.18 28.38
C HIS B 112 7.78 -2.03 28.37
N LEU B 113 8.69 -1.97 29.35
CA LEU B 113 9.60 -0.84 29.38
C LEU B 113 10.47 -0.68 28.12
N SER B 114 10.92 -1.79 27.54
CA SER B 114 11.76 -1.75 26.36
C SER B 114 10.89 -1.25 25.22
N GLY B 115 9.62 -1.62 25.22
CA GLY B 115 8.72 -1.14 24.18
C GLY B 115 8.66 0.39 24.17
N ILE B 116 8.57 1.01 25.34
CA ILE B 116 8.51 2.46 25.44
C ILE B 116 9.78 3.10 24.99
N ALA B 117 10.91 2.62 25.50
CA ALA B 117 12.20 3.16 25.13
C ALA B 117 12.45 3.04 23.67
N THR B 118 11.99 1.94 23.09
CA THR B 118 12.18 1.70 21.66
C THR B 118 11.38 2.75 20.85
N ALA B 119 10.13 2.92 21.24
CA ALA B 119 9.28 3.89 20.58
C ALA B 119 9.87 5.28 20.74
N THR B 120 10.31 5.66 21.95
CA THR B 120 10.83 7.01 22.10
C THR B 120 12.10 7.26 21.35
N ALA B 121 12.88 6.22 21.12
CA ALA B 121 14.12 6.38 20.37
C ALA B 121 13.77 6.61 18.91
N ALA B 122 12.66 6.05 18.46
CA ALA B 122 12.27 6.25 17.09
C ALA B 122 11.93 7.74 16.92
N TRP B 123 11.13 8.30 17.83
CA TRP B 123 10.72 9.72 17.80
C TRP B 123 11.92 10.61 17.86
N VAL B 124 12.81 10.34 18.82
CA VAL B 124 14.05 11.08 18.95
C VAL B 124 14.87 11.02 17.62
N ASP B 125 14.85 9.90 16.88
CA ASP B 125 15.56 9.82 15.58
C ASP B 125 14.86 10.71 14.56
N ALA B 126 13.54 10.55 14.47
CA ALA B 126 12.72 11.32 13.58
C ALA B 126 13.01 12.82 13.59
N VAL B 127 13.22 13.42 14.74
CA VAL B 127 13.47 14.85 14.76
C VAL B 127 14.93 15.21 14.91
N ARG B 128 15.81 14.28 14.60
CA ARG B 128 17.23 14.56 14.73
C ARG B 128 17.55 15.69 13.75
N GLY B 129 18.50 16.55 14.08
CA GLY B 129 18.86 17.66 13.18
C GLY B 129 17.99 18.90 13.36
N THR B 130 17.08 18.80 14.30
CA THR B 130 16.11 19.82 14.68
C THR B 130 16.47 20.15 16.14
N LYS B 131 15.88 21.18 16.73
CA LYS B 131 16.22 21.50 18.11
C LYS B 131 15.24 20.87 19.10
N ALA B 132 14.14 20.35 18.56
CA ALA B 132 13.07 19.76 19.32
C ALA B 132 13.51 18.57 20.15
N LYS B 133 12.97 18.49 21.35
CA LYS B 133 13.23 17.39 22.25
C LYS B 133 11.89 16.66 22.35
N ILE B 134 11.91 15.32 22.55
CA ILE B 134 10.64 14.57 22.64
C ILE B 134 10.26 14.51 24.10
N ARG B 135 9.00 14.76 24.43
CA ARG B 135 8.62 14.77 25.84
C ARG B 135 7.43 13.95 26.07
N ASP B 136 7.31 13.44 27.29
CA ASP B 136 6.18 12.59 27.64
C ASP B 136 5.02 13.39 28.22
N THR B 137 4.00 12.68 28.70
CA THR B 137 2.81 13.29 29.27
C THR B 137 2.40 12.59 30.59
N ARG B 138 1.21 12.89 31.08
CA ARG B 138 0.69 12.29 32.30
C ARG B 138 -0.31 11.23 31.84
N LYS B 139 -0.26 10.89 30.54
CA LYS B 139 -1.15 9.87 30.03
C LYS B 139 -0.41 8.55 30.23
N THR B 140 -0.23 8.19 31.50
CA THR B 140 0.47 6.98 31.94
C THR B 140 -0.50 5.95 32.53
N LEU B 141 -0.04 4.70 32.67
CA LEU B 141 -0.92 3.67 33.26
C LEU B 141 -0.76 3.81 34.75
N PRO B 142 -1.88 3.80 35.46
CA PRO B 142 -1.94 3.93 36.91
C PRO B 142 -1.09 2.89 37.61
N GLY B 143 -0.11 3.37 38.36
CA GLY B 143 0.78 2.51 39.12
C GLY B 143 2.10 2.36 38.43
N LEU B 144 2.20 2.79 37.16
CA LEU B 144 3.44 2.60 36.41
C LEU B 144 4.11 3.88 36.01
N ARG B 145 3.49 4.99 36.32
CA ARG B 145 4.10 6.26 35.95
C ARG B 145 5.60 6.35 36.12
N ALA B 146 6.12 6.08 37.30
CA ALA B 146 7.56 6.20 37.51
C ALA B 146 8.37 5.31 36.58
N LEU B 147 7.85 4.12 36.30
CA LEU B 147 8.57 3.23 35.43
C LEU B 147 8.49 3.71 33.97
N GLN B 148 7.30 4.04 33.51
CA GLN B 148 7.14 4.54 32.14
C GLN B 148 7.97 5.80 31.92
N LYS B 149 8.00 6.71 32.89
CA LYS B 149 8.80 7.93 32.75
C LYS B 149 10.26 7.52 32.65
N TYR B 150 10.66 6.53 33.43
CA TYR B 150 12.03 6.08 33.38
C TYR B 150 12.41 5.56 31.99
N ALA B 151 11.52 4.78 31.40
CA ALA B 151 11.73 4.21 30.07
C ALA B 151 11.82 5.28 28.97
N VAL B 152 11.00 6.34 29.01
CA VAL B 152 11.14 7.35 27.96
C VAL B 152 12.48 8.07 28.09
N ARG B 153 12.93 8.25 29.31
CA ARG B 153 14.21 8.90 29.54
C ARG B 153 15.31 8.05 28.97
N THR B 154 15.16 6.74 29.15
CA THR B 154 16.13 5.75 28.69
C THR B 154 16.20 5.71 27.17
N GLY B 155 15.09 6.01 26.53
CA GLY B 155 15.05 6.03 25.08
C GLY B 155 15.47 7.39 24.54
N GLY B 156 15.84 8.29 25.43
CA GLY B 156 16.27 9.60 24.96
C GLY B 156 15.29 10.76 25.05
N GLY B 157 14.11 10.52 25.59
CA GLY B 157 13.14 11.59 25.73
C GLY B 157 13.32 12.30 27.04
N VAL B 158 12.55 13.37 27.26
CA VAL B 158 12.70 14.09 28.50
C VAL B 158 11.36 14.11 29.14
N ASN B 159 11.34 13.86 30.45
CA ASN B 159 10.12 13.81 31.27
C ASN B 159 9.47 15.15 31.40
N HIS B 160 8.15 15.16 31.38
CA HIS B 160 7.48 16.42 31.53
C HIS B 160 6.83 16.49 32.90
N ARG B 161 5.52 16.37 32.98
CA ARG B 161 4.93 16.53 34.29
C ARG B 161 4.78 15.24 35.03
N LEU B 162 5.17 15.23 36.30
CA LEU B 162 5.06 14.03 37.13
C LEU B 162 3.69 13.88 37.82
N GLY B 163 2.92 14.96 37.85
CA GLY B 163 1.61 14.95 38.47
C GLY B 163 1.00 16.33 38.45
N LEU B 164 -0.17 16.46 39.06
CA LEU B 164 -0.94 17.69 39.17
C LEU B 164 -0.26 18.92 39.79
N GLY B 165 0.58 18.76 40.80
CA GLY B 165 1.21 19.91 41.43
C GLY B 165 2.57 20.31 40.95
N ASP B 166 3.04 19.69 39.87
CA ASP B 166 4.35 19.93 39.24
C ASP B 166 4.63 21.33 38.78
N ALA B 167 3.65 21.84 38.06
CA ALA B 167 3.70 23.16 37.46
C ALA B 167 2.27 23.60 37.30
N ALA B 168 2.07 24.89 37.07
CA ALA B 168 0.73 25.43 36.88
C ALA B 168 0.43 25.37 35.38
N LEU B 169 -0.62 24.62 35.03
CA LEU B 169 -1.00 24.47 33.62
C LEU B 169 -2.39 25.01 33.44
N ILE B 170 -2.52 26.17 32.80
CA ILE B 170 -3.81 26.79 32.55
C ILE B 170 -4.42 26.18 31.30
N LYS B 171 -5.59 25.61 31.47
CA LYS B 171 -6.31 24.94 30.40
C LYS B 171 -7.55 25.73 30.12
N ASP B 172 -8.34 25.24 29.17
CA ASP B 172 -9.61 25.81 28.75
C ASP B 172 -10.53 26.09 29.93
N ASN B 173 -10.68 25.10 30.81
CA ASN B 173 -11.55 25.24 31.96
C ASN B 173 -11.15 26.41 32.83
N HIS B 174 -9.85 26.60 33.01
CA HIS B 174 -9.35 27.66 33.86
C HIS B 174 -9.56 29.05 33.28
N VAL B 175 -9.28 29.18 31.98
CA VAL B 175 -9.42 30.43 31.26
C VAL B 175 -10.86 30.90 31.46
N ALA B 176 -11.79 29.96 31.33
CA ALA B 176 -13.24 30.20 31.47
C ALA B 176 -13.59 30.77 32.84
N ALA B 177 -13.18 30.05 33.89
CA ALA B 177 -13.46 30.45 35.25
C ALA B 177 -12.84 31.79 35.57
N ALA B 178 -11.67 32.04 35.01
CA ALA B 178 -10.98 33.31 35.23
C ALA B 178 -11.63 34.43 34.41
N GLY B 179 -12.18 34.05 33.27
CA GLY B 179 -12.81 35.00 32.39
C GLY B 179 -12.08 34.90 31.07
N SER B 180 -10.76 34.98 31.15
CA SER B 180 -9.94 34.92 29.98
C SER B 180 -8.62 34.23 30.28
N VAL B 181 -7.88 33.95 29.21
CA VAL B 181 -6.58 33.29 29.30
C VAL B 181 -5.63 34.15 30.13
N VAL B 182 -5.66 35.46 29.94
CA VAL B 182 -4.79 36.34 30.72
C VAL B 182 -5.22 36.40 32.17
N ASP B 183 -6.53 36.26 32.37
CA ASP B 183 -7.10 36.27 33.70
C ASP B 183 -6.54 35.11 34.50
N ALA B 184 -6.73 33.90 33.98
CA ALA B 184 -6.26 32.66 34.60
C ALA B 184 -4.78 32.78 34.89
N LEU B 185 -4.06 33.36 33.94
CA LEU B 185 -2.64 33.51 34.06
C LEU B 185 -2.25 34.39 35.21
N ARG B 186 -2.86 35.55 35.27
CA ARG B 186 -2.51 36.46 36.33
C ARG B 186 -2.84 35.85 37.69
N ALA B 187 -4.04 35.31 37.80
CA ALA B 187 -4.49 34.67 39.04
C ALA B 187 -3.44 33.69 39.56
N VAL B 188 -3.05 32.75 38.70
CA VAL B 188 -2.06 31.73 39.04
C VAL B 188 -0.70 32.36 39.35
N ARG B 189 -0.36 33.41 38.59
CA ARG B 189 0.91 34.09 38.82
C ARG B 189 0.99 34.55 40.27
N ASN B 190 -0.15 34.95 40.82
CA ASN B 190 -0.19 35.43 42.20
C ASN B 190 -0.34 34.33 43.23
N ALA B 191 -1.07 33.28 42.87
CA ALA B 191 -1.29 32.16 43.77
C ALA B 191 -0.05 31.29 43.98
N ALA B 192 0.70 31.01 42.91
CA ALA B 192 1.89 30.17 43.00
C ALA B 192 3.02 30.74 42.18
N PRO B 193 3.61 31.85 42.63
CA PRO B 193 4.73 32.55 41.96
C PRO B 193 5.97 31.70 41.73
N ASP B 194 6.14 30.70 42.59
CA ASP B 194 7.27 29.76 42.58
C ASP B 194 7.12 28.68 41.51
N LEU B 195 5.90 28.52 41.04
CA LEU B 195 5.56 27.49 40.06
C LEU B 195 5.66 27.86 38.57
N PRO B 196 6.17 26.93 37.76
CA PRO B 196 6.31 27.14 36.31
C PRO B 196 4.94 27.19 35.64
N CYS B 197 4.73 28.21 34.81
CA CYS B 197 3.49 28.41 34.08
C CYS B 197 3.53 27.78 32.73
N GLU B 198 2.47 27.07 32.39
CA GLU B 198 2.35 26.42 31.10
C GLU B 198 0.94 26.66 30.74
N VAL B 199 0.72 27.20 29.54
CA VAL B 199 -0.63 27.47 29.10
C VAL B 199 -0.94 26.79 27.76
N GLU B 200 -2.05 26.10 27.76
CA GLU B 200 -2.54 25.38 26.62
C GLU B 200 -3.46 26.22 25.72
N VAL B 201 -3.00 26.49 24.50
CA VAL B 201 -3.79 27.22 23.54
C VAL B 201 -4.27 26.30 22.39
N ASP B 202 -5.47 26.55 21.89
CA ASP B 202 -5.95 25.74 20.78
C ASP B 202 -6.19 26.58 19.51
N SER B 203 -5.80 27.85 19.53
CA SER B 203 -5.97 28.69 18.37
C SER B 203 -4.87 29.70 18.30
N LEU B 204 -4.75 30.36 17.17
CA LEU B 204 -3.72 31.35 17.02
C LEU B 204 -4.08 32.66 17.73
N GLU B 205 -5.36 32.85 18.00
CA GLU B 205 -5.84 34.05 18.67
C GLU B 205 -5.49 33.94 20.14
N GLN B 206 -5.70 32.76 20.73
CA GLN B 206 -5.33 32.58 22.11
C GLN B 206 -3.81 32.72 22.24
N LEU B 207 -3.07 32.23 21.25
CA LEU B 207 -1.63 32.34 21.29
C LEU B 207 -1.23 33.80 21.41
N ASP B 208 -1.79 34.66 20.54
CA ASP B 208 -1.48 36.09 20.54
C ASP B 208 -1.80 36.70 21.90
N ALA B 209 -2.90 36.26 22.49
CA ALA B 209 -3.33 36.78 23.78
C ALA B 209 -2.40 36.48 24.97
N VAL B 210 -1.84 35.29 25.01
CA VAL B 210 -0.96 34.96 26.13
C VAL B 210 0.50 35.29 25.87
N LEU B 211 0.92 35.30 24.61
CA LEU B 211 2.32 35.59 24.30
C LEU B 211 2.95 36.70 25.09
N PRO B 212 2.27 37.86 25.22
CA PRO B 212 2.84 38.97 26.00
C PRO B 212 2.93 38.69 27.50
N GLU B 213 2.04 37.84 28.02
CA GLU B 213 2.11 37.50 29.44
C GLU B 213 3.37 36.70 29.75
N LYS B 214 4.06 36.26 28.70
CA LYS B 214 5.29 35.48 28.80
C LYS B 214 5.30 34.29 29.72
N PRO B 215 4.39 33.35 29.50
CA PRO B 215 4.37 32.16 30.35
C PRO B 215 5.63 31.38 30.02
N GLU B 216 5.98 30.42 30.86
CA GLU B 216 7.17 29.58 30.63
C GLU B 216 7.09 28.71 29.37
N LEU B 217 5.90 28.15 29.13
CA LEU B 217 5.65 27.21 28.05
C LEU B 217 4.22 27.32 27.52
N ILE B 218 4.05 27.26 26.21
CA ILE B 218 2.74 27.30 25.61
C ILE B 218 2.61 25.97 24.88
N LEU B 219 1.48 25.33 25.05
CA LEU B 219 1.23 24.06 24.42
C LEU B 219 0.32 24.36 23.26
N LEU B 220 0.71 23.96 22.05
CA LEU B 220 -0.11 24.18 20.86
C LEU B 220 -0.95 22.94 20.69
N ASP B 221 -2.17 23.04 21.15
CA ASP B 221 -3.07 21.91 21.07
C ASP B 221 -3.76 21.68 19.71
N ASN B 222 -3.29 20.66 19.00
CA ASN B 222 -3.86 20.32 17.70
C ASN B 222 -3.73 21.41 16.63
N PHE B 223 -2.52 21.91 16.40
CA PHE B 223 -2.29 22.91 15.37
C PHE B 223 -1.82 22.19 14.09
N ALA B 224 -2.17 22.72 12.92
CA ALA B 224 -1.71 22.18 11.65
C ALA B 224 -0.25 22.58 11.58
N VAL B 225 0.52 22.02 10.65
CA VAL B 225 1.92 22.38 10.59
C VAL B 225 2.01 23.85 10.28
N TRP B 226 1.15 24.32 9.37
CA TRP B 226 1.21 25.74 8.97
C TRP B 226 0.94 26.69 10.14
N GLN B 227 -0.01 26.36 11.00
CA GLN B 227 -0.29 27.19 12.17
C GLN B 227 0.84 27.12 13.17
N THR B 228 1.56 26.00 13.17
CA THR B 228 2.67 25.81 14.09
C THR B 228 3.79 26.70 13.63
N GLN B 229 3.99 26.74 12.31
CA GLN B 229 5.05 27.58 11.74
C GLN B 229 4.78 29.03 12.10
N THR B 230 3.52 29.45 11.97
CA THR B 230 3.11 30.83 12.27
C THR B 230 3.37 31.13 13.71
N ALA B 231 2.97 30.18 14.58
CA ALA B 231 3.15 30.27 16.03
C ALA B 231 4.60 30.54 16.38
N VAL B 232 5.51 29.81 15.74
CA VAL B 232 6.93 29.99 15.98
C VAL B 232 7.39 31.39 15.50
N GLN B 233 6.93 31.80 14.31
CA GLN B 233 7.28 33.11 13.78
C GLN B 233 6.83 34.16 14.76
N ARG B 234 5.60 34.04 15.23
CA ARG B 234 5.12 34.98 16.18
C ARG B 234 5.94 34.98 17.49
N ARG B 235 6.10 33.85 18.14
CA ARG B 235 6.87 33.75 19.39
C ARG B 235 8.28 34.34 19.21
N ASP B 236 8.98 33.94 18.15
CA ASP B 236 10.32 34.45 17.94
C ASP B 236 10.43 35.96 17.92
N SER B 237 9.42 36.63 17.40
CA SER B 237 9.45 38.08 17.33
C SER B 237 8.92 38.77 18.56
N ARG B 238 7.84 38.23 19.12
CA ARG B 238 7.19 38.84 20.28
C ARG B 238 7.58 38.42 21.70
N ALA B 239 7.94 37.16 21.87
CA ALA B 239 8.24 36.65 23.18
C ALA B 239 9.25 35.53 23.05
N PRO B 240 10.48 35.86 22.67
CA PRO B 240 11.61 34.94 22.48
C PRO B 240 11.85 33.91 23.59
N THR B 241 11.50 34.28 24.82
CA THR B 241 11.71 33.44 25.99
C THR B 241 10.67 32.35 26.20
N VAL B 242 9.54 32.45 25.51
CA VAL B 242 8.48 31.47 25.63
C VAL B 242 8.83 30.20 24.85
N MET B 243 8.63 29.05 25.48
CA MET B 243 8.93 27.77 24.87
C MET B 243 7.65 27.34 24.26
N LEU B 244 7.76 26.60 23.17
CA LEU B 244 6.59 26.14 22.43
C LEU B 244 6.64 24.62 22.32
N GLU B 245 5.54 23.94 22.67
CA GLU B 245 5.48 22.49 22.63
C GLU B 245 4.26 22.01 21.83
N SER B 246 4.47 21.28 20.74
CA SER B 246 3.35 20.76 19.95
C SER B 246 2.71 19.60 20.70
N SER B 247 1.40 19.54 20.72
CA SER B 247 0.68 18.52 21.41
C SER B 247 -0.58 18.23 20.65
N GLY B 248 -0.84 16.96 20.38
CA GLY B 248 -2.06 16.64 19.66
C GLY B 248 -2.01 15.81 18.41
N GLY B 249 -1.99 16.50 17.25
CA GLY B 249 -2.02 15.78 15.98
C GLY B 249 -0.71 15.20 15.49
N LEU B 250 0.01 14.57 16.42
CA LEU B 250 1.32 14.03 16.14
C LEU B 250 1.36 12.55 15.81
N SER B 251 2.10 12.22 14.77
CA SER B 251 2.33 10.86 14.35
C SER B 251 3.82 10.81 14.11
N LEU B 252 4.35 9.61 14.11
CA LEU B 252 5.76 9.45 13.86
C LEU B 252 6.07 9.87 12.42
N GLN B 253 5.08 9.78 11.54
CA GLN B 253 5.29 10.16 10.15
C GLN B 253 5.45 11.67 10.01
N THR B 254 4.68 12.43 10.80
CA THR B 254 4.71 13.89 10.75
C THR B 254 5.68 14.54 11.70
N ALA B 255 6.14 13.77 12.66
CA ALA B 255 7.05 14.31 13.63
C ALA B 255 8.12 15.25 13.10
N ALA B 256 8.79 14.90 12.00
CA ALA B 256 9.88 15.77 11.50
C ALA B 256 9.35 17.07 10.93
N THR B 257 8.17 16.97 10.33
CA THR B 257 7.50 18.10 9.76
C THR B 257 7.27 19.07 10.88
N TYR B 258 6.58 18.64 11.93
CA TYR B 258 6.37 19.52 13.04
C TYR B 258 7.69 20.04 13.59
N ALA B 259 8.69 19.17 13.69
CA ALA B 259 9.97 19.57 14.26
C ALA B 259 10.68 20.67 13.51
N GLU B 260 10.57 20.63 12.19
CA GLU B 260 11.22 21.64 11.37
C GLU B 260 10.65 23.06 11.45
N THR B 261 9.45 23.20 12.06
CA THR B 261 8.83 24.51 12.22
C THR B 261 9.57 25.33 13.25
N GLY B 262 10.39 24.65 14.05
CA GLY B 262 11.18 25.30 15.10
C GLY B 262 10.61 25.19 16.53
N VAL B 263 9.57 24.36 16.76
CA VAL B 263 8.98 24.19 18.09
C VAL B 263 10.04 23.59 18.97
N ASP B 264 9.95 23.84 20.27
CA ASP B 264 10.96 23.36 21.20
C ASP B 264 10.82 21.95 21.66
N TYR B 265 9.57 21.51 21.70
CA TYR B 265 9.28 20.19 22.15
C TYR B 265 8.09 19.61 21.42
N LEU B 266 7.98 18.29 21.50
CA LEU B 266 6.88 17.54 20.95
C LEU B 266 6.38 16.71 22.14
N ALA B 267 5.11 16.89 22.47
CA ALA B 267 4.45 16.19 23.56
C ALA B 267 3.83 14.95 22.97
N VAL B 268 4.37 13.77 23.31
CA VAL B 268 3.86 12.54 22.74
C VAL B 268 3.13 11.62 23.73
N GLY B 269 1.81 11.67 23.73
CA GLY B 269 1.09 10.80 24.62
C GLY B 269 1.30 9.32 24.33
N ALA B 270 1.44 8.99 23.05
CA ALA B 270 1.58 7.61 22.62
C ALA B 270 2.75 6.84 23.20
N LEU B 271 3.78 7.55 23.64
CA LEU B 271 4.94 6.89 24.25
C LEU B 271 4.53 6.10 25.48
N THR B 272 3.46 6.53 26.17
CA THR B 272 3.06 5.85 27.39
C THR B 272 1.69 5.20 27.36
N HIS B 273 0.74 5.79 26.65
CA HIS B 273 -0.56 5.07 26.50
C HIS B 273 -0.27 4.33 25.21
N SER B 274 -1.10 3.44 24.70
CA SER B 274 -0.65 2.84 23.40
C SER B 274 0.83 2.36 23.23
N VAL B 275 1.38 1.50 24.10
CA VAL B 275 2.76 0.99 23.89
C VAL B 275 2.76 -0.45 23.31
N ARG B 276 3.74 -0.75 22.46
CA ARG B 276 3.88 -2.05 21.83
C ARG B 276 5.06 -2.74 22.48
N VAL B 277 4.79 -3.91 23.06
CA VAL B 277 5.81 -4.61 23.80
C VAL B 277 7.02 -5.02 22.98
N LEU B 278 8.20 -4.98 23.57
CA LEU B 278 9.39 -5.48 22.88
C LEU B 278 9.37 -6.98 23.27
N ASP B 279 9.29 -7.85 22.27
CA ASP B 279 9.20 -9.30 22.49
C ASP B 279 10.48 -9.86 23.00
N ILE B 280 10.41 -10.43 24.19
CA ILE B 280 11.58 -10.99 24.83
C ILE B 280 11.18 -12.34 25.44
N GLY B 281 12.10 -13.29 25.47
CA GLY B 281 11.78 -14.57 26.09
C GLY B 281 12.89 -14.96 27.04
N LEU B 282 12.61 -15.93 27.89
CA LEU B 282 13.61 -16.43 28.84
C LEU B 282 13.97 -17.79 28.28
N ASP B 283 15.21 -17.91 27.83
CA ASP B 283 15.70 -19.15 27.24
C ASP B 283 16.58 -19.94 28.18
N MET B 284 16.16 -21.17 28.46
CA MET B 284 16.88 -22.07 29.34
C MET B 284 17.44 -23.24 28.59
N GLY C 1 -8.43 -36.51 -15.53
CA GLY C 1 -8.12 -37.73 -16.35
C GLY C 1 -7.12 -37.42 -17.45
N LEU C 2 -5.93 -37.96 -17.31
CA LEU C 2 -4.90 -37.73 -18.29
C LEU C 2 -5.20 -38.61 -19.47
N SER C 3 -5.18 -38.03 -20.67
CA SER C 3 -5.40 -38.78 -21.90
C SER C 3 -4.07 -39.48 -22.20
N ASP C 4 -4.07 -40.52 -23.02
CA ASP C 4 -2.84 -41.20 -23.31
C ASP C 4 -1.73 -40.28 -23.85
N TRP C 5 -2.08 -39.26 -24.60
CA TRP C 5 -1.06 -38.36 -25.12
C TRP C 5 -0.40 -37.71 -23.91
N GLU C 6 -1.21 -37.22 -22.99
CA GLU C 6 -0.70 -36.59 -21.79
C GLU C 6 -0.02 -37.59 -20.85
N LEU C 7 -0.53 -38.80 -20.81
CA LEU C 7 0.06 -39.83 -19.96
C LEU C 7 1.45 -40.18 -20.41
N ALA C 8 1.70 -40.07 -21.71
CA ALA C 8 2.99 -40.36 -22.35
C ALA C 8 3.99 -39.24 -22.07
N ALA C 9 3.47 -38.01 -22.11
CA ALA C 9 4.24 -36.84 -21.84
C ALA C 9 4.66 -36.87 -20.37
N ALA C 10 3.74 -37.26 -19.48
CA ALA C 10 3.97 -37.34 -18.04
C ALA C 10 5.09 -38.32 -17.76
N ARG C 11 4.96 -39.54 -18.30
CA ARG C 11 6.00 -40.57 -18.15
C ARG C 11 7.36 -40.11 -18.65
N ALA C 12 7.41 -39.46 -19.80
CA ALA C 12 8.69 -39.01 -20.31
C ALA C 12 9.30 -37.99 -19.36
N ALA C 13 8.45 -37.11 -18.82
CA ALA C 13 8.87 -36.05 -17.88
C ALA C 13 9.34 -36.66 -16.58
N ILE C 14 8.54 -37.54 -15.98
CA ILE C 14 8.95 -38.14 -14.71
C ILE C 14 10.27 -38.91 -14.93
N ALA C 15 10.45 -39.49 -16.10
CA ALA C 15 11.69 -40.20 -16.39
C ALA C 15 12.86 -39.23 -16.41
N ARG C 16 12.71 -38.11 -17.11
CA ARG C 16 13.77 -37.11 -17.17
C ARG C 16 14.06 -36.60 -15.77
N GLY C 17 13.01 -36.50 -14.96
CA GLY C 17 13.20 -36.02 -13.61
C GLY C 17 14.06 -36.95 -12.77
N LEU C 18 13.68 -38.24 -12.80
CA LEU C 18 14.38 -39.25 -12.01
C LEU C 18 15.80 -39.39 -12.48
N ASP C 19 16.02 -39.26 -13.78
CA ASP C 19 17.35 -39.38 -14.26
C ASP C 19 18.20 -38.23 -13.78
N GLU C 20 17.64 -37.03 -13.63
CA GLU C 20 18.48 -35.91 -13.17
C GLU C 20 18.91 -36.15 -11.71
N ASP C 21 18.01 -36.72 -10.93
CA ASP C 21 18.25 -36.98 -9.52
C ASP C 21 19.21 -38.13 -9.26
N LEU C 22 19.08 -39.18 -10.08
CA LEU C 22 19.87 -40.37 -9.92
C LEU C 22 21.15 -40.39 -10.69
N ARG C 23 21.33 -39.39 -11.54
CA ARG C 23 22.52 -39.29 -12.41
C ARG C 23 23.86 -39.37 -11.68
N TYR C 24 23.91 -38.86 -10.45
CA TYR C 24 25.16 -38.84 -9.68
C TYR C 24 25.28 -39.97 -8.69
N GLY C 25 24.29 -40.86 -8.69
CA GLY C 25 24.32 -41.96 -7.76
C GLY C 25 23.04 -42.01 -6.97
N PRO C 26 22.82 -43.10 -6.24
CA PRO C 26 21.62 -43.29 -5.44
C PRO C 26 21.64 -42.43 -4.19
N ASP C 27 20.51 -42.43 -3.50
CA ASP C 27 20.40 -41.66 -2.28
C ASP C 27 21.20 -42.36 -1.17
N VAL C 28 22.51 -42.14 -1.19
CA VAL C 28 23.41 -42.75 -0.22
C VAL C 28 23.00 -42.61 1.23
N THR C 29 22.38 -41.50 1.55
CA THR C 29 21.95 -41.26 2.91
C THR C 29 20.72 -42.02 3.35
N THR C 30 19.75 -42.29 2.47
CA THR C 30 18.59 -43.09 2.90
C THR C 30 19.11 -44.52 3.00
N LEU C 31 19.91 -44.92 2.02
CA LEU C 31 20.47 -46.25 2.01
C LEU C 31 21.13 -46.51 3.32
N ALA C 32 21.92 -45.55 3.76
CA ALA C 32 22.62 -45.68 5.01
C ALA C 32 21.74 -45.70 6.26
N THR C 33 20.68 -44.89 6.30
CA THR C 33 19.82 -44.80 7.49
C THR C 33 18.51 -45.58 7.55
N VAL C 34 17.91 -45.84 6.40
CA VAL C 34 16.64 -46.56 6.38
C VAL C 34 16.74 -47.91 5.68
N PRO C 35 16.26 -48.95 6.36
CA PRO C 35 16.28 -50.32 5.85
C PRO C 35 15.36 -50.55 4.65
N ALA C 36 15.79 -51.49 3.81
CA ALA C 36 15.05 -51.84 2.62
C ALA C 36 13.64 -52.35 2.92
N SER C 37 13.45 -52.99 4.07
CA SER C 37 12.15 -53.53 4.42
C SER C 37 11.18 -52.51 4.98
N ALA C 38 11.66 -51.33 5.31
CA ALA C 38 10.82 -50.31 5.87
C ALA C 38 9.69 -49.92 4.95
N THR C 39 8.56 -49.63 5.58
CA THR C 39 7.33 -49.23 4.94
C THR C 39 6.66 -48.13 5.76
N THR C 40 6.17 -47.08 5.10
CA THR C 40 5.48 -46.00 5.81
C THR C 40 4.18 -45.65 5.16
N THR C 41 3.49 -44.75 5.83
CA THR C 41 2.27 -44.19 5.34
C THR C 41 2.69 -42.78 5.21
N ALA C 42 2.54 -42.20 4.03
CA ALA C 42 2.92 -40.82 3.76
C ALA C 42 1.74 -40.09 3.17
N SER C 43 1.78 -38.77 3.23
CA SER C 43 0.72 -37.96 2.70
C SER C 43 1.29 -36.81 1.96
N LEU C 44 0.67 -36.49 0.82
CA LEU C 44 1.07 -35.33 0.02
C LEU C 44 0.20 -34.27 0.64
N VAL C 45 0.80 -33.34 1.37
CA VAL C 45 -0.03 -32.32 2.00
C VAL C 45 0.36 -30.91 1.58
N THR C 46 -0.65 -30.12 1.24
CA THR C 46 -0.38 -28.75 0.81
C THR C 46 0.07 -27.91 1.95
N ARG C 47 1.04 -27.04 1.67
CA ARG C 47 1.54 -26.12 2.63
C ARG C 47 0.74 -24.82 2.41
N GLU C 48 -0.02 -24.75 1.32
CA GLU C 48 -0.81 -23.57 1.03
C GLU C 48 -2.09 -23.90 0.29
N ALA C 49 -2.97 -22.93 0.14
CA ALA C 49 -4.24 -23.21 -0.52
C ALA C 49 -4.11 -23.04 -2.02
N GLY C 50 -5.01 -23.66 -2.78
CA GLY C 50 -4.95 -23.56 -4.22
C GLY C 50 -5.86 -24.61 -4.84
N VAL C 51 -5.65 -24.90 -6.10
CA VAL C 51 -6.42 -25.91 -6.80
C VAL C 51 -5.40 -26.97 -7.16
N VAL C 52 -5.69 -28.20 -6.76
CA VAL C 52 -4.79 -29.29 -7.02
C VAL C 52 -4.88 -29.83 -8.46
N ALA C 53 -3.73 -30.21 -9.01
CA ALA C 53 -3.72 -30.80 -10.34
C ALA C 53 -2.46 -31.61 -10.53
N GLY C 54 -2.64 -32.78 -11.13
CA GLY C 54 -1.52 -33.67 -11.43
C GLY C 54 -1.24 -34.78 -10.45
N LEU C 55 -2.27 -35.21 -9.72
CA LEU C 55 -2.11 -36.25 -8.70
C LEU C 55 -1.74 -37.58 -9.33
N ASP C 56 -2.25 -37.81 -10.52
CA ASP C 56 -1.98 -39.02 -11.28
C ASP C 56 -0.52 -39.02 -11.61
N VAL C 57 0.08 -37.86 -11.81
CA VAL C 57 1.50 -37.78 -12.10
C VAL C 57 2.36 -38.28 -10.91
N ALA C 58 1.85 -38.11 -9.69
CA ALA C 58 2.54 -38.59 -8.48
C ALA C 58 2.45 -40.15 -8.48
N LEU C 59 1.28 -40.68 -8.81
CA LEU C 59 1.12 -42.11 -8.90
C LEU C 59 2.07 -42.68 -9.97
N LEU C 60 2.12 -42.07 -11.15
CA LEU C 60 3.02 -42.52 -12.24
C LEU C 60 4.48 -42.53 -11.84
N THR C 61 4.87 -41.64 -10.94
CA THR C 61 6.26 -41.57 -10.47
C THR C 61 6.57 -42.77 -9.54
N LEU C 62 5.58 -43.19 -8.75
CA LEU C 62 5.75 -44.33 -7.88
C LEU C 62 5.79 -45.56 -8.72
N ASN C 63 4.92 -45.68 -9.71
CA ASN C 63 4.94 -46.86 -10.62
C ASN C 63 6.35 -47.05 -11.14
N GLU C 64 6.90 -45.96 -11.64
CA GLU C 64 8.24 -45.97 -12.18
C GLU C 64 9.30 -46.40 -11.16
N VAL C 65 9.14 -45.98 -9.89
CA VAL C 65 10.12 -46.32 -8.87
C VAL C 65 9.88 -47.60 -8.04
N LEU C 66 8.62 -47.87 -7.74
CA LEU C 66 8.24 -49.01 -6.95
C LEU C 66 7.56 -50.09 -7.75
N GLY C 67 7.07 -49.79 -8.94
CA GLY C 67 6.38 -50.81 -9.71
C GLY C 67 4.93 -50.59 -9.41
N THR C 68 4.09 -50.75 -10.42
CA THR C 68 2.65 -50.54 -10.29
C THR C 68 1.96 -50.97 -8.99
N ASN C 69 2.42 -52.10 -8.47
CA ASN C 69 1.84 -52.62 -7.25
C ASN C 69 2.83 -52.54 -6.09
N GLY C 70 3.68 -51.51 -6.10
CA GLY C 70 4.66 -51.36 -5.03
C GLY C 70 4.18 -50.46 -3.92
N TYR C 71 2.96 -49.99 -4.06
CA TYR C 71 2.38 -49.08 -3.09
C TYR C 71 0.85 -49.25 -3.07
N ARG C 72 0.23 -48.66 -2.07
CA ARG C 72 -1.21 -48.71 -1.88
C ARG C 72 -1.71 -47.30 -1.59
N VAL C 73 -2.70 -46.86 -2.34
CA VAL C 73 -3.28 -45.55 -2.13
C VAL C 73 -4.47 -45.71 -1.19
N LEU C 74 -4.34 -45.17 0.01
CA LEU C 74 -5.39 -45.26 0.99
C LEU C 74 -6.45 -44.24 0.72
N ASP C 75 -6.09 -43.13 0.10
CA ASP C 75 -7.07 -42.07 -0.16
C ASP C 75 -6.51 -40.95 -1.00
N ARG C 76 -7.37 -40.31 -1.79
CA ARG C 76 -6.94 -39.21 -2.64
C ARG C 76 -8.07 -38.26 -2.98
N VAL C 77 -7.67 -37.06 -3.33
CA VAL C 77 -8.56 -35.99 -3.69
C VAL C 77 -8.61 -35.98 -5.22
N GLU C 78 -9.62 -35.38 -5.81
CA GLU C 78 -9.68 -35.34 -7.27
C GLU C 78 -8.93 -34.17 -7.81
N ASP C 79 -8.31 -34.32 -8.98
CA ASP C 79 -7.63 -33.18 -9.60
C ASP C 79 -8.69 -32.08 -9.82
N GLY C 80 -8.37 -30.83 -9.50
CA GLY C 80 -9.34 -29.77 -9.68
C GLY C 80 -10.04 -29.32 -8.41
N ALA C 81 -9.72 -29.98 -7.31
CA ALA C 81 -10.31 -29.63 -6.03
C ALA C 81 -9.71 -28.35 -5.50
N ARG C 82 -10.54 -27.47 -4.96
CA ARG C 82 -10.03 -26.23 -4.35
C ARG C 82 -9.63 -26.79 -3.00
N VAL C 83 -8.44 -26.45 -2.52
CA VAL C 83 -7.95 -27.05 -1.32
C VAL C 83 -7.37 -26.07 -0.30
N PRO C 84 -7.63 -26.29 0.99
CA PRO C 84 -7.10 -25.41 2.04
C PRO C 84 -5.72 -25.86 2.42
N PRO C 85 -5.01 -25.00 3.14
CA PRO C 85 -3.67 -25.28 3.59
C PRO C 85 -3.27 -26.69 4.04
N GLY C 86 -3.47 -27.08 5.27
CA GLY C 86 -2.93 -28.40 5.59
C GLY C 86 -3.60 -29.63 5.03
N GLU C 87 -4.26 -29.49 3.89
CA GLU C 87 -4.97 -30.60 3.24
C GLU C 87 -4.12 -31.78 2.75
N ALA C 88 -4.58 -33.00 3.03
CA ALA C 88 -3.89 -34.21 2.60
C ALA C 88 -4.45 -34.57 1.25
N LEU C 89 -3.73 -34.25 0.18
CA LEU C 89 -4.19 -34.53 -1.19
C LEU C 89 -4.25 -36.01 -1.51
N MET C 90 -3.36 -36.78 -0.88
CA MET C 90 -3.27 -38.21 -1.15
C MET C 90 -2.46 -38.87 -0.08
N THR C 91 -2.98 -39.97 0.44
CA THR C 91 -2.32 -40.73 1.48
C THR C 91 -1.97 -42.12 0.98
N LEU C 92 -0.70 -42.47 0.99
CA LEU C 92 -0.31 -43.79 0.52
C LEU C 92 0.58 -44.56 1.47
N GLU C 93 0.64 -45.86 1.24
CA GLU C 93 1.44 -46.75 2.06
C GLU C 93 2.44 -47.31 1.07
N ALA C 94 3.73 -47.14 1.33
CA ALA C 94 4.74 -47.66 0.39
C ALA C 94 6.07 -47.90 1.06
N GLN C 95 7.00 -48.52 0.35
CA GLN C 95 8.31 -48.78 0.92
C GLN C 95 8.95 -47.42 1.08
N THR C 96 9.44 -47.13 2.28
CA THR C 96 10.09 -45.87 2.61
C THR C 96 11.24 -45.40 1.71
N ARG C 97 12.17 -46.29 1.37
CA ARG C 97 13.27 -45.88 0.50
C ARG C 97 12.75 -45.39 -0.85
N GLY C 98 11.74 -46.05 -1.39
CA GLY C 98 11.15 -45.68 -2.68
C GLY C 98 10.51 -44.32 -2.64
N LEU C 99 9.68 -44.08 -1.64
CA LEU C 99 9.06 -42.77 -1.46
C LEU C 99 10.13 -41.72 -1.45
N LEU C 100 11.14 -41.89 -0.61
CA LEU C 100 12.24 -40.94 -0.46
C LEU C 100 13.03 -40.67 -1.76
N THR C 101 13.03 -41.63 -2.69
CA THR C 101 13.74 -41.44 -3.96
C THR C 101 12.86 -40.69 -4.95
N ALA C 102 11.56 -40.97 -4.90
CA ALA C 102 10.57 -40.36 -5.77
C ALA C 102 10.20 -38.94 -5.36
N GLU C 103 10.18 -38.69 -4.07
CA GLU C 103 9.79 -37.41 -3.50
C GLU C 103 9.99 -36.10 -4.27
N ARG C 104 11.23 -35.69 -4.45
CA ARG C 104 11.48 -34.43 -5.08
C ARG C 104 10.89 -34.31 -6.48
N THR C 105 11.01 -35.34 -7.31
CA THR C 105 10.46 -35.31 -8.67
C THR C 105 8.95 -35.16 -8.66
N MET C 106 8.31 -35.98 -7.84
CA MET C 106 6.85 -35.99 -7.71
C MET C 106 6.34 -34.63 -7.20
N LEU C 107 6.99 -34.09 -6.17
CA LEU C 107 6.60 -32.80 -5.63
C LEU C 107 6.84 -31.67 -6.63
N ASN C 108 7.97 -31.70 -7.33
CA ASN C 108 8.27 -30.67 -8.35
C ASN C 108 7.21 -30.65 -9.47
N LEU C 109 6.77 -31.81 -9.94
CA LEU C 109 5.75 -31.88 -10.99
C LEU C 109 4.37 -31.43 -10.54
N VAL C 110 3.78 -32.06 -9.52
CA VAL C 110 2.45 -31.68 -9.08
C VAL C 110 2.43 -30.27 -8.49
N GLY C 111 3.54 -29.83 -7.90
CA GLY C 111 3.55 -28.48 -7.37
C GLY C 111 3.43 -27.48 -8.49
N HIS C 112 4.12 -27.77 -9.59
CA HIS C 112 4.12 -26.95 -10.79
C HIS C 112 2.75 -26.97 -11.43
N LEU C 113 2.19 -28.15 -11.68
CA LEU C 113 0.88 -28.26 -12.30
C LEU C 113 -0.24 -27.66 -11.47
N SER C 114 -0.16 -27.81 -10.15
CA SER C 114 -1.15 -27.26 -9.24
C SER C 114 -1.06 -25.74 -9.25
N GLY C 115 0.15 -25.20 -9.19
CA GLY C 115 0.34 -23.76 -9.28
C GLY C 115 -0.36 -23.18 -10.54
N ILE C 116 -0.22 -23.82 -11.69
CA ILE C 116 -0.85 -23.37 -12.92
C ILE C 116 -2.33 -23.42 -12.79
N ALA C 117 -2.86 -24.53 -12.25
CA ALA C 117 -4.31 -24.70 -12.06
C ALA C 117 -4.87 -23.65 -11.09
N THR C 118 -4.08 -23.32 -10.06
CA THR C 118 -4.45 -22.32 -9.07
C THR C 118 -4.57 -20.91 -9.71
N ALA C 119 -3.57 -20.55 -10.51
CA ALA C 119 -3.56 -19.28 -11.21
C ALA C 119 -4.69 -19.20 -12.19
N THR C 120 -4.85 -20.21 -13.05
CA THR C 120 -5.95 -20.14 -13.98
C THR C 120 -7.32 -20.07 -13.30
N ALA C 121 -7.48 -20.70 -12.15
CA ALA C 121 -8.77 -20.62 -11.43
C ALA C 121 -9.04 -19.19 -10.96
N ALA C 122 -7.99 -18.47 -10.59
CA ALA C 122 -8.18 -17.11 -10.16
C ALA C 122 -8.68 -16.27 -11.34
N TRP C 123 -8.04 -16.41 -12.51
CA TRP C 123 -8.44 -15.67 -13.71
C TRP C 123 -9.88 -16.01 -14.06
N VAL C 124 -10.22 -17.29 -13.98
CA VAL C 124 -11.57 -17.75 -14.27
C VAL C 124 -12.59 -17.11 -13.32
N ASP C 125 -12.25 -16.94 -12.04
CA ASP C 125 -13.19 -16.32 -11.11
C ASP C 125 -13.34 -14.87 -11.48
N ALA C 126 -12.22 -14.23 -11.83
CA ALA C 126 -12.19 -12.80 -12.16
C ALA C 126 -13.18 -12.42 -13.22
N VAL C 127 -13.38 -13.28 -14.23
CA VAL C 127 -14.29 -12.94 -15.31
C VAL C 127 -15.58 -13.68 -15.25
N ARG C 128 -15.95 -14.14 -14.07
CA ARG C 128 -17.21 -14.88 -13.88
C ARG C 128 -18.36 -13.89 -14.11
N GLY C 129 -19.49 -14.33 -14.66
CA GLY C 129 -20.59 -13.42 -14.95
C GLY C 129 -20.46 -12.73 -16.29
N THR C 130 -19.39 -13.08 -17.00
CA THR C 130 -19.02 -12.58 -18.31
C THR C 130 -19.04 -13.78 -19.28
N LYS C 131 -18.99 -13.56 -20.58
CA LYS C 131 -18.98 -14.72 -21.47
C LYS C 131 -17.53 -15.17 -21.77
N ALA C 132 -16.57 -14.28 -21.52
CA ALA C 132 -15.18 -14.62 -21.74
C ALA C 132 -14.70 -15.91 -21.07
N LYS C 133 -13.86 -16.64 -21.80
CA LYS C 133 -13.23 -17.88 -21.34
C LYS C 133 -11.73 -17.56 -21.29
N ILE C 134 -11.04 -18.13 -20.33
CA ILE C 134 -9.60 -17.93 -20.16
C ILE C 134 -8.91 -18.98 -21.03
N ARG C 135 -7.99 -18.54 -21.90
CA ARG C 135 -7.30 -19.45 -22.78
C ARG C 135 -5.79 -19.37 -22.62
N ASP C 136 -5.11 -20.47 -22.92
CA ASP C 136 -3.66 -20.48 -22.80
C ASP C 136 -3.00 -20.10 -24.11
N THR C 137 -1.67 -20.22 -24.15
CA THR C 137 -0.86 -19.89 -25.31
C THR C 137 0.19 -20.98 -25.55
N ARG C 138 1.13 -20.73 -26.45
CA ARG C 138 2.20 -21.69 -26.71
C ARG C 138 3.44 -21.22 -25.97
N LYS C 139 3.24 -20.37 -24.97
CA LYS C 139 4.36 -19.89 -24.18
C LYS C 139 4.47 -20.92 -23.04
N THR C 140 4.88 -22.12 -23.44
CA THR C 140 5.01 -23.26 -22.56
C THR C 140 6.45 -23.68 -22.35
N LEU C 141 6.73 -24.41 -21.28
CA LEU C 141 8.10 -24.86 -21.05
C LEU C 141 8.26 -26.09 -21.90
N PRO C 142 9.42 -26.21 -22.59
CA PRO C 142 9.77 -27.33 -23.46
C PRO C 142 9.70 -28.71 -22.80
N GLY C 143 8.87 -29.58 -23.36
CA GLY C 143 8.76 -30.90 -22.78
C GLY C 143 7.60 -30.95 -21.79
N LEU C 144 6.98 -29.81 -21.46
CA LEU C 144 5.87 -29.82 -20.53
C LEU C 144 4.55 -29.29 -21.08
N ARG C 145 4.54 -28.86 -22.34
CA ARG C 145 3.30 -28.33 -22.91
C ARG C 145 2.06 -29.13 -22.61
N ALA C 146 2.06 -30.42 -22.91
CA ALA C 146 0.88 -31.25 -22.68
C ALA C 146 0.40 -31.21 -21.24
N LEU C 147 1.35 -31.26 -20.30
CA LEU C 147 1.01 -31.21 -18.88
C LEU C 147 0.51 -29.83 -18.49
N GLN C 148 1.19 -28.77 -18.96
CA GLN C 148 0.78 -27.40 -18.66
C GLN C 148 -0.60 -27.15 -19.20
N LYS C 149 -0.83 -27.54 -20.45
CA LYS C 149 -2.16 -27.39 -21.08
C LYS C 149 -3.24 -28.09 -20.27
N TYR C 150 -2.90 -29.25 -19.72
CA TYR C 150 -3.77 -30.06 -18.88
C TYR C 150 -4.11 -29.31 -17.56
N ALA C 151 -3.11 -28.69 -16.96
CA ALA C 151 -3.31 -27.94 -15.73
C ALA C 151 -4.23 -26.75 -15.92
N VAL C 152 -4.10 -26.00 -17.02
CA VAL C 152 -4.99 -24.83 -17.18
C VAL C 152 -6.43 -25.29 -17.32
N ARG C 153 -6.62 -26.38 -18.04
CA ARG C 153 -7.95 -26.90 -18.22
C ARG C 153 -8.55 -27.32 -16.87
N THR C 154 -7.70 -27.85 -15.98
CA THR C 154 -8.11 -28.32 -14.65
C THR C 154 -8.47 -27.12 -13.76
N GLY C 155 -7.83 -25.99 -14.02
CA GLY C 155 -8.11 -24.79 -13.28
C GLY C 155 -9.34 -24.08 -13.81
N GLY C 156 -9.85 -24.55 -14.94
CA GLY C 156 -11.06 -23.93 -15.50
C GLY C 156 -10.88 -23.20 -16.81
N GLY C 157 -9.66 -23.10 -17.31
CA GLY C 157 -9.43 -22.45 -18.58
C GLY C 157 -9.65 -23.36 -19.76
N VAL C 158 -9.48 -22.84 -20.97
CA VAL C 158 -9.64 -23.66 -22.15
C VAL C 158 -8.36 -23.56 -22.96
N ASN C 159 -7.98 -24.68 -23.55
CA ASN C 159 -6.76 -24.80 -24.30
C ASN C 159 -6.88 -24.13 -25.64
N HIS C 160 -5.81 -23.50 -26.09
CA HIS C 160 -5.85 -22.82 -27.35
C HIS C 160 -5.04 -23.60 -28.36
N ARG C 161 -3.86 -23.12 -28.73
CA ARG C 161 -3.10 -23.83 -29.75
C ARG C 161 -2.11 -24.82 -29.19
N LEU C 162 -2.15 -26.03 -29.71
CA LEU C 162 -1.25 -27.09 -29.27
C LEU C 162 0.11 -27.07 -29.95
N GLY C 163 0.19 -26.37 -31.06
CA GLY C 163 1.42 -26.28 -31.83
C GLY C 163 1.18 -25.43 -33.06
N LEU C 164 2.21 -25.31 -33.90
CA LEU C 164 2.21 -24.53 -35.15
C LEU C 164 1.20 -25.01 -36.17
N GLY C 165 0.95 -26.31 -36.17
CA GLY C 165 0.04 -26.86 -37.15
C GLY C 165 -1.41 -26.87 -36.81
N ASP C 166 -1.74 -26.51 -35.58
CA ASP C 166 -3.11 -26.47 -35.07
C ASP C 166 -4.12 -25.72 -35.90
N ALA C 167 -3.77 -24.45 -36.11
CA ALA C 167 -4.62 -23.52 -36.84
C ALA C 167 -3.66 -22.59 -37.50
N ALA C 168 -4.13 -21.80 -38.45
CA ALA C 168 -3.28 -20.83 -39.11
C ALA C 168 -3.35 -19.56 -38.27
N LEU C 169 -2.21 -19.03 -37.85
CA LEU C 169 -2.24 -17.80 -37.08
C LEU C 169 -1.40 -16.73 -37.80
N ILE C 170 -2.04 -15.79 -38.49
CA ILE C 170 -1.29 -14.75 -39.16
C ILE C 170 -0.83 -13.70 -38.14
N LYS C 171 0.48 -13.53 -38.06
CA LYS C 171 1.12 -12.57 -37.19
C LYS C 171 1.72 -11.45 -38.01
N ASP C 172 2.36 -10.53 -37.29
CA ASP C 172 3.05 -9.37 -37.85
C ASP C 172 4.03 -9.76 -38.97
N ASN C 173 4.85 -10.77 -38.71
CA ASN C 173 5.83 -11.26 -39.67
C ASN C 173 5.22 -11.73 -40.97
N HIS C 174 4.06 -12.37 -40.88
CA HIS C 174 3.40 -12.90 -42.06
C HIS C 174 2.76 -11.81 -42.89
N VAL C 175 2.04 -10.92 -42.21
CA VAL C 175 1.38 -9.80 -42.87
C VAL C 175 2.45 -9.10 -43.74
N ALA C 176 3.61 -8.89 -43.13
CA ALA C 176 4.74 -8.26 -43.81
C ALA C 176 5.10 -8.97 -45.12
N ALA C 177 5.41 -10.25 -45.02
CA ALA C 177 5.78 -11.06 -46.17
C ALA C 177 4.70 -11.09 -47.23
N ALA C 178 3.44 -11.11 -46.81
CA ALA C 178 2.36 -11.14 -47.77
C ALA C 178 2.18 -9.76 -48.37
N GLY C 179 2.57 -8.74 -47.63
CA GLY C 179 2.40 -7.37 -48.08
C GLY C 179 1.46 -6.65 -47.12
N SER C 180 0.32 -7.27 -46.87
CA SER C 180 -0.65 -6.69 -45.96
C SER C 180 -1.36 -7.81 -45.23
N VAL C 181 -2.14 -7.42 -44.22
CA VAL C 181 -2.88 -8.35 -43.42
C VAL C 181 -3.86 -9.12 -44.30
N VAL C 182 -4.51 -8.44 -45.22
CA VAL C 182 -5.45 -9.13 -46.09
C VAL C 182 -4.72 -10.05 -47.02
N ASP C 183 -3.49 -9.68 -47.37
CA ASP C 183 -2.67 -10.47 -48.28
C ASP C 183 -2.37 -11.83 -47.66
N ALA C 184 -1.84 -11.77 -46.43
CA ALA C 184 -1.49 -12.96 -45.65
C ALA C 184 -2.71 -13.86 -45.44
N LEU C 185 -3.83 -13.22 -45.17
CA LEU C 185 -5.07 -13.91 -44.92
C LEU C 185 -5.53 -14.69 -46.14
N ARG C 186 -5.49 -14.04 -47.29
CA ARG C 186 -5.89 -14.68 -48.52
C ARG C 186 -4.99 -15.88 -48.84
N ALA C 187 -3.68 -15.65 -48.71
CA ALA C 187 -2.66 -16.67 -48.95
C ALA C 187 -3.01 -17.92 -48.18
N VAL C 188 -3.13 -17.77 -46.87
CA VAL C 188 -3.46 -18.89 -46.00
C VAL C 188 -4.81 -19.49 -46.35
N ARG C 189 -5.78 -18.64 -46.69
CA ARG C 189 -7.11 -19.12 -47.06
C ARG C 189 -7.01 -20.16 -48.19
N ASN C 190 -6.08 -19.93 -49.10
CA ASN C 190 -5.92 -20.83 -50.21
C ASN C 190 -5.06 -22.03 -49.91
N ALA C 191 -4.05 -21.84 -49.09
CA ALA C 191 -3.17 -22.94 -48.74
C ALA C 191 -3.83 -23.94 -47.80
N ALA C 192 -4.57 -23.48 -46.80
CA ALA C 192 -5.22 -24.39 -45.87
C ALA C 192 -6.66 -24.00 -45.63
N PRO C 193 -7.52 -24.15 -46.65
CA PRO C 193 -8.96 -23.83 -46.59
C PRO C 193 -9.75 -24.53 -45.47
N ASP C 194 -9.24 -25.67 -45.04
CA ASP C 194 -9.82 -26.50 -44.00
C ASP C 194 -9.45 -25.97 -42.60
N LEU C 195 -8.30 -25.32 -42.54
CA LEU C 195 -7.71 -24.80 -41.33
C LEU C 195 -8.33 -23.48 -40.84
N PRO C 196 -8.48 -23.35 -39.50
CA PRO C 196 -9.03 -22.16 -38.83
C PRO C 196 -8.05 -20.99 -38.91
N CYS C 197 -8.55 -19.85 -39.33
CA CYS C 197 -7.78 -18.63 -39.45
C CYS C 197 -7.90 -17.78 -38.23
N GLU C 198 -6.75 -17.30 -37.79
CA GLU C 198 -6.67 -16.43 -36.63
C GLU C 198 -5.67 -15.37 -37.01
N VAL C 199 -6.08 -14.11 -36.94
CA VAL C 199 -5.17 -13.05 -37.31
C VAL C 199 -4.99 -12.10 -36.15
N GLU C 200 -3.72 -11.83 -35.85
CA GLU C 200 -3.30 -10.97 -34.78
C GLU C 200 -3.19 -9.52 -35.24
N VAL C 201 -3.99 -8.62 -34.67
CA VAL C 201 -3.93 -7.18 -35.05
C VAL C 201 -3.45 -6.34 -33.89
N ASP C 202 -2.67 -5.33 -34.16
CA ASP C 202 -2.20 -4.55 -33.05
C ASP C 202 -2.66 -3.12 -33.13
N SER C 203 -3.64 -2.86 -33.96
CA SER C 203 -4.14 -1.51 -34.07
C SER C 203 -5.55 -1.58 -34.55
N LEU C 204 -6.30 -0.51 -34.38
CA LEU C 204 -7.65 -0.54 -34.84
C LEU C 204 -7.73 -0.45 -36.37
N GLU C 205 -6.73 0.15 -37.00
CA GLU C 205 -6.72 0.29 -38.46
C GLU C 205 -6.62 -1.09 -39.05
N GLN C 206 -5.74 -1.92 -38.50
CA GLN C 206 -5.60 -3.28 -39.00
C GLN C 206 -6.87 -4.02 -38.77
N LEU C 207 -7.54 -3.73 -37.65
CA LEU C 207 -8.81 -4.39 -37.31
C LEU C 207 -9.82 -4.16 -38.42
N ASP C 208 -10.03 -2.90 -38.77
CA ASP C 208 -10.98 -2.53 -39.81
C ASP C 208 -10.66 -3.22 -41.12
N ALA C 209 -9.37 -3.37 -41.40
CA ALA C 209 -8.89 -4.00 -42.61
C ALA C 209 -9.20 -5.50 -42.77
N VAL C 210 -9.07 -6.25 -41.68
CA VAL C 210 -9.32 -7.69 -41.75
C VAL C 210 -10.74 -8.09 -41.40
N LEU C 211 -11.45 -7.22 -40.67
CA LEU C 211 -12.83 -7.52 -40.29
C LEU C 211 -13.68 -8.02 -41.47
N PRO C 212 -13.68 -7.31 -42.61
CA PRO C 212 -14.48 -7.81 -43.73
C PRO C 212 -14.02 -9.18 -44.28
N GLU C 213 -12.75 -9.53 -44.13
CA GLU C 213 -12.26 -10.82 -44.61
C GLU C 213 -12.89 -11.96 -43.80
N LYS C 214 -13.41 -11.63 -42.64
CA LYS C 214 -14.05 -12.58 -41.74
C LYS C 214 -13.25 -13.75 -41.22
N PRO C 215 -12.08 -13.50 -40.62
CA PRO C 215 -11.30 -14.61 -40.08
C PRO C 215 -12.08 -15.23 -38.91
N GLU C 216 -11.69 -16.42 -38.52
CA GLU C 216 -12.36 -17.11 -37.43
C GLU C 216 -12.19 -16.42 -36.09
N LEU C 217 -11.02 -15.84 -35.88
CA LEU C 217 -10.70 -15.25 -34.61
C LEU C 217 -9.70 -14.12 -34.80
N ILE C 218 -9.90 -12.98 -34.13
CA ILE C 218 -8.95 -11.88 -34.22
C ILE C 218 -8.41 -11.71 -32.81
N LEU C 219 -7.09 -11.63 -32.73
CA LEU C 219 -6.39 -11.44 -31.48
C LEU C 219 -6.06 -9.94 -31.37
N LEU C 220 -6.55 -9.29 -30.33
CA LEU C 220 -6.29 -7.89 -30.12
C LEU C 220 -5.02 -7.83 -29.26
N ASP C 221 -3.92 -7.49 -29.89
CA ASP C 221 -2.65 -7.43 -29.21
C ASP C 221 -2.37 -6.13 -28.53
N ASN C 222 -2.35 -6.18 -27.20
CA ASN C 222 -2.08 -5.01 -26.35
C ASN C 222 -3.01 -3.83 -26.63
N PHE C 223 -4.31 -4.08 -26.58
CA PHE C 223 -5.28 -3.02 -26.78
C PHE C 223 -5.67 -2.44 -25.40
N ALA C 224 -5.86 -1.12 -25.36
CA ALA C 224 -6.29 -0.46 -24.15
C ALA C 224 -7.71 -0.91 -24.02
N VAL C 225 -8.24 -0.85 -22.80
CA VAL C 225 -9.62 -1.27 -22.60
C VAL C 225 -10.51 -0.50 -23.57
N TRP C 226 -10.26 0.80 -23.72
CA TRP C 226 -11.10 1.57 -24.61
C TRP C 226 -11.07 1.06 -26.03
N GLN C 227 -9.87 0.69 -26.53
CA GLN C 227 -9.75 0.16 -27.90
C GLN C 227 -10.40 -1.20 -28.03
N THR C 228 -10.41 -1.96 -26.93
CA THR C 228 -11.01 -3.28 -26.93
C THR C 228 -12.53 -3.11 -27.09
N GLN C 229 -13.10 -2.14 -26.39
CA GLN C 229 -14.54 -1.87 -26.48
C GLN C 229 -14.94 -1.47 -27.90
N THR C 230 -14.12 -0.62 -28.52
CA THR C 230 -14.36 -0.19 -29.90
C THR C 230 -14.33 -1.41 -30.79
N ALA C 231 -13.30 -2.24 -30.64
CA ALA C 231 -13.15 -3.43 -31.43
C ALA C 231 -14.36 -4.29 -31.32
N VAL C 232 -14.89 -4.42 -30.10
CA VAL C 232 -16.09 -5.25 -29.93
C VAL C 232 -17.28 -4.60 -30.64
N GLN C 233 -17.39 -3.29 -30.50
CA GLN C 233 -18.49 -2.56 -31.13
C GLN C 233 -18.41 -2.82 -32.63
N ARG C 234 -17.24 -2.60 -33.23
CA ARG C 234 -17.04 -2.84 -34.68
C ARG C 234 -17.30 -4.27 -35.17
N ARG C 235 -16.85 -5.27 -34.40
CA ARG C 235 -17.05 -6.67 -34.75
C ARG C 235 -18.54 -6.92 -34.72
N ASP C 236 -19.17 -6.52 -33.64
CA ASP C 236 -20.58 -6.74 -33.49
C ASP C 236 -21.42 -6.26 -34.64
N SER C 237 -21.07 -5.12 -35.23
CA SER C 237 -21.87 -4.60 -36.32
C SER C 237 -21.44 -5.06 -37.72
N ARG C 238 -20.14 -5.22 -37.94
CA ARG C 238 -19.66 -5.64 -39.24
C ARG C 238 -19.44 -7.14 -39.44
N ALA C 239 -18.93 -7.84 -38.45
CA ALA C 239 -18.66 -9.27 -38.62
C ALA C 239 -18.99 -10.04 -37.36
N PRO C 240 -20.28 -10.21 -37.10
CA PRO C 240 -20.87 -10.91 -35.96
C PRO C 240 -20.28 -12.29 -35.58
N THR C 241 -19.78 -12.99 -36.60
CA THR C 241 -19.25 -14.33 -36.47
C THR C 241 -17.80 -14.40 -36.00
N VAL C 242 -17.04 -13.34 -36.25
CA VAL C 242 -15.66 -13.32 -35.85
C VAL C 242 -15.52 -13.23 -34.32
N MET C 243 -14.69 -14.12 -33.76
CA MET C 243 -14.41 -14.12 -32.32
C MET C 243 -13.24 -13.17 -32.11
N LEU C 244 -13.21 -12.57 -30.93
CA LEU C 244 -12.16 -11.63 -30.55
C LEU C 244 -11.51 -12.15 -29.26
N GLU C 245 -10.20 -12.05 -29.16
CA GLU C 245 -9.49 -12.53 -27.98
C GLU C 245 -8.48 -11.48 -27.60
N SER C 246 -8.55 -11.00 -26.36
CA SER C 246 -7.62 -9.97 -25.87
C SER C 246 -6.27 -10.62 -25.56
N SER C 247 -5.18 -10.04 -26.05
CA SER C 247 -3.86 -10.61 -25.82
C SER C 247 -2.89 -9.49 -25.51
N GLY C 248 -1.96 -9.69 -24.59
CA GLY C 248 -1.00 -8.64 -24.30
C GLY C 248 -0.95 -7.95 -22.94
N GLY C 249 -1.57 -6.77 -22.81
CA GLY C 249 -1.50 -6.01 -21.56
C GLY C 249 -2.45 -6.41 -20.46
N LEU C 250 -2.61 -7.72 -20.27
CA LEU C 250 -3.53 -8.27 -19.30
C LEU C 250 -2.88 -8.52 -17.95
N SER C 251 -3.61 -8.19 -16.89
CA SER C 251 -3.15 -8.44 -15.53
C SER C 251 -4.39 -8.96 -14.85
N LEU C 252 -4.19 -9.64 -13.73
CA LEU C 252 -5.32 -10.20 -13.01
C LEU C 252 -6.20 -9.08 -12.45
N GLN C 253 -5.58 -7.90 -12.24
CA GLN C 253 -6.29 -6.74 -11.71
C GLN C 253 -7.20 -6.18 -12.78
N THR C 254 -6.74 -6.20 -14.04
CA THR C 254 -7.51 -5.69 -15.18
C THR C 254 -8.43 -6.67 -15.92
N ALA C 255 -8.19 -7.97 -15.77
CA ALA C 255 -8.98 -9.01 -16.43
C ALA C 255 -10.48 -8.79 -16.54
N ALA C 256 -11.15 -8.42 -15.46
CA ALA C 256 -12.59 -8.26 -15.53
C ALA C 256 -12.97 -7.07 -16.40
N THR C 257 -12.14 -6.05 -16.37
CA THR C 257 -12.38 -4.86 -17.16
C THR C 257 -12.39 -5.21 -18.62
N TYR C 258 -11.39 -5.96 -19.04
CA TYR C 258 -11.33 -6.39 -20.43
C TYR C 258 -12.49 -7.31 -20.70
N ALA C 259 -12.79 -8.18 -19.76
CA ALA C 259 -13.90 -9.09 -19.96
C ALA C 259 -15.24 -8.41 -20.18
N GLU C 260 -15.48 -7.33 -19.45
CA GLU C 260 -16.76 -6.65 -19.60
C GLU C 260 -16.97 -5.96 -20.94
N THR C 261 -15.92 -5.83 -21.75
CA THR C 261 -16.07 -5.19 -23.04
C THR C 261 -16.83 -6.09 -23.97
N GLY C 262 -16.89 -7.38 -23.66
CA GLY C 262 -17.59 -8.31 -24.52
C GLY C 262 -16.73 -9.27 -25.36
N VAL C 263 -15.39 -9.19 -25.25
CA VAL C 263 -14.50 -10.10 -25.98
C VAL C 263 -14.84 -11.51 -25.56
N ASP C 264 -14.63 -12.45 -26.46
CA ASP C 264 -14.95 -13.83 -26.22
C ASP C 264 -13.91 -14.60 -25.41
N TYR C 265 -12.66 -14.10 -25.39
CA TYR C 265 -11.58 -14.79 -24.71
C TYR C 265 -10.47 -13.86 -24.25
N LEU C 266 -9.68 -14.35 -23.30
CA LEU C 266 -8.53 -13.62 -22.79
C LEU C 266 -7.44 -14.65 -22.95
N ALA C 267 -6.41 -14.33 -23.71
CA ALA C 267 -5.30 -15.22 -23.91
C ALA C 267 -4.25 -14.83 -22.90
N VAL C 268 -3.97 -15.71 -21.93
CA VAL C 268 -3.01 -15.41 -20.85
C VAL C 268 -1.67 -16.17 -20.89
N GLY C 269 -0.60 -15.49 -21.30
CA GLY C 269 0.66 -16.20 -21.38
C GLY C 269 1.18 -16.61 -20.04
N ALA C 270 0.86 -15.83 -19.03
CA ALA C 270 1.37 -16.07 -17.67
C ALA C 270 0.96 -17.37 -16.99
N LEU C 271 -0.14 -17.94 -17.43
CA LEU C 271 -0.61 -19.17 -16.86
C LEU C 271 0.45 -20.28 -16.98
N THR C 272 1.25 -20.22 -18.04
CA THR C 272 2.27 -21.25 -18.33
C THR C 272 3.73 -20.78 -18.28
N HIS C 273 4.02 -19.53 -18.65
CA HIS C 273 5.39 -19.02 -18.47
C HIS C 273 5.20 -18.34 -17.12
N SER C 274 6.18 -17.88 -16.41
CA SER C 274 5.80 -17.23 -15.15
C SER C 274 4.85 -17.93 -14.11
N VAL C 275 5.05 -19.21 -13.76
CA VAL C 275 4.18 -19.87 -12.74
C VAL C 275 4.80 -19.91 -11.31
N ARG C 276 3.93 -19.80 -10.31
CA ARG C 276 4.35 -19.82 -8.91
C ARG C 276 3.91 -21.17 -8.37
N VAL C 277 4.86 -21.98 -7.95
CA VAL C 277 4.56 -23.33 -7.47
C VAL C 277 3.58 -23.40 -6.33
N LEU C 278 2.74 -24.44 -6.28
CA LEU C 278 1.84 -24.63 -5.14
C LEU C 278 2.63 -25.48 -4.15
N ASP C 279 3.09 -24.87 -3.06
CA ASP C 279 3.88 -25.57 -2.05
C ASP C 279 3.18 -26.78 -1.45
N ILE C 280 3.81 -27.94 -1.62
CA ILE C 280 3.29 -29.21 -1.17
C ILE C 280 4.43 -30.04 -0.59
N GLY C 281 4.18 -30.77 0.48
CA GLY C 281 5.23 -31.59 1.03
C GLY C 281 4.75 -33.03 1.15
N LEU C 282 5.69 -33.92 1.39
CA LEU C 282 5.39 -35.34 1.54
C LEU C 282 5.69 -35.57 2.98
N ASP C 283 4.63 -35.81 3.74
CA ASP C 283 4.72 -36.03 5.18
C ASP C 283 4.64 -37.49 5.58
N MET C 284 5.69 -37.93 6.24
CA MET C 284 5.80 -39.29 6.70
C MET C 284 5.74 -39.40 8.21
N GLY D 1 28.59 -19.65 -20.77
CA GLY D 1 29.17 -20.80 -21.55
C GLY D 1 28.55 -22.12 -21.10
N LEU D 2 27.90 -22.80 -22.04
CA LEU D 2 27.29 -24.08 -21.74
C LEU D 2 28.38 -25.16 -21.67
N SER D 3 28.39 -25.93 -20.60
CA SER D 3 29.37 -26.99 -20.48
C SER D 3 28.84 -28.09 -21.36
N ASP D 4 29.67 -29.06 -21.69
CA ASP D 4 29.20 -30.17 -22.53
C ASP D 4 27.98 -30.89 -21.96
N TRP D 5 27.91 -31.03 -20.64
CA TRP D 5 26.77 -31.67 -20.02
C TRP D 5 25.54 -30.79 -20.26
N GLU D 6 25.72 -29.49 -20.07
CA GLU D 6 24.65 -28.51 -20.27
C GLU D 6 24.23 -28.42 -21.72
N LEU D 7 25.21 -28.55 -22.60
CA LEU D 7 24.98 -28.47 -24.01
C LEU D 7 24.10 -29.60 -24.44
N ALA D 8 24.26 -30.76 -23.82
CA ALA D 8 23.45 -31.93 -24.16
C ALA D 8 22.04 -31.77 -23.65
N ALA D 9 21.91 -31.17 -22.48
CA ALA D 9 20.63 -30.90 -21.86
C ALA D 9 19.90 -29.90 -22.74
N ALA D 10 20.62 -28.89 -23.23
CA ALA D 10 20.03 -27.88 -24.10
C ALA D 10 19.48 -28.52 -25.37
N ARG D 11 20.30 -29.28 -26.08
CA ARG D 11 19.83 -29.94 -27.29
C ARG D 11 18.61 -30.80 -27.08
N ALA D 12 18.57 -31.54 -25.98
CA ALA D 12 17.41 -32.41 -25.72
C ALA D 12 16.17 -31.59 -25.47
N ALA D 13 16.34 -30.48 -24.76
CA ALA D 13 15.20 -29.61 -24.46
C ALA D 13 14.75 -28.94 -25.78
N ILE D 14 15.66 -28.34 -26.55
CA ILE D 14 15.23 -27.70 -27.78
C ILE D 14 14.55 -28.75 -28.67
N ALA D 15 15.04 -29.97 -28.64
CA ALA D 15 14.43 -31.00 -29.45
C ALA D 15 12.99 -31.26 -28.99
N ARG D 16 12.79 -31.47 -27.69
CA ARG D 16 11.43 -31.69 -27.16
C ARG D 16 10.51 -30.50 -27.48
N GLY D 17 11.09 -29.30 -27.47
CA GLY D 17 10.32 -28.12 -27.78
C GLY D 17 9.80 -28.14 -29.22
N LEU D 18 10.72 -28.28 -30.16
CA LEU D 18 10.33 -28.27 -31.56
C LEU D 18 9.37 -29.38 -31.82
N ASP D 19 9.50 -30.49 -31.14
CA ASP D 19 8.56 -31.55 -31.41
C ASP D 19 7.16 -31.17 -30.99
N GLU D 20 7.03 -30.45 -29.87
CA GLU D 20 5.71 -30.06 -29.41
C GLU D 20 5.03 -29.14 -30.41
N ASP D 21 5.80 -28.24 -31.00
CA ASP D 21 5.28 -27.27 -31.96
C ASP D 21 4.98 -27.85 -33.34
N LEU D 22 5.81 -28.80 -33.77
CA LEU D 22 5.66 -29.42 -35.10
C LEU D 22 4.83 -30.68 -35.13
N ARG D 23 4.45 -31.17 -33.97
CA ARG D 23 3.64 -32.38 -33.87
C ARG D 23 2.33 -32.35 -34.67
N TYR D 24 1.69 -31.20 -34.78
CA TYR D 24 0.41 -31.11 -35.50
C TYR D 24 0.51 -30.69 -36.96
N GLY D 25 1.71 -30.82 -37.52
CA GLY D 25 1.92 -30.41 -38.88
C GLY D 25 2.87 -29.22 -38.90
N PRO D 26 3.34 -28.84 -40.09
CA PRO D 26 4.26 -27.71 -40.21
C PRO D 26 3.54 -26.39 -40.07
N ASP D 27 4.32 -25.34 -39.94
CA ASP D 27 3.80 -24.03 -39.83
C ASP D 27 3.17 -23.64 -41.19
N VAL D 28 1.93 -24.07 -41.37
CA VAL D 28 1.18 -23.84 -42.59
C VAL D 28 1.10 -22.38 -42.99
N THR D 29 1.06 -21.51 -42.00
CA THR D 29 0.95 -20.10 -42.27
C THR D 29 2.21 -19.47 -42.80
N THR D 30 3.37 -19.85 -42.29
CA THR D 30 4.61 -19.28 -42.81
C THR D 30 4.74 -19.83 -44.21
N LEU D 31 4.55 -21.14 -44.35
CA LEU D 31 4.63 -21.79 -45.64
C LEU D 31 3.83 -21.01 -46.65
N ALA D 32 2.60 -20.67 -46.29
CA ALA D 32 1.74 -19.95 -47.19
C ALA D 32 2.16 -18.52 -47.46
N THR D 33 2.68 -17.82 -46.47
CA THR D 33 3.00 -16.43 -46.69
C THR D 33 4.43 -16.04 -46.99
N VAL D 34 5.39 -16.79 -46.48
CA VAL D 34 6.77 -16.45 -46.71
C VAL D 34 7.51 -17.41 -47.61
N PRO D 35 8.13 -16.84 -48.66
CA PRO D 35 8.88 -17.65 -49.60
C PRO D 35 10.09 -18.30 -48.94
N ALA D 36 10.48 -19.44 -49.50
CA ALA D 36 11.59 -20.18 -48.98
C ALA D 36 12.91 -19.49 -49.14
N SER D 37 13.00 -18.58 -50.09
CA SER D 37 14.26 -17.91 -50.31
C SER D 37 14.46 -16.69 -49.44
N ALA D 38 13.39 -16.28 -48.75
CA ALA D 38 13.43 -15.09 -47.90
C ALA D 38 14.44 -15.18 -46.75
N THR D 39 15.10 -14.05 -46.52
CA THR D 39 16.12 -13.91 -45.50
C THR D 39 15.93 -12.58 -44.75
N THR D 40 16.08 -12.57 -43.43
CA THR D 40 15.95 -11.34 -42.64
C THR D 40 17.00 -11.18 -41.62
N THR D 41 16.99 -10.00 -41.02
CA THR D 41 17.89 -9.67 -39.95
C THR D 41 16.88 -9.54 -38.84
N ALA D 42 17.12 -10.22 -37.74
CA ALA D 42 16.20 -10.21 -36.64
C ALA D 42 16.98 -9.96 -35.39
N SER D 43 16.29 -9.47 -34.38
CA SER D 43 16.91 -9.17 -33.11
C SER D 43 16.08 -9.66 -31.96
N LEU D 44 16.73 -10.24 -30.98
CA LEU D 44 16.00 -10.68 -29.82
C LEU D 44 16.14 -9.41 -29.04
N VAL D 45 15.02 -8.74 -28.75
CA VAL D 45 15.13 -7.53 -27.97
C VAL D 45 14.27 -7.69 -26.75
N THR D 46 14.77 -7.17 -25.61
CA THR D 46 14.05 -7.25 -24.35
C THR D 46 12.94 -6.24 -24.26
N ARG D 47 11.82 -6.65 -23.70
CA ARG D 47 10.74 -5.72 -23.51
C ARG D 47 10.85 -5.17 -22.08
N GLU D 48 11.80 -5.71 -21.31
CA GLU D 48 12.02 -5.25 -19.96
C GLU D 48 13.45 -5.40 -19.53
N ALA D 49 13.81 -4.80 -18.40
CA ALA D 49 15.18 -4.89 -17.94
C ALA D 49 15.47 -6.16 -17.17
N GLY D 50 16.73 -6.58 -17.17
CA GLY D 50 17.08 -7.78 -16.42
C GLY D 50 18.48 -8.19 -16.70
N VAL D 51 18.79 -9.45 -16.43
CA VAL D 51 20.10 -10.06 -16.67
C VAL D 51 19.80 -11.12 -17.71
N VAL D 52 20.61 -11.17 -18.75
CA VAL D 52 20.35 -12.12 -19.81
C VAL D 52 21.07 -13.45 -19.62
N ALA D 53 20.37 -14.54 -19.92
CA ALA D 53 20.96 -15.85 -19.84
C ALA D 53 20.28 -16.73 -20.84
N GLY D 54 21.03 -17.65 -21.43
CA GLY D 54 20.46 -18.55 -22.40
C GLY D 54 20.67 -18.25 -23.89
N LEU D 55 21.59 -17.36 -24.20
CA LEU D 55 21.82 -16.97 -25.58
C LEU D 55 22.31 -18.11 -26.45
N ASP D 56 23.20 -18.92 -25.91
CA ASP D 56 23.71 -20.05 -26.67
C ASP D 56 22.59 -21.02 -26.97
N VAL D 57 21.59 -21.07 -26.10
CA VAL D 57 20.45 -21.98 -26.32
C VAL D 57 19.63 -21.44 -27.51
N ALA D 58 19.67 -20.14 -27.72
CA ALA D 58 19.00 -19.54 -28.84
C ALA D 58 19.73 -20.04 -30.09
N LEU D 59 21.07 -19.94 -30.09
CA LEU D 59 21.87 -20.41 -31.21
C LEU D 59 21.67 -21.91 -31.49
N LEU D 60 21.66 -22.75 -30.45
CA LEU D 60 21.45 -24.19 -30.66
C LEU D 60 20.12 -24.53 -31.31
N THR D 61 19.10 -23.67 -31.09
CA THR D 61 17.75 -23.83 -31.66
C THR D 61 17.79 -23.56 -33.16
N LEU D 62 18.63 -22.60 -33.56
CA LEU D 62 18.79 -22.25 -34.95
C LEU D 62 19.52 -23.38 -35.67
N ASN D 63 20.57 -23.91 -35.03
CA ASN D 63 21.37 -25.04 -35.56
C ASN D 63 20.42 -26.17 -35.89
N GLU D 64 19.54 -26.45 -34.95
CA GLU D 64 18.60 -27.51 -35.12
C GLU D 64 17.61 -27.24 -36.22
N VAL D 65 17.12 -26.02 -36.31
CA VAL D 65 16.11 -25.72 -37.29
C VAL D 65 16.66 -25.36 -38.63
N LEU D 66 17.70 -24.55 -38.64
CA LEU D 66 18.35 -24.09 -39.85
C LEU D 66 19.64 -24.84 -40.28
N GLY D 67 20.30 -25.51 -39.35
CA GLY D 67 21.54 -26.18 -39.68
C GLY D 67 22.57 -25.23 -39.16
N THR D 68 23.65 -25.76 -38.63
CA THR D 68 24.72 -24.97 -38.06
C THR D 68 25.13 -23.73 -38.83
N ASN D 69 25.11 -23.82 -40.15
CA ASN D 69 25.49 -22.70 -40.98
C ASN D 69 24.29 -22.15 -41.71
N GLY D 70 23.12 -22.24 -41.10
CA GLY D 70 21.93 -21.75 -41.76
C GLY D 70 21.63 -20.33 -41.38
N TYR D 71 22.50 -19.70 -40.62
CA TYR D 71 22.27 -18.33 -40.17
C TYR D 71 23.60 -17.69 -39.89
N ARG D 72 23.60 -16.37 -39.71
CA ARG D 72 24.82 -15.60 -39.45
C ARG D 72 24.57 -14.66 -38.29
N VAL D 73 25.42 -14.72 -37.27
CA VAL D 73 25.26 -13.85 -36.11
C VAL D 73 26.03 -12.59 -36.38
N LEU D 74 25.32 -11.49 -36.41
CA LEU D 74 25.93 -10.21 -36.67
C LEU D 74 26.42 -9.57 -35.40
N ASP D 75 25.69 -9.72 -34.31
CA ASP D 75 26.10 -9.14 -33.04
C ASP D 75 25.36 -9.76 -31.88
N ARG D 76 25.96 -9.76 -30.69
CA ARG D 76 25.33 -10.34 -29.51
C ARG D 76 25.90 -9.75 -28.25
N VAL D 77 25.18 -9.98 -27.16
CA VAL D 77 25.56 -9.49 -25.84
C VAL D 77 26.05 -10.72 -25.09
N GLU D 78 26.83 -10.54 -24.04
CA GLU D 78 27.28 -11.70 -23.28
C GLU D 78 26.24 -12.15 -22.23
N ASP D 79 26.14 -13.44 -21.96
CA ASP D 79 25.25 -13.93 -20.93
C ASP D 79 25.68 -13.27 -19.63
N GLY D 80 24.74 -12.85 -18.83
CA GLY D 80 25.11 -12.23 -17.59
C GLY D 80 25.16 -10.72 -17.68
N ALA D 81 24.72 -10.16 -18.81
CA ALA D 81 24.73 -8.72 -18.95
C ALA D 81 23.47 -8.16 -18.35
N ARG D 82 23.59 -7.03 -17.66
CA ARG D 82 22.45 -6.33 -17.05
C ARG D 82 21.97 -5.59 -18.27
N VAL D 83 20.68 -5.63 -18.51
CA VAL D 83 20.18 -5.06 -19.74
C VAL D 83 18.94 -4.20 -19.57
N PRO D 84 18.91 -3.06 -20.26
CA PRO D 84 17.78 -2.14 -20.19
C PRO D 84 16.72 -2.59 -21.16
N PRO D 85 15.51 -2.04 -21.02
CA PRO D 85 14.39 -2.38 -21.88
C PRO D 85 14.60 -2.66 -23.36
N GLY D 86 14.58 -1.67 -24.24
CA GLY D 86 14.69 -2.01 -25.66
C GLY D 86 16.00 -2.56 -26.17
N GLU D 87 16.78 -3.18 -25.31
CA GLU D 87 18.07 -3.74 -25.69
C GLU D 87 18.04 -4.92 -26.66
N ALA D 88 18.88 -4.86 -27.69
CA ALA D 88 18.95 -5.96 -28.66
C ALA D 88 20.03 -6.88 -28.12
N LEU D 89 19.63 -8.08 -27.68
CA LEU D 89 20.54 -9.07 -27.09
C LEU D 89 21.37 -9.77 -28.14
N MET D 90 20.80 -9.90 -29.32
CA MET D 90 21.47 -10.60 -30.39
C MET D 90 20.81 -10.23 -31.71
N THR D 91 21.61 -10.00 -32.73
CA THR D 91 21.08 -9.66 -34.03
C THR D 91 21.62 -10.66 -35.03
N LEU D 92 20.73 -11.33 -35.73
CA LEU D 92 21.15 -12.30 -36.72
C LEU D 92 20.53 -12.16 -38.09
N GLU D 93 21.08 -12.88 -39.04
CA GLU D 93 20.58 -12.86 -40.39
C GLU D 93 20.30 -14.32 -40.72
N ALA D 94 19.04 -14.69 -40.97
CA ALA D 94 18.77 -16.06 -41.26
C ALA D 94 17.61 -16.20 -42.22
N GLN D 95 17.43 -17.41 -42.75
CA GLN D 95 16.31 -17.64 -43.65
C GLN D 95 15.05 -17.38 -42.80
N THR D 96 14.20 -16.53 -43.33
CA THR D 96 12.97 -16.16 -42.64
C THR D 96 12.08 -17.28 -42.20
N ARG D 97 11.90 -18.30 -43.01
CA ARG D 97 11.01 -19.38 -42.60
C ARG D 97 11.57 -20.09 -41.39
N GLY D 98 12.88 -20.28 -41.37
CA GLY D 98 13.49 -20.95 -40.24
C GLY D 98 13.32 -20.21 -38.93
N LEU D 99 13.56 -18.90 -38.96
CA LEU D 99 13.40 -18.07 -37.78
C LEU D 99 11.99 -18.17 -37.23
N LEU D 100 11.01 -18.09 -38.10
CA LEU D 100 9.62 -18.11 -37.68
C LEU D 100 9.21 -19.42 -37.04
N THR D 101 9.94 -20.49 -37.34
CA THR D 101 9.62 -21.81 -36.79
C THR D 101 10.30 -22.01 -35.45
N ALA D 102 11.50 -21.47 -35.34
CA ALA D 102 12.34 -21.53 -34.15
C ALA D 102 11.88 -20.55 -33.07
N GLU D 103 11.43 -19.39 -33.50
CA GLU D 103 10.98 -18.31 -32.63
C GLU D 103 10.37 -18.65 -31.27
N ARG D 104 9.19 -19.27 -31.24
CA ARG D 104 8.55 -19.56 -29.95
C ARG D 104 9.36 -20.43 -28.97
N THR D 105 10.03 -21.46 -29.50
CA THR D 105 10.87 -22.36 -28.69
C THR D 105 12.06 -21.59 -28.18
N MET D 106 12.68 -20.83 -29.07
CA MET D 106 13.84 -20.05 -28.74
C MET D 106 13.52 -19.00 -27.68
N LEU D 107 12.40 -18.31 -27.86
CA LEU D 107 12.00 -17.28 -26.92
C LEU D 107 11.56 -17.86 -25.59
N ASN D 108 10.87 -18.99 -25.63
CA ASN D 108 10.42 -19.66 -24.41
C ASN D 108 11.61 -20.07 -23.53
N LEU D 109 12.69 -20.53 -24.15
CA LEU D 109 13.89 -20.97 -23.42
C LEU D 109 14.66 -19.81 -22.82
N VAL D 110 15.16 -18.90 -23.66
CA VAL D 110 15.93 -17.78 -23.14
C VAL D 110 15.10 -16.88 -22.21
N GLY D 111 13.80 -16.82 -22.45
CA GLY D 111 12.94 -16.01 -21.62
C GLY D 111 12.94 -16.60 -20.24
N HIS D 112 12.83 -17.92 -20.18
CA HIS D 112 12.81 -18.65 -18.93
C HIS D 112 14.17 -18.54 -18.24
N LEU D 113 15.23 -18.86 -18.94
CA LEU D 113 16.50 -18.80 -18.30
C LEU D 113 16.80 -17.36 -17.86
N SER D 114 16.42 -16.36 -18.65
CA SER D 114 16.73 -14.97 -18.26
C SER D 114 15.95 -14.59 -17.03
N GLY D 115 14.75 -15.14 -16.93
CA GLY D 115 13.95 -14.85 -15.77
C GLY D 115 14.67 -15.32 -14.52
N ILE D 116 15.25 -16.51 -14.58
CA ILE D 116 15.93 -17.08 -13.44
C ILE D 116 17.12 -16.22 -13.08
N ALA D 117 17.96 -15.91 -14.07
CA ALA D 117 19.15 -15.09 -13.82
C ALA D 117 18.76 -13.76 -13.24
N THR D 118 17.67 -13.21 -13.75
CA THR D 118 17.20 -11.94 -13.29
C THR D 118 16.82 -11.99 -11.83
N ALA D 119 16.06 -13.02 -11.45
CA ALA D 119 15.64 -13.16 -10.07
C ALA D 119 16.82 -13.39 -9.18
N THR D 120 17.72 -14.26 -9.59
CA THR D 120 18.84 -14.50 -8.72
C THR D 120 19.70 -13.28 -8.55
N ALA D 121 19.80 -12.43 -9.56
CA ALA D 121 20.61 -11.21 -9.46
C ALA D 121 19.97 -10.20 -8.50
N ALA D 122 18.67 -10.32 -8.28
CA ALA D 122 17.97 -9.46 -7.34
C ALA D 122 18.39 -9.91 -5.92
N TRP D 123 18.34 -11.22 -5.67
CA TRP D 123 18.69 -11.77 -4.37
C TRP D 123 20.11 -11.43 -3.99
N VAL D 124 21.01 -11.60 -4.95
CA VAL D 124 22.42 -11.28 -4.80
C VAL D 124 22.60 -9.81 -4.43
N ASP D 125 21.82 -8.91 -5.04
CA ASP D 125 21.94 -7.51 -4.69
C ASP D 125 21.46 -7.31 -3.28
N ALA D 126 20.33 -7.94 -2.97
CA ALA D 126 19.71 -7.83 -1.66
C ALA D 126 20.63 -8.13 -0.50
N VAL D 127 21.52 -9.10 -0.65
CA VAL D 127 22.39 -9.45 0.44
C VAL D 127 23.78 -8.93 0.28
N ARG D 128 23.91 -7.96 -0.59
CA ARG D 128 25.21 -7.36 -0.86
C ARG D 128 25.68 -6.71 0.46
N GLY D 129 26.98 -6.82 0.75
CA GLY D 129 27.52 -6.24 1.98
C GLY D 129 27.41 -7.15 3.19
N THR D 130 27.12 -8.40 2.88
CA THR D 130 26.92 -9.46 3.84
C THR D 130 27.85 -10.54 3.28
N LYS D 131 28.11 -11.61 4.04
CA LYS D 131 28.98 -12.64 3.49
C LYS D 131 28.22 -13.72 2.76
N ALA D 132 26.92 -13.74 3.00
CA ALA D 132 26.00 -14.70 2.42
C ALA D 132 26.01 -14.80 0.91
N LYS D 133 25.92 -16.01 0.39
CA LYS D 133 25.89 -16.29 -1.03
C LYS D 133 24.52 -16.88 -1.28
N ILE D 134 23.98 -16.65 -2.45
CA ILE D 134 22.65 -17.16 -2.81
C ILE D 134 22.84 -18.55 -3.44
N ARG D 135 22.06 -19.54 -3.03
CA ARG D 135 22.18 -20.87 -3.59
C ARG D 135 20.84 -21.44 -3.98
N ASP D 136 20.86 -22.33 -4.97
CA ASP D 136 19.62 -22.92 -5.46
C ASP D 136 19.27 -24.19 -4.73
N THR D 137 18.30 -24.93 -5.25
CA THR D 137 17.86 -26.15 -4.61
C THR D 137 17.61 -27.18 -5.70
N ARG D 138 16.95 -28.28 -5.33
CA ARG D 138 16.58 -29.34 -6.26
C ARG D 138 15.10 -29.17 -6.68
N LYS D 139 14.53 -28.01 -6.37
CA LYS D 139 13.15 -27.75 -6.75
C LYS D 139 13.25 -27.16 -8.13
N THR D 140 13.57 -28.05 -9.07
CA THR D 140 13.76 -27.70 -10.46
C THR D 140 12.70 -28.38 -11.36
N LEU D 141 12.47 -27.85 -12.55
CA LEU D 141 11.51 -28.49 -13.42
C LEU D 141 12.20 -29.67 -14.07
N PRO D 142 11.50 -30.80 -14.21
CA PRO D 142 12.02 -32.02 -14.81
C PRO D 142 12.51 -31.91 -16.24
N GLY D 143 13.80 -32.15 -16.42
CA GLY D 143 14.38 -32.04 -17.74
C GLY D 143 15.02 -30.68 -17.95
N LEU D 144 14.93 -29.78 -16.97
CA LEU D 144 15.55 -28.46 -17.11
C LEU D 144 16.57 -28.14 -16.06
N ARG D 145 16.75 -29.04 -15.10
CA ARG D 145 17.71 -28.78 -14.04
C ARG D 145 19.05 -28.20 -14.48
N ALA D 146 19.72 -28.83 -15.43
CA ALA D 146 21.04 -28.32 -15.81
C ALA D 146 20.98 -26.90 -16.32
N LEU D 147 19.89 -26.56 -17.02
CA LEU D 147 19.74 -25.24 -17.61
C LEU D 147 19.38 -24.23 -16.52
N GLN D 148 18.43 -24.60 -15.65
CA GLN D 148 18.06 -23.71 -14.56
C GLN D 148 19.22 -23.43 -13.60
N LYS D 149 20.10 -24.42 -13.41
CA LYS D 149 21.24 -24.27 -12.51
C LYS D 149 22.23 -23.32 -13.16
N TYR D 150 22.36 -23.46 -14.46
CA TYR D 150 23.22 -22.62 -15.25
C TYR D 150 22.77 -21.14 -15.11
N ALA D 151 21.47 -20.90 -15.23
CA ALA D 151 20.95 -19.54 -15.12
C ALA D 151 21.15 -18.90 -13.76
N VAL D 152 20.95 -19.61 -12.65
CA VAL D 152 21.16 -18.99 -11.34
C VAL D 152 22.60 -18.60 -11.20
N ARG D 153 23.47 -19.44 -11.74
CA ARG D 153 24.91 -19.18 -11.69
C ARG D 153 25.21 -17.89 -12.47
N THR D 154 24.54 -17.72 -13.60
CA THR D 154 24.71 -16.55 -14.48
C THR D 154 24.25 -15.26 -13.79
N GLY D 155 23.20 -15.38 -12.98
CA GLY D 155 22.67 -14.25 -12.24
C GLY D 155 23.51 -13.95 -11.01
N GLY D 156 24.51 -14.78 -10.75
CA GLY D 156 25.39 -14.57 -9.62
C GLY D 156 25.28 -15.52 -8.44
N GLY D 157 24.37 -16.49 -8.53
CA GLY D 157 24.23 -17.43 -7.44
C GLY D 157 25.20 -18.58 -7.59
N VAL D 158 25.20 -19.48 -6.62
CA VAL D 158 26.07 -20.64 -6.70
C VAL D 158 25.22 -21.88 -6.59
N ASN D 159 25.58 -22.85 -7.39
CA ASN D 159 24.84 -24.11 -7.44
C ASN D 159 25.03 -24.93 -6.21
N HIS D 160 23.95 -25.55 -5.75
CA HIS D 160 24.03 -26.42 -4.57
C HIS D 160 24.01 -27.89 -4.98
N ARG D 161 22.92 -28.60 -4.74
CA ARG D 161 22.93 -29.99 -5.10
C ARG D 161 22.36 -30.28 -6.47
N LEU D 162 23.06 -31.13 -7.22
CA LEU D 162 22.63 -31.50 -8.56
C LEU D 162 21.70 -32.72 -8.59
N GLY D 163 21.65 -33.44 -7.49
CA GLY D 163 20.82 -34.62 -7.46
C GLY D 163 21.03 -35.30 -6.14
N LEU D 164 20.39 -36.45 -5.97
CA LEU D 164 20.44 -37.28 -4.76
C LEU D 164 21.81 -37.78 -4.23
N GLY D 165 22.76 -38.12 -5.10
CA GLY D 165 24.05 -38.61 -4.65
C GLY D 165 25.18 -37.60 -4.53
N ASP D 166 24.85 -36.35 -4.76
CA ASP D 166 25.79 -35.25 -4.70
C ASP D 166 26.59 -35.15 -3.41
N ALA D 167 25.83 -35.13 -2.32
CA ALA D 167 26.35 -34.99 -0.99
C ALA D 167 25.35 -35.70 -0.11
N ALA D 168 25.72 -35.97 1.14
CA ALA D 168 24.83 -36.64 2.06
C ALA D 168 24.04 -35.56 2.78
N LEU D 169 22.71 -35.60 2.65
CA LEU D 169 21.83 -34.62 3.30
C LEU D 169 20.92 -35.36 4.28
N ILE D 170 21.21 -35.24 5.57
CA ILE D 170 20.35 -35.89 6.58
C ILE D 170 19.13 -35.00 6.85
N LYS D 171 17.95 -35.56 6.66
CA LYS D 171 16.70 -34.85 6.86
C LYS D 171 15.99 -35.51 8.02
N ASP D 172 14.80 -34.99 8.26
CA ASP D 172 13.90 -35.45 9.29
C ASP D 172 13.72 -36.97 9.25
N ASN D 173 13.39 -37.48 8.08
CA ASN D 173 13.18 -38.91 7.91
C ASN D 173 14.39 -39.74 8.38
N HIS D 174 15.59 -39.29 8.03
CA HIS D 174 16.79 -40.03 8.38
C HIS D 174 17.07 -40.03 9.87
N VAL D 175 16.91 -38.88 10.51
CA VAL D 175 17.15 -38.75 11.95
C VAL D 175 16.29 -39.75 12.74
N ALA D 176 15.02 -39.87 12.33
CA ALA D 176 14.04 -40.77 12.95
C ALA D 176 14.48 -42.20 12.88
N ALA D 177 14.72 -42.65 11.66
CA ALA D 177 15.16 -44.01 11.39
C ALA D 177 16.43 -44.39 12.14
N ALA D 178 17.36 -43.45 12.22
CA ALA D 178 18.60 -43.70 12.92
C ALA D 178 18.39 -43.67 14.44
N GLY D 179 17.42 -42.88 14.86
CA GLY D 179 17.16 -42.75 16.27
C GLY D 179 17.33 -41.29 16.63
N SER D 180 18.47 -40.73 16.24
CA SER D 180 18.76 -39.34 16.51
C SER D 180 19.55 -38.74 15.35
N VAL D 181 19.67 -37.42 15.39
CA VAL D 181 20.37 -36.69 14.34
C VAL D 181 21.81 -37.16 14.29
N VAL D 182 22.40 -37.41 15.45
CA VAL D 182 23.78 -37.84 15.49
C VAL D 182 23.90 -39.25 14.97
N ASP D 183 22.87 -40.05 15.21
CA ASP D 183 22.83 -41.44 14.77
C ASP D 183 22.90 -41.46 13.25
N ALA D 184 21.96 -40.74 12.64
CA ALA D 184 21.92 -40.66 11.19
C ALA D 184 23.24 -40.12 10.65
N LEU D 185 23.80 -39.14 11.34
CA LEU D 185 25.05 -38.50 10.92
C LEU D 185 26.18 -39.49 10.97
N ARG D 186 26.33 -40.15 12.09
CA ARG D 186 27.38 -41.10 12.24
C ARG D 186 27.27 -42.22 11.22
N ALA D 187 26.05 -42.69 11.05
CA ALA D 187 25.75 -43.76 10.10
C ALA D 187 26.28 -43.41 8.73
N VAL D 188 25.90 -42.23 8.25
CA VAL D 188 26.32 -41.78 6.95
C VAL D 188 27.81 -41.56 6.93
N ARG D 189 28.37 -41.06 8.03
CA ARG D 189 29.81 -40.83 8.10
C ARG D 189 30.59 -42.10 7.76
N ASN D 190 30.06 -43.23 8.21
CA ASN D 190 30.70 -44.49 7.96
C ASN D 190 30.38 -45.07 6.59
N ALA D 191 29.16 -44.85 6.14
CA ALA D 191 28.73 -45.36 4.85
C ALA D 191 29.36 -44.65 3.65
N ALA D 192 29.48 -43.32 3.70
CA ALA D 192 30.09 -42.59 2.58
C ALA D 192 31.01 -41.50 3.10
N PRO D 193 32.15 -41.91 3.65
CA PRO D 193 33.16 -41.02 4.21
C PRO D 193 33.71 -40.00 3.21
N ASP D 194 33.62 -40.34 1.93
CA ASP D 194 34.11 -39.50 0.85
C ASP D 194 33.15 -38.37 0.52
N LEU D 195 31.91 -38.52 0.99
CA LEU D 195 30.84 -37.57 0.71
C LEU D 195 30.60 -36.43 1.71
N PRO D 196 30.25 -35.23 1.21
CA PRO D 196 29.97 -34.04 2.02
C PRO D 196 28.67 -34.19 2.82
N CYS D 197 28.78 -33.97 4.12
CA CYS D 197 27.64 -34.08 5.00
C CYS D 197 26.96 -32.74 5.10
N GLU D 198 25.64 -32.81 5.16
CA GLU D 198 24.80 -31.65 5.31
C GLU D 198 23.67 -32.18 6.15
N VAL D 199 23.39 -31.49 7.24
CA VAL D 199 22.29 -31.91 8.07
C VAL D 199 21.31 -30.78 8.25
N GLU D 200 20.05 -31.11 8.05
CA GLU D 200 18.95 -30.20 8.16
C GLU D 200 18.42 -30.25 9.59
N VAL D 201 18.42 -29.11 10.28
CA VAL D 201 17.87 -29.02 11.63
C VAL D 201 16.70 -28.04 11.63
N ASP D 202 15.68 -28.35 12.40
CA ASP D 202 14.56 -27.44 12.41
C ASP D 202 14.33 -26.83 13.79
N SER D 203 15.29 -26.99 14.69
CA SER D 203 15.18 -26.43 16.02
C SER D 203 16.56 -26.13 16.55
N LEU D 204 16.65 -25.25 17.53
CA LEU D 204 17.95 -24.91 18.10
C LEU D 204 18.48 -26.09 18.89
N GLU D 205 17.55 -26.97 19.28
CA GLU D 205 17.89 -28.17 20.05
C GLU D 205 18.67 -29.10 19.13
N GLN D 206 18.13 -29.38 17.95
CA GLN D 206 18.84 -30.23 16.99
C GLN D 206 20.16 -29.54 16.63
N LEU D 207 20.14 -28.21 16.56
CA LEU D 207 21.35 -27.50 16.20
C LEU D 207 22.41 -27.84 17.20
N ASP D 208 22.09 -27.67 18.48
CA ASP D 208 23.02 -27.94 19.56
C ASP D 208 23.56 -29.35 19.49
N ALA D 209 22.66 -30.28 19.18
CA ALA D 209 22.99 -31.68 19.06
C ALA D 209 24.01 -32.06 17.97
N VAL D 210 23.91 -31.45 16.78
CA VAL D 210 24.83 -31.80 15.70
C VAL D 210 26.05 -30.93 15.64
N LEU D 211 25.98 -29.76 16.27
CA LEU D 211 27.13 -28.85 16.25
C LEU D 211 28.44 -29.52 16.59
N PRO D 212 28.48 -30.28 17.71
CA PRO D 212 29.73 -30.93 18.08
C PRO D 212 30.20 -32.00 17.07
N GLU D 213 29.28 -32.55 16.27
CA GLU D 213 29.64 -33.57 15.27
C GLU D 213 30.36 -32.89 14.12
N LYS D 214 30.38 -31.56 14.15
CA LYS D 214 31.03 -30.77 13.13
C LYS D 214 30.75 -31.14 11.70
N PRO D 215 29.46 -31.20 11.31
CA PRO D 215 29.16 -31.54 9.91
C PRO D 215 29.66 -30.38 9.08
N GLU D 216 29.82 -30.59 7.77
CA GLU D 216 30.30 -29.57 6.85
C GLU D 216 29.33 -28.41 6.77
N LEU D 217 28.05 -28.70 6.82
CA LEU D 217 27.05 -27.67 6.63
C LEU D 217 25.79 -28.03 7.37
N ILE D 218 25.16 -27.02 8.00
CA ILE D 218 23.92 -27.23 8.70
C ILE D 218 22.91 -26.31 8.04
N LEU D 219 21.76 -26.87 7.71
CA LEU D 219 20.67 -26.14 7.08
C LEU D 219 19.65 -25.80 8.13
N LEU D 220 19.42 -24.50 8.35
CA LEU D 220 18.45 -24.01 9.32
C LEU D 220 17.13 -23.96 8.59
N ASP D 221 16.29 -24.93 8.86
CA ASP D 221 15.00 -25.00 8.23
C ASP D 221 13.91 -24.17 8.93
N ASN D 222 13.46 -23.11 8.25
CA ASN D 222 12.42 -22.25 8.77
C ASN D 222 12.72 -21.66 10.13
N PHE D 223 13.86 -21.01 10.28
CA PHE D 223 14.19 -20.38 11.55
C PHE D 223 13.77 -18.91 11.44
N ALA D 224 13.35 -18.34 12.56
CA ALA D 224 12.98 -16.92 12.63
C ALA D 224 14.31 -16.19 12.60
N VAL D 225 14.28 -14.89 12.37
CA VAL D 225 15.55 -14.20 12.33
C VAL D 225 16.30 -14.35 13.63
N TRP D 226 15.60 -14.20 14.75
CA TRP D 226 16.24 -14.28 16.06
C TRP D 226 16.88 -15.62 16.29
N GLN D 227 16.26 -16.68 15.85
CA GLN D 227 16.86 -18.00 16.04
C GLN D 227 18.04 -18.19 15.12
N THR D 228 18.02 -17.51 13.98
CA THR D 228 19.12 -17.62 13.05
C THR D 228 20.35 -16.92 13.64
N GLN D 229 20.11 -15.80 14.32
CA GLN D 229 21.19 -15.06 14.94
C GLN D 229 21.83 -15.89 16.03
N THR D 230 21.01 -16.53 16.86
CA THR D 230 21.48 -17.40 17.94
C THR D 230 22.32 -18.52 17.31
N ALA D 231 21.77 -19.17 16.27
CA ALA D 231 22.46 -20.26 15.56
C ALA D 231 23.87 -19.87 15.13
N VAL D 232 24.00 -18.62 14.68
CA VAL D 232 25.28 -18.12 14.28
C VAL D 232 26.13 -17.91 15.50
N GLN D 233 25.55 -17.39 16.59
CA GLN D 233 26.33 -17.18 17.83
C GLN D 233 26.90 -18.53 18.30
N ARG D 234 26.04 -19.52 18.44
CA ARG D 234 26.47 -20.85 18.84
C ARG D 234 27.51 -21.45 17.90
N ARG D 235 27.25 -21.42 16.60
CA ARG D 235 28.22 -21.93 15.64
C ARG D 235 29.58 -21.26 15.83
N ASP D 236 29.60 -19.93 15.84
CA ASP D 236 30.84 -19.15 15.97
C ASP D 236 31.68 -19.49 17.19
N SER D 237 31.01 -19.84 18.27
CA SER D 237 31.72 -20.18 19.49
C SER D 237 32.02 -21.67 19.63
N ARG D 238 31.08 -22.53 19.26
CA ARG D 238 31.31 -23.96 19.38
C ARG D 238 31.92 -24.69 18.21
N ALA D 239 31.54 -24.34 16.98
CA ALA D 239 32.03 -25.02 15.80
C ALA D 239 32.20 -24.05 14.67
N PRO D 240 33.26 -23.24 14.72
CA PRO D 240 33.63 -22.20 13.75
C PRO D 240 33.70 -22.68 12.30
N THR D 241 34.06 -23.95 12.11
CA THR D 241 34.21 -24.54 10.77
C THR D 241 32.94 -24.90 10.02
N VAL D 242 31.88 -25.13 10.78
CA VAL D 242 30.59 -25.46 10.21
C VAL D 242 29.97 -24.25 9.49
N MET D 243 29.48 -24.50 8.28
CA MET D 243 28.80 -23.49 7.50
C MET D 243 27.31 -23.60 7.88
N LEU D 244 26.61 -22.48 7.74
CA LEU D 244 25.19 -22.43 8.06
C LEU D 244 24.47 -21.87 6.83
N GLU D 245 23.30 -22.44 6.53
CA GLU D 245 22.49 -22.04 5.38
C GLU D 245 21.05 -21.93 5.76
N SER D 246 20.46 -20.76 5.54
CA SER D 246 19.06 -20.59 5.91
C SER D 246 18.18 -21.16 4.80
N SER D 247 17.13 -21.86 5.17
CA SER D 247 16.26 -22.45 4.20
C SER D 247 14.83 -22.40 4.69
N GLY D 248 13.87 -22.05 3.87
CA GLY D 248 12.53 -22.07 4.39
C GLY D 248 11.70 -20.80 4.35
N GLY D 249 11.65 -20.03 5.43
CA GLY D 249 10.83 -18.83 5.41
C GLY D 249 11.46 -17.57 4.81
N LEU D 250 12.10 -17.74 3.65
CA LEU D 250 12.81 -16.66 2.97
C LEU D 250 12.01 -15.96 1.93
N SER D 251 12.04 -14.63 1.97
CA SER D 251 11.36 -13.82 0.98
C SER D 251 12.37 -12.76 0.60
N LEU D 252 12.22 -12.18 -0.58
CA LEU D 252 13.15 -11.16 -0.99
C LEU D 252 13.10 -9.94 -0.03
N GLN D 253 11.97 -9.77 0.67
CA GLN D 253 11.82 -8.65 1.63
C GLN D 253 12.65 -8.92 2.90
N THR D 254 12.72 -10.17 3.32
CA THR D 254 13.45 -10.59 4.52
C THR D 254 14.93 -11.03 4.32
N ALA D 255 15.27 -11.34 3.06
CA ALA D 255 16.59 -11.82 2.68
C ALA D 255 17.74 -11.12 3.37
N ALA D 256 17.79 -9.82 3.26
CA ALA D 256 18.88 -9.06 3.85
C ALA D 256 18.91 -9.22 5.34
N THR D 257 17.73 -9.27 5.96
CA THR D 257 17.61 -9.43 7.40
C THR D 257 18.26 -10.70 7.79
N TYR D 258 17.93 -11.78 7.10
CA TYR D 258 18.56 -13.07 7.43
C TYR D 258 20.05 -12.98 7.14
N ALA D 259 20.40 -12.32 6.06
CA ALA D 259 21.79 -12.23 5.67
C ALA D 259 22.68 -11.58 6.70
N GLU D 260 22.20 -10.52 7.31
CA GLU D 260 22.96 -9.79 8.31
C GLU D 260 23.25 -10.54 9.59
N THR D 261 22.60 -11.68 9.79
CA THR D 261 22.84 -12.50 10.99
C THR D 261 24.23 -13.15 10.90
N GLY D 262 24.72 -13.30 9.67
CA GLY D 262 26.02 -13.89 9.47
C GLY D 262 25.98 -15.28 8.85
N VAL D 263 24.80 -15.80 8.50
CA VAL D 263 24.72 -17.11 7.84
C VAL D 263 25.54 -17.07 6.55
N ASP D 264 26.10 -18.20 6.17
CA ASP D 264 26.93 -18.27 4.99
C ASP D 264 26.12 -18.32 3.69
N TYR D 265 24.91 -18.84 3.73
CA TYR D 265 24.15 -18.96 2.50
C TYR D 265 22.66 -18.82 2.72
N LEU D 266 21.95 -18.55 1.63
CA LEU D 266 20.50 -18.47 1.63
C LEU D 266 20.12 -19.42 0.52
N ALA D 267 19.35 -20.46 0.84
CA ALA D 267 18.88 -21.48 -0.12
C ALA D 267 17.54 -21.02 -0.60
N VAL D 268 17.45 -20.66 -1.89
CA VAL D 268 16.19 -20.11 -2.45
C VAL D 268 15.48 -20.99 -3.47
N GLY D 269 14.46 -21.69 -3.04
CA GLY D 269 13.78 -22.55 -3.98
C GLY D 269 13.14 -21.79 -5.11
N ALA D 270 12.64 -20.59 -4.82
CA ALA D 270 11.93 -19.77 -5.82
C ALA D 270 12.71 -19.36 -7.07
N LEU D 271 14.02 -19.44 -7.02
CA LEU D 271 14.82 -19.06 -8.16
C LEU D 271 14.53 -19.98 -9.32
N THR D 272 14.18 -21.23 -9.03
CA THR D 272 13.94 -22.23 -10.05
C THR D 272 12.52 -22.74 -10.13
N HIS D 273 11.80 -22.84 -9.01
CA HIS D 273 10.37 -23.21 -9.10
C HIS D 273 9.77 -21.82 -9.12
N SER D 274 8.51 -21.58 -9.36
CA SER D 274 8.09 -20.13 -9.35
C SER D 274 8.92 -19.08 -10.13
N VAL D 275 9.20 -19.24 -11.43
CA VAL D 275 9.99 -18.20 -12.10
C VAL D 275 9.11 -17.36 -12.98
N ARG D 276 9.48 -16.09 -13.11
CA ARG D 276 8.75 -15.12 -13.93
C ARG D 276 9.63 -14.80 -15.11
N VAL D 277 9.08 -15.05 -16.29
CA VAL D 277 9.78 -14.90 -17.54
C VAL D 277 10.26 -13.48 -17.79
N LEU D 278 11.44 -13.35 -18.42
CA LEU D 278 11.97 -12.05 -18.81
C LEU D 278 11.36 -11.91 -20.20
N ASP D 279 10.53 -10.90 -20.41
CA ASP D 279 9.87 -10.71 -21.69
C ASP D 279 10.83 -10.28 -22.79
N ILE D 280 10.94 -11.13 -23.82
CA ILE D 280 11.82 -10.90 -24.94
C ILE D 280 11.08 -11.20 -26.24
N GLY D 281 11.32 -10.38 -27.27
CA GLY D 281 10.68 -10.56 -28.56
C GLY D 281 11.72 -10.70 -29.66
N LEU D 282 11.32 -11.27 -30.79
CA LEU D 282 12.20 -11.41 -31.96
C LEU D 282 11.68 -10.36 -32.92
N ASP D 283 12.44 -9.31 -33.16
CA ASP D 283 12.02 -8.21 -34.03
C ASP D 283 12.66 -8.25 -35.39
N MET D 284 11.83 -8.33 -36.42
CA MET D 284 12.31 -8.40 -37.79
C MET D 284 11.98 -7.15 -38.56
N GLY E 1 -29.22 20.13 -19.96
CA GLY E 1 -29.72 21.34 -20.72
C GLY E 1 -29.10 22.62 -20.21
N LEU E 2 -28.31 23.27 -21.04
CA LEU E 2 -27.70 24.50 -20.61
C LEU E 2 -28.75 25.59 -20.65
N SER E 3 -28.85 26.35 -19.57
CA SER E 3 -29.78 27.46 -19.50
C SER E 3 -29.09 28.61 -20.26
N ASP E 4 -29.85 29.62 -20.66
CA ASP E 4 -29.28 30.74 -21.40
C ASP E 4 -28.08 31.39 -20.70
N TRP E 5 -28.12 31.52 -19.39
CA TRP E 5 -27.00 32.08 -18.67
C TRP E 5 -25.79 31.17 -18.92
N GLU E 6 -25.96 29.87 -18.75
CA GLU E 6 -24.86 28.92 -18.97
C GLU E 6 -24.47 28.90 -20.42
N LEU E 7 -25.45 29.03 -21.30
CA LEU E 7 -25.19 29.03 -22.74
C LEU E 7 -24.30 30.19 -23.13
N ALA E 8 -24.52 31.34 -22.47
CA ALA E 8 -23.74 32.54 -22.73
C ALA E 8 -22.32 32.33 -22.22
N ALA E 9 -22.20 31.70 -21.05
CA ALA E 9 -20.90 31.40 -20.45
C ALA E 9 -20.12 30.39 -21.34
N ALA E 10 -20.85 29.44 -21.92
CA ALA E 10 -20.27 28.43 -22.82
C ALA E 10 -19.68 29.11 -24.04
N ARG E 11 -20.49 29.91 -24.73
CA ARG E 11 -20.03 30.67 -25.90
C ARG E 11 -18.80 31.56 -25.64
N ALA E 12 -18.81 32.28 -24.52
CA ALA E 12 -17.68 33.14 -24.17
C ALA E 12 -16.42 32.32 -23.94
N ALA E 13 -16.60 31.13 -23.35
CA ALA E 13 -15.48 30.26 -23.09
C ALA E 13 -14.95 29.68 -24.40
N ILE E 14 -15.83 29.10 -25.21
CA ILE E 14 -15.33 28.52 -26.46
C ILE E 14 -14.66 29.63 -27.29
N ALA E 15 -15.21 30.84 -27.25
CA ALA E 15 -14.61 31.94 -28.02
C ALA E 15 -13.18 32.23 -27.52
N ARG E 16 -13.00 32.40 -26.20
CA ARG E 16 -11.68 32.64 -25.61
C ARG E 16 -10.74 31.50 -25.97
N GLY E 17 -11.29 30.28 -26.05
CA GLY E 17 -10.46 29.14 -26.39
C GLY E 17 -9.93 29.19 -27.80
N LEU E 18 -10.81 29.42 -28.78
CA LEU E 18 -10.40 29.51 -30.20
C LEU E 18 -9.46 30.66 -30.40
N ASP E 19 -9.68 31.75 -29.71
CA ASP E 19 -8.77 32.86 -29.87
C ASP E 19 -7.37 32.51 -29.39
N GLU E 20 -7.25 31.73 -28.33
CA GLU E 20 -5.93 31.35 -27.87
C GLU E 20 -5.22 30.47 -28.91
N ASP E 21 -5.97 29.57 -29.54
CA ASP E 21 -5.43 28.67 -30.55
C ASP E 21 -5.07 29.34 -31.88
N LEU E 22 -5.95 30.24 -32.34
CA LEU E 22 -5.78 30.94 -33.61
C LEU E 22 -4.98 32.24 -33.54
N ARG E 23 -4.67 32.68 -32.34
CA ARG E 23 -3.91 33.90 -32.16
C ARG E 23 -2.60 33.93 -32.96
N TYR E 24 -1.95 32.79 -33.12
CA TYR E 24 -0.67 32.79 -33.82
C TYR E 24 -0.78 32.45 -35.28
N GLY E 25 -1.99 32.52 -35.83
CA GLY E 25 -2.21 32.21 -37.22
C GLY E 25 -3.02 30.95 -37.32
N PRO E 26 -3.53 30.62 -38.52
CA PRO E 26 -4.35 29.42 -38.76
C PRO E 26 -3.55 28.13 -38.65
N ASP E 27 -4.29 27.04 -38.65
CA ASP E 27 -3.65 25.76 -38.55
C ASP E 27 -2.95 25.53 -39.88
N VAL E 28 -1.75 26.03 -39.98
CA VAL E 28 -0.96 25.88 -41.21
C VAL E 28 -0.79 24.41 -41.68
N THR E 29 -0.73 23.50 -40.70
CA THR E 29 -0.55 22.10 -41.04
C THR E 29 -1.78 21.38 -41.58
N THR E 30 -2.98 21.71 -41.11
CA THR E 30 -4.15 21.05 -41.69
C THR E 30 -4.28 21.65 -43.09
N LEU E 31 -4.16 22.97 -43.15
CA LEU E 31 -4.26 23.66 -44.42
C LEU E 31 -3.42 22.94 -45.46
N ALA E 32 -2.15 22.78 -45.15
CA ALA E 32 -1.24 22.11 -46.07
C ALA E 32 -1.60 20.66 -46.38
N THR E 33 -2.02 19.89 -45.39
CA THR E 33 -2.29 18.46 -45.62
C THR E 33 -3.68 18.00 -45.97
N VAL E 34 -4.69 18.73 -45.50
CA VAL E 34 -6.07 18.35 -45.75
C VAL E 34 -6.87 19.33 -46.60
N PRO E 35 -7.47 18.80 -47.68
CA PRO E 35 -8.26 19.61 -48.59
C PRO E 35 -9.49 20.21 -47.95
N ALA E 36 -9.83 21.38 -48.43
CA ALA E 36 -10.98 22.10 -47.90
C ALA E 36 -12.28 21.38 -48.18
N SER E 37 -12.29 20.50 -49.17
CA SER E 37 -13.54 19.80 -49.48
C SER E 37 -13.69 18.52 -48.68
N ALA E 38 -12.64 18.18 -47.95
CA ALA E 38 -12.62 16.97 -47.12
C ALA E 38 -13.67 16.98 -46.01
N THR E 39 -14.36 15.86 -45.89
CA THR E 39 -15.43 15.62 -44.93
C THR E 39 -15.24 14.27 -44.20
N THR E 40 -15.44 14.24 -42.88
CA THR E 40 -15.34 12.97 -42.14
C THR E 40 -16.44 12.81 -41.18
N THR E 41 -16.42 11.63 -40.59
CA THR E 41 -17.34 11.25 -39.55
C THR E 41 -16.37 11.10 -38.41
N ALA E 42 -16.62 11.81 -37.32
CA ALA E 42 -15.76 11.74 -36.17
C ALA E 42 -16.58 11.36 -34.99
N SER E 43 -15.91 10.86 -33.96
CA SER E 43 -16.59 10.48 -32.74
C SER E 43 -15.81 10.93 -31.55
N LEU E 44 -16.53 11.50 -30.59
CA LEU E 44 -15.90 11.88 -29.33
C LEU E 44 -16.04 10.56 -28.54
N VAL E 45 -14.92 9.88 -28.28
CA VAL E 45 -15.00 8.63 -27.52
C VAL E 45 -14.12 8.74 -26.29
N THR E 46 -14.67 8.26 -25.18
CA THR E 46 -13.95 8.28 -23.90
C THR E 46 -12.83 7.25 -23.86
N ARG E 47 -11.70 7.64 -23.31
CA ARG E 47 -10.59 6.74 -23.16
C ARG E 47 -10.73 6.11 -21.78
N GLU E 48 -11.65 6.63 -20.97
CA GLU E 48 -11.84 6.10 -19.63
C GLU E 48 -13.27 6.21 -19.18
N ALA E 49 -13.60 5.60 -18.06
CA ALA E 49 -14.98 5.63 -17.60
C ALA E 49 -15.25 6.87 -16.79
N GLY E 50 -16.51 7.30 -16.81
CA GLY E 50 -16.88 8.45 -16.06
C GLY E 50 -18.32 8.85 -16.30
N VAL E 51 -18.62 10.10 -15.99
CA VAL E 51 -19.94 10.66 -16.15
C VAL E 51 -19.62 11.76 -17.12
N VAL E 52 -20.37 11.81 -18.21
CA VAL E 52 -20.17 12.81 -19.24
C VAL E 52 -20.96 14.08 -18.99
N ALA E 53 -20.32 15.22 -19.19
CA ALA E 53 -21.00 16.49 -19.05
C ALA E 53 -20.36 17.46 -20.05
N GLY E 54 -21.16 18.38 -20.58
CA GLY E 54 -20.65 19.39 -21.50
C GLY E 54 -20.69 19.11 -22.97
N LEU E 55 -21.49 18.16 -23.38
CA LEU E 55 -21.60 17.80 -24.79
C LEU E 55 -22.16 18.93 -25.63
N ASP E 56 -23.06 19.72 -25.06
CA ASP E 56 -23.64 20.85 -25.77
C ASP E 56 -22.56 21.84 -26.05
N VAL E 57 -21.57 21.92 -25.18
CA VAL E 57 -20.46 22.86 -25.38
C VAL E 57 -19.64 22.41 -26.59
N ALA E 58 -19.68 21.12 -26.91
CA ALA E 58 -18.92 20.60 -28.07
C ALA E 58 -19.63 21.09 -29.33
N LEU E 59 -20.95 20.94 -29.36
CA LEU E 59 -21.75 21.40 -30.47
C LEU E 59 -21.55 22.90 -30.67
N LEU E 60 -21.60 23.69 -29.58
CA LEU E 60 -21.42 25.15 -29.66
C LEU E 60 -20.07 25.53 -30.26
N THR E 61 -19.08 24.68 -30.08
CA THR E 61 -17.76 24.97 -30.64
C THR E 61 -17.79 24.78 -32.18
N LEU E 62 -18.57 23.78 -32.60
CA LEU E 62 -18.75 23.50 -34.02
C LEU E 62 -19.53 24.65 -34.64
N ASN E 63 -20.66 25.05 -34.06
CA ASN E 63 -21.41 26.20 -34.58
C ASN E 63 -20.50 27.36 -34.86
N GLU E 64 -19.61 27.62 -33.90
CA GLU E 64 -18.69 28.71 -34.01
C GLU E 64 -17.67 28.53 -35.10
N VAL E 65 -17.15 27.32 -35.24
CA VAL E 65 -16.12 27.05 -36.25
C VAL E 65 -16.65 26.71 -37.63
N LEU E 66 -17.66 25.88 -37.69
CA LEU E 66 -18.26 25.45 -38.94
C LEU E 66 -19.55 26.13 -39.32
N GLY E 67 -20.19 26.77 -38.36
CA GLY E 67 -21.46 27.41 -38.63
C GLY E 67 -22.48 26.39 -38.18
N THR E 68 -23.59 26.88 -37.65
CA THR E 68 -24.67 26.05 -37.18
C THR E 68 -25.00 24.84 -38.04
N ASN E 69 -24.99 25.04 -39.35
CA ASN E 69 -25.31 23.95 -40.25
C ASN E 69 -24.09 23.44 -40.98
N GLY E 70 -22.93 23.50 -40.33
CA GLY E 70 -21.70 23.04 -40.96
C GLY E 70 -21.35 21.59 -40.65
N TYR E 71 -22.21 20.95 -39.89
CA TYR E 71 -21.97 19.59 -39.47
C TYR E 71 -23.29 18.92 -39.23
N ARG E 72 -23.26 17.59 -39.12
CA ARG E 72 -24.47 16.81 -38.89
C ARG E 72 -24.19 15.84 -37.73
N VAL E 73 -25.12 15.80 -36.77
CA VAL E 73 -25.00 14.91 -35.62
C VAL E 73 -25.76 13.62 -35.93
N LEU E 74 -25.03 12.53 -36.05
CA LEU E 74 -25.67 11.28 -36.35
C LEU E 74 -26.12 10.66 -35.07
N ASP E 75 -25.43 10.97 -33.97
CA ASP E 75 -25.75 10.39 -32.67
C ASP E 75 -24.98 10.98 -31.47
N ARG E 76 -25.62 10.97 -30.32
CA ARG E 76 -25.02 11.51 -29.11
C ARG E 76 -25.61 10.89 -27.85
N VAL E 77 -24.84 10.99 -26.77
CA VAL E 77 -25.24 10.46 -25.50
C VAL E 77 -25.80 11.66 -24.69
N GLU E 78 -26.56 11.42 -23.63
CA GLU E 78 -27.08 12.53 -22.86
C GLU E 78 -26.09 12.91 -21.77
N ASP E 79 -26.02 14.18 -21.40
CA ASP E 79 -25.18 14.62 -20.29
C ASP E 79 -25.70 13.89 -19.03
N GLY E 80 -24.77 13.47 -18.21
CA GLY E 80 -25.17 12.78 -17.01
C GLY E 80 -25.11 11.28 -17.14
N ALA E 81 -24.72 10.79 -18.32
CA ALA E 81 -24.65 9.35 -18.55
C ALA E 81 -23.40 8.78 -17.93
N ARG E 82 -23.53 7.63 -17.29
CA ARG E 82 -22.36 6.96 -16.72
C ARG E 82 -21.84 6.25 -17.97
N VAL E 83 -20.56 6.37 -18.24
CA VAL E 83 -20.06 5.85 -19.49
C VAL E 83 -18.81 4.99 -19.36
N PRO E 84 -18.79 3.82 -20.01
CA PRO E 84 -17.62 2.92 -19.95
C PRO E 84 -16.56 3.41 -20.88
N PRO E 85 -15.34 2.90 -20.76
CA PRO E 85 -14.22 3.31 -21.59
C PRO E 85 -14.39 3.66 -23.08
N GLY E 86 -14.40 2.70 -23.96
CA GLY E 86 -14.45 3.09 -25.36
C GLY E 86 -15.73 3.66 -25.92
N GLU E 87 -16.58 4.19 -25.06
CA GLU E 87 -17.86 4.75 -25.44
C GLU E 87 -17.83 5.93 -26.38
N ALA E 88 -18.72 5.94 -27.38
CA ALA E 88 -18.82 7.03 -28.36
C ALA E 88 -19.85 7.99 -27.83
N LEU E 89 -19.41 9.12 -27.30
CA LEU E 89 -20.34 10.11 -26.70
C LEU E 89 -21.17 10.84 -27.74
N MET E 90 -20.57 11.07 -28.89
CA MET E 90 -21.24 11.77 -29.97
C MET E 90 -20.52 11.46 -31.25
N THR E 91 -21.30 11.17 -32.29
CA THR E 91 -20.76 10.90 -33.64
C THR E 91 -21.32 11.95 -34.63
N LEU E 92 -20.41 12.69 -35.27
CA LEU E 92 -20.82 13.71 -36.23
C LEU E 92 -20.13 13.64 -37.58
N GLU E 93 -20.76 14.30 -38.55
CA GLU E 93 -20.25 14.33 -39.89
C GLU E 93 -19.98 15.81 -40.14
N ALA E 94 -18.74 16.14 -40.46
CA ALA E 94 -18.41 17.53 -40.67
C ALA E 94 -17.15 17.70 -41.53
N GLN E 95 -16.96 18.91 -42.04
CA GLN E 95 -15.81 19.22 -42.87
C GLN E 95 -14.58 18.95 -42.02
N THR E 96 -13.71 18.11 -42.52
CA THR E 96 -12.49 17.76 -41.82
C THR E 96 -11.66 18.90 -41.24
N ARG E 97 -11.37 19.93 -42.02
CA ARG E 97 -10.58 21.07 -41.54
C ARG E 97 -11.20 21.76 -40.29
N GLY E 98 -12.52 21.89 -40.30
CA GLY E 98 -13.19 22.53 -39.20
C GLY E 98 -13.05 21.65 -37.99
N LEU E 99 -13.28 20.34 -38.14
CA LEU E 99 -13.17 19.44 -37.00
C LEU E 99 -11.78 19.57 -36.39
N LEU E 100 -10.75 19.52 -37.21
CA LEU E 100 -9.40 19.64 -36.68
C LEU E 100 -9.11 20.97 -35.96
N THR E 101 -9.81 22.04 -36.32
CA THR E 101 -9.56 23.33 -35.69
C THR E 101 -10.30 23.42 -34.37
N ALA E 102 -11.48 22.82 -34.30
CA ALA E 102 -12.33 22.80 -33.10
C ALA E 102 -11.84 21.84 -32.01
N GLU E 103 -11.33 20.68 -32.45
CA GLU E 103 -10.85 19.59 -31.62
C GLU E 103 -10.34 19.88 -30.24
N ARG E 104 -9.19 20.54 -30.16
CA ARG E 104 -8.57 20.82 -28.87
C ARG E 104 -9.42 21.65 -27.92
N THR E 105 -10.05 22.71 -28.42
CA THR E 105 -10.91 23.54 -27.58
C THR E 105 -12.10 22.73 -27.04
N MET E 106 -12.71 21.98 -27.93
CA MET E 106 -13.86 21.14 -27.63
C MET E 106 -13.54 20.05 -26.62
N LEU E 107 -12.42 19.36 -26.82
CA LEU E 107 -12.02 18.30 -25.93
C LEU E 107 -11.55 18.90 -24.58
N ASN E 108 -10.88 20.04 -24.62
CA ASN E 108 -10.41 20.65 -23.37
C ASN E 108 -11.61 20.97 -22.45
N LEU E 109 -12.68 21.49 -23.05
CA LEU E 109 -13.88 21.85 -22.31
C LEU E 109 -14.67 20.63 -21.81
N VAL E 110 -15.09 19.74 -22.69
CA VAL E 110 -15.86 18.62 -22.20
C VAL E 110 -15.05 17.69 -21.31
N GLY E 111 -13.74 17.64 -21.54
CA GLY E 111 -12.91 16.79 -20.72
C GLY E 111 -12.89 17.34 -19.31
N HIS E 112 -12.87 18.67 -19.21
CA HIS E 112 -12.83 19.34 -17.94
C HIS E 112 -14.16 19.18 -17.26
N LEU E 113 -15.24 19.51 -17.98
CA LEU E 113 -16.53 19.41 -17.37
C LEU E 113 -16.87 17.98 -16.94
N SER E 114 -16.48 17.00 -17.76
CA SER E 114 -16.75 15.59 -17.44
C SER E 114 -15.91 15.16 -16.23
N GLY E 115 -14.71 15.70 -16.16
CA GLY E 115 -13.86 15.41 -15.04
C GLY E 115 -14.60 15.82 -13.78
N ILE E 116 -15.19 17.01 -13.75
CA ILE E 116 -15.89 17.49 -12.58
C ILE E 116 -17.11 16.64 -12.25
N ALA E 117 -17.93 16.32 -13.25
CA ALA E 117 -19.13 15.54 -13.01
C ALA E 117 -18.75 14.18 -12.54
N THR E 118 -17.63 13.66 -13.03
CA THR E 118 -17.17 12.35 -12.62
C THR E 118 -16.78 12.35 -11.13
N ALA E 119 -15.98 13.33 -10.75
CA ALA E 119 -15.55 13.51 -9.38
C ALA E 119 -16.74 13.73 -8.45
N THR E 120 -17.72 14.54 -8.85
CA THR E 120 -18.81 14.75 -7.94
C THR E 120 -19.67 13.52 -7.76
N ALA E 121 -19.78 12.72 -8.79
CA ALA E 121 -20.59 11.52 -8.68
C ALA E 121 -19.91 10.54 -7.71
N ALA E 122 -18.59 10.56 -7.66
CA ALA E 122 -17.93 9.65 -6.75
C ALA E 122 -18.29 10.06 -5.33
N TRP E 123 -18.19 11.34 -5.02
CA TRP E 123 -18.51 11.89 -3.69
C TRP E 123 -19.94 11.55 -3.36
N VAL E 124 -20.82 11.78 -4.31
CA VAL E 124 -22.22 11.48 -4.09
C VAL E 124 -22.41 9.99 -3.77
N ASP E 125 -21.66 9.09 -4.39
CA ASP E 125 -21.81 7.67 -4.06
C ASP E 125 -21.27 7.43 -2.70
N ALA E 126 -20.12 8.05 -2.42
CA ALA E 126 -19.48 7.85 -1.13
C ALA E 126 -20.38 8.10 0.09
N VAL E 127 -21.32 9.06 0.01
CA VAL E 127 -22.13 9.38 1.15
C VAL E 127 -23.53 8.89 1.03
N ARG E 128 -23.73 7.98 0.09
CA ARG E 128 -25.04 7.38 -0.16
C ARG E 128 -25.46 6.69 1.12
N GLY E 129 -26.76 6.65 1.37
CA GLY E 129 -27.21 6.02 2.60
C GLY E 129 -27.15 6.93 3.83
N THR E 130 -26.66 8.14 3.59
CA THR E 130 -26.51 9.20 4.56
C THR E 130 -27.51 10.24 4.08
N LYS E 131 -27.77 11.31 4.84
CA LYS E 131 -28.71 12.32 4.36
C LYS E 131 -27.96 13.45 3.67
N ALA E 132 -26.66 13.51 3.90
CA ALA E 132 -25.81 14.57 3.36
C ALA E 132 -25.88 14.73 1.88
N LYS E 133 -25.77 15.97 1.44
CA LYS E 133 -25.77 16.33 0.03
C LYS E 133 -24.40 16.94 -0.21
N ILE E 134 -23.86 16.68 -1.40
CA ILE E 134 -22.54 17.20 -1.80
C ILE E 134 -22.80 18.60 -2.42
N ARG E 135 -22.12 19.62 -1.92
CA ARG E 135 -22.29 20.95 -2.44
C ARG E 135 -20.96 21.51 -2.91
N ASP E 136 -21.02 22.48 -3.80
CA ASP E 136 -19.80 23.10 -4.29
C ASP E 136 -19.49 24.39 -3.51
N THR E 137 -18.45 25.11 -3.94
CA THR E 137 -18.02 26.33 -3.31
C THR E 137 -17.76 27.42 -4.39
N ARG E 138 -17.15 28.52 -3.98
CA ARG E 138 -16.82 29.60 -4.90
C ARG E 138 -15.37 29.43 -5.31
N LYS E 139 -14.82 28.27 -5.01
CA LYS E 139 -13.45 28.01 -5.37
C LYS E 139 -13.51 27.46 -6.78
N THR E 140 -13.84 28.34 -7.72
CA THR E 140 -13.99 28.02 -9.12
C THR E 140 -12.91 28.71 -9.95
N LEU E 141 -12.69 28.29 -11.20
CA LEU E 141 -11.69 28.96 -12.02
C LEU E 141 -12.40 30.13 -12.65
N PRO E 142 -11.69 31.22 -12.84
CA PRO E 142 -12.18 32.46 -13.44
C PRO E 142 -12.68 32.38 -14.86
N GLY E 143 -13.99 32.58 -14.99
CA GLY E 143 -14.62 32.52 -16.30
C GLY E 143 -15.28 31.18 -16.57
N LEU E 144 -15.15 30.24 -15.63
CA LEU E 144 -15.74 28.93 -15.80
C LEU E 144 -16.74 28.56 -14.73
N ARG E 145 -16.90 29.42 -13.72
CA ARG E 145 -17.82 29.14 -12.66
C ARG E 145 -19.14 28.57 -13.10
N ALA E 146 -19.79 29.18 -14.09
CA ALA E 146 -21.14 28.69 -14.48
C ALA E 146 -21.07 27.32 -15.08
N LEU E 147 -20.00 27.06 -15.81
CA LEU E 147 -19.81 25.76 -16.44
C LEU E 147 -19.49 24.73 -15.37
N GLN E 148 -18.58 25.11 -14.46
CA GLN E 148 -18.19 24.22 -13.37
C GLN E 148 -19.34 23.86 -12.46
N LYS E 149 -20.21 24.83 -12.18
CA LYS E 149 -21.38 24.65 -11.30
C LYS E 149 -22.39 23.75 -12.01
N TYR E 150 -22.43 23.88 -13.32
CA TYR E 150 -23.32 23.06 -14.12
C TYR E 150 -22.90 21.60 -14.05
N ALA E 151 -21.59 21.35 -14.11
CA ALA E 151 -21.05 20.01 -14.07
C ALA E 151 -21.23 19.30 -12.73
N VAL E 152 -21.09 20.00 -11.60
CA VAL E 152 -21.30 19.29 -10.34
C VAL E 152 -22.75 18.86 -10.26
N ARG E 153 -23.64 19.74 -10.68
CA ARG E 153 -25.06 19.43 -10.66
C ARG E 153 -25.34 18.19 -11.51
N THR E 154 -24.64 18.09 -12.63
CA THR E 154 -24.81 16.97 -13.55
C THR E 154 -24.31 15.69 -12.91
N GLY E 155 -23.30 15.82 -12.04
CA GLY E 155 -22.73 14.66 -11.37
C GLY E 155 -23.54 14.25 -10.17
N GLY E 156 -24.54 15.06 -9.82
CA GLY E 156 -25.38 14.75 -8.68
C GLY E 156 -25.20 15.66 -7.46
N GLY E 157 -24.37 16.68 -7.57
CA GLY E 157 -24.14 17.56 -6.44
C GLY E 157 -25.14 18.67 -6.47
N VAL E 158 -25.12 19.54 -5.46
CA VAL E 158 -26.04 20.67 -5.43
C VAL E 158 -25.22 21.93 -5.33
N ASN E 159 -25.63 22.96 -6.06
CA ASN E 159 -24.92 24.23 -6.11
C ASN E 159 -25.14 25.01 -4.87
N HIS E 160 -24.09 25.66 -4.40
CA HIS E 160 -24.20 26.44 -3.19
C HIS E 160 -24.21 27.93 -3.52
N ARG E 161 -23.10 28.63 -3.32
CA ARG E 161 -23.13 30.07 -3.60
C ARG E 161 -22.60 30.42 -4.97
N LEU E 162 -23.36 31.23 -5.69
CA LEU E 162 -22.96 31.65 -7.02
C LEU E 162 -22.05 32.87 -7.01
N GLY E 163 -22.13 33.65 -5.94
CA GLY E 163 -21.34 34.85 -5.80
C GLY E 163 -21.53 35.46 -4.42
N LEU E 164 -20.83 36.57 -4.19
CA LEU E 164 -20.81 37.32 -2.95
C LEU E 164 -22.17 37.83 -2.44
N GLY E 165 -23.03 38.30 -3.34
CA GLY E 165 -24.35 38.80 -2.93
C GLY E 165 -25.47 37.77 -2.77
N ASP E 166 -25.12 36.51 -2.98
CA ASP E 166 -26.02 35.37 -2.89
C ASP E 166 -26.76 35.22 -1.59
N ALA E 167 -25.96 35.20 -0.53
CA ALA E 167 -26.44 35.04 0.82
C ALA E 167 -25.43 35.77 1.71
N ALA E 168 -25.78 36.01 2.97
CA ALA E 168 -24.86 36.65 3.90
C ALA E 168 -24.04 35.58 4.59
N LEU E 169 -22.74 35.53 4.33
CA LEU E 169 -21.87 34.54 4.95
C LEU E 169 -20.94 35.22 5.94
N ILE E 170 -21.14 35.05 7.24
CA ILE E 170 -20.28 35.67 8.22
C ILE E 170 -19.08 34.79 8.43
N LYS E 171 -17.90 35.35 8.20
CA LYS E 171 -16.62 34.66 8.37
C LYS E 171 -15.88 35.27 9.56
N ASP E 172 -14.68 34.76 9.75
CA ASP E 172 -13.76 35.20 10.79
C ASP E 172 -13.56 36.71 10.78
N ASN E 173 -13.29 37.27 9.60
CA ASN E 173 -13.06 38.72 9.46
C ASN E 173 -14.22 39.55 9.96
N HIS E 174 -15.44 39.14 9.63
CA HIS E 174 -16.64 39.86 10.04
C HIS E 174 -16.85 39.73 11.51
N VAL E 175 -16.64 38.52 12.01
CA VAL E 175 -16.77 38.21 13.43
C VAL E 175 -15.82 39.13 14.20
N ALA E 176 -14.61 39.24 13.66
CA ALA E 176 -13.52 40.06 14.22
C ALA E 176 -13.94 41.52 14.34
N ALA E 177 -14.30 42.09 13.20
CA ALA E 177 -14.70 43.48 13.11
C ALA E 177 -15.87 43.76 14.04
N ALA E 178 -16.84 42.86 14.06
CA ALA E 178 -18.01 43.04 14.91
C ALA E 178 -17.65 42.86 16.37
N GLY E 179 -16.62 42.07 16.63
CA GLY E 179 -16.19 41.79 17.98
C GLY E 179 -16.33 40.30 18.25
N SER E 180 -17.52 39.78 17.98
CA SER E 180 -17.80 38.37 18.17
C SER E 180 -18.71 37.88 17.05
N VAL E 181 -18.87 36.55 16.98
CA VAL E 181 -19.71 35.93 15.97
C VAL E 181 -21.14 36.41 16.09
N VAL E 182 -21.60 36.58 17.32
CA VAL E 182 -22.97 37.05 17.56
C VAL E 182 -23.09 38.53 17.16
N ASP E 183 -22.00 39.27 17.36
CA ASP E 183 -21.97 40.68 17.01
C ASP E 183 -22.22 40.85 15.52
N ALA E 184 -21.42 40.15 14.72
CA ALA E 184 -21.52 40.20 13.27
C ALA E 184 -22.88 39.69 12.83
N LEU E 185 -23.32 38.59 13.42
CA LEU E 185 -24.59 37.97 13.05
C LEU E 185 -25.75 38.95 13.14
N ARG E 186 -25.86 39.59 14.29
CA ARG E 186 -26.91 40.55 14.52
C ARG E 186 -26.85 41.69 13.50
N ALA E 187 -25.63 42.19 13.28
CA ALA E 187 -25.36 43.28 12.35
C ALA E 187 -26.01 43.00 11.02
N VAL E 188 -25.65 41.86 10.46
CA VAL E 188 -26.17 41.41 9.19
C VAL E 188 -27.68 41.15 9.24
N ARG E 189 -28.17 40.64 10.37
CA ARG E 189 -29.59 40.37 10.52
C ARG E 189 -30.38 41.64 10.29
N ASN E 190 -29.80 42.76 10.72
CA ASN E 190 -30.46 44.04 10.54
C ASN E 190 -30.22 44.70 9.20
N ALA E 191 -29.00 44.56 8.66
CA ALA E 191 -28.66 45.13 7.38
C ALA E 191 -29.37 44.47 6.18
N ALA E 192 -29.49 43.15 6.20
CA ALA E 192 -30.15 42.45 5.09
C ALA E 192 -31.01 41.34 5.60
N PRO E 193 -32.13 41.69 6.24
CA PRO E 193 -33.11 40.77 6.82
C PRO E 193 -33.73 39.79 5.81
N ASP E 194 -33.62 40.12 4.53
CA ASP E 194 -34.16 39.35 3.40
C ASP E 194 -33.21 38.24 2.90
N LEU E 195 -31.93 38.39 3.17
CA LEU E 195 -30.87 37.48 2.73
C LEU E 195 -30.60 36.31 3.67
N PRO E 196 -30.28 35.14 3.11
CA PRO E 196 -29.99 33.92 3.88
C PRO E 196 -28.67 34.08 4.62
N CYS E 197 -28.69 33.84 5.94
CA CYS E 197 -27.52 33.93 6.79
C CYS E 197 -26.80 32.60 6.83
N GLU E 198 -25.47 32.68 6.81
CA GLU E 198 -24.66 31.50 6.88
C GLU E 198 -23.48 31.93 7.71
N VAL E 199 -23.21 31.22 8.78
CA VAL E 199 -22.09 31.61 9.59
C VAL E 199 -21.07 30.49 9.70
N GLU E 200 -19.83 30.85 9.43
CA GLU E 200 -18.69 29.97 9.47
C GLU E 200 -18.08 29.92 10.88
N VAL E 201 -18.04 28.73 11.49
CA VAL E 201 -17.48 28.58 12.83
C VAL E 201 -16.30 27.64 12.73
N ASP E 202 -15.27 27.90 13.52
CA ASP E 202 -14.10 27.03 13.52
C ASP E 202 -13.83 26.38 14.87
N SER E 203 -14.76 26.48 15.80
CA SER E 203 -14.60 25.85 17.11
C SER E 203 -15.99 25.51 17.68
N LEU E 204 -16.05 24.68 18.69
CA LEU E 204 -17.34 24.34 19.24
C LEU E 204 -17.85 25.48 20.07
N GLU E 205 -16.95 26.40 20.45
CA GLU E 205 -17.30 27.56 21.26
C GLU E 205 -18.09 28.56 20.43
N GLN E 206 -17.63 28.86 19.23
CA GLN E 206 -18.35 29.75 18.36
C GLN E 206 -19.67 29.08 18.01
N LEU E 207 -19.67 27.75 17.89
CA LEU E 207 -20.90 27.08 17.54
C LEU E 207 -21.92 27.39 18.57
N ASP E 208 -21.61 27.09 19.82
CA ASP E 208 -22.55 27.35 20.93
C ASP E 208 -23.00 28.82 20.96
N ALA E 209 -22.10 29.73 20.65
CA ALA E 209 -22.42 31.14 20.63
C ALA E 209 -23.42 31.55 19.56
N VAL E 210 -23.34 30.99 18.36
CA VAL E 210 -24.32 31.40 17.35
C VAL E 210 -25.57 30.55 17.32
N LEU E 211 -25.47 29.31 17.80
CA LEU E 211 -26.62 28.40 17.78
C LEU E 211 -27.93 29.06 18.25
N PRO E 212 -27.92 29.78 19.37
CA PRO E 212 -29.17 30.40 19.79
C PRO E 212 -29.66 31.50 18.84
N GLU E 213 -28.75 32.11 18.07
CA GLU E 213 -29.17 33.15 17.12
C GLU E 213 -29.98 32.56 15.97
N LYS E 214 -29.89 31.24 15.80
CA LYS E 214 -30.60 30.48 14.78
C LYS E 214 -30.37 30.86 13.33
N PRO E 215 -29.09 30.82 12.87
CA PRO E 215 -28.82 31.16 11.48
C PRO E 215 -29.33 30.06 10.60
N GLU E 216 -29.50 30.34 9.31
CA GLU E 216 -29.99 29.34 8.39
C GLU E 216 -29.00 28.19 8.28
N LEU E 217 -27.72 28.52 8.26
CA LEU E 217 -26.71 27.53 7.98
C LEU E 217 -25.43 27.83 8.72
N ILE E 218 -24.85 26.80 9.33
CA ILE E 218 -23.57 26.96 10.01
C ILE E 218 -22.54 26.10 9.26
N LEU E 219 -21.38 26.68 8.99
CA LEU E 219 -20.30 26.01 8.31
C LEU E 219 -19.25 25.57 9.34
N LEU E 220 -19.03 24.27 9.44
CA LEU E 220 -18.10 23.73 10.36
C LEU E 220 -16.77 23.75 9.67
N ASP E 221 -15.98 24.74 9.99
CA ASP E 221 -14.68 24.87 9.34
C ASP E 221 -13.57 24.08 10.01
N ASN E 222 -13.13 23.02 9.31
CA ASN E 222 -12.06 22.11 9.74
C ASN E 222 -12.30 21.42 11.08
N PHE E 223 -13.44 20.77 11.24
CA PHE E 223 -13.74 20.07 12.46
C PHE E 223 -13.31 18.60 12.30
N ALA E 224 -12.77 18.03 13.37
CA ALA E 224 -12.46 16.60 13.39
C ALA E 224 -13.82 15.89 13.32
N VAL E 225 -13.86 14.61 12.98
CA VAL E 225 -15.15 13.95 12.88
C VAL E 225 -15.85 13.98 14.21
N TRP E 226 -15.13 13.80 15.31
CA TRP E 226 -15.78 13.81 16.63
C TRP E 226 -16.44 15.15 17.03
N GLN E 227 -15.87 16.29 16.58
CA GLN E 227 -16.44 17.61 16.84
C GLN E 227 -17.67 17.82 15.99
N THR E 228 -17.65 17.21 14.79
CA THR E 228 -18.77 17.29 13.87
C THR E 228 -19.98 16.55 14.49
N GLN E 229 -19.72 15.38 15.06
CA GLN E 229 -20.75 14.59 15.70
C GLN E 229 -21.38 15.37 16.85
N THR E 230 -20.50 16.03 17.62
CA THR E 230 -20.90 16.85 18.75
C THR E 230 -21.78 17.99 18.22
N ALA E 231 -21.29 18.69 17.19
CA ALA E 231 -22.04 19.79 16.55
C ALA E 231 -23.43 19.35 16.13
N VAL E 232 -23.56 18.15 15.59
CA VAL E 232 -24.87 17.68 15.18
C VAL E 232 -25.70 17.43 16.40
N GLN E 233 -25.14 16.81 17.43
CA GLN E 233 -25.90 16.54 18.67
C GLN E 233 -26.43 17.85 19.25
N ARG E 234 -25.56 18.84 19.35
CA ARG E 234 -25.95 20.13 19.88
C ARG E 234 -27.01 20.82 19.06
N ARG E 235 -26.83 20.83 17.76
CA ARG E 235 -27.79 21.46 16.86
C ARG E 235 -29.15 20.78 17.03
N ASP E 236 -29.18 19.45 16.94
CA ASP E 236 -30.42 18.69 17.07
C ASP E 236 -31.24 19.02 18.32
N SER E 237 -30.54 19.22 19.43
CA SER E 237 -31.19 19.52 20.68
C SER E 237 -31.45 21.01 20.96
N ARG E 238 -30.57 21.92 20.53
CA ARG E 238 -30.80 23.33 20.78
C ARG E 238 -31.40 24.21 19.65
N ALA E 239 -31.17 23.86 18.39
CA ALA E 239 -31.65 24.66 17.27
C ALA E 239 -31.82 23.75 16.09
N PRO E 240 -32.82 22.88 16.14
CA PRO E 240 -33.18 21.88 15.14
C PRO E 240 -33.25 22.42 13.74
N THR E 241 -33.61 23.69 13.61
CA THR E 241 -33.79 24.34 12.33
C THR E 241 -32.54 24.70 11.58
N VAL E 242 -31.43 24.81 12.31
CA VAL E 242 -30.16 25.20 11.73
C VAL E 242 -29.57 24.06 10.92
N MET E 243 -29.14 24.35 9.69
CA MET E 243 -28.52 23.37 8.81
C MET E 243 -27.05 23.41 9.13
N LEU E 244 -26.39 22.27 8.98
CA LEU E 244 -24.97 22.16 9.25
C LEU E 244 -24.26 21.66 8.02
N GLU E 245 -23.09 22.24 7.74
CA GLU E 245 -22.32 21.86 6.56
C GLU E 245 -20.83 21.73 6.88
N SER E 246 -20.26 20.55 6.62
CA SER E 246 -18.85 20.33 6.87
C SER E 246 -18.03 20.98 5.75
N SER E 247 -16.96 21.68 6.12
CA SER E 247 -16.11 22.36 5.13
C SER E 247 -14.67 22.34 5.57
N GLY E 248 -13.76 22.01 4.68
CA GLY E 248 -12.38 22.01 5.09
C GLY E 248 -11.61 20.74 4.94
N GLY E 249 -11.56 19.95 6.00
CA GLY E 249 -10.75 18.73 5.96
C GLY E 249 -11.34 17.49 5.32
N LEU E 250 -12.04 17.70 4.21
CA LEU E 250 -12.72 16.62 3.52
C LEU E 250 -11.95 15.95 2.42
N SER E 251 -11.96 14.63 2.44
CA SER E 251 -11.29 13.82 1.43
C SER E 251 -12.32 12.77 1.09
N LEU E 252 -12.19 12.18 -0.09
CA LEU E 252 -13.13 11.17 -0.52
C LEU E 252 -13.07 9.97 0.39
N GLN E 253 -11.94 9.81 1.07
CA GLN E 253 -11.77 8.66 1.96
C GLN E 253 -12.52 8.88 3.27
N THR E 254 -12.60 10.13 3.72
CA THR E 254 -13.26 10.46 4.96
C THR E 254 -14.69 10.87 4.80
N ALA E 255 -15.09 11.16 3.58
CA ALA E 255 -16.46 11.63 3.29
C ALA E 255 -17.64 10.96 4.01
N ALA E 256 -17.69 9.64 3.98
CA ALA E 256 -18.79 8.92 4.62
C ALA E 256 -18.74 9.04 6.12
N THR E 257 -17.54 9.03 6.69
CA THR E 257 -17.35 9.17 8.12
C THR E 257 -17.99 10.47 8.54
N TYR E 258 -17.60 11.57 7.89
CA TYR E 258 -18.21 12.84 8.21
C TYR E 258 -19.72 12.78 7.99
N ALA E 259 -20.15 12.20 6.86
CA ALA E 259 -21.57 12.12 6.57
C ALA E 259 -22.39 11.37 7.60
N GLU E 260 -21.81 10.35 8.19
CA GLU E 260 -22.54 9.58 9.17
C GLU E 260 -22.79 10.32 10.48
N THR E 261 -22.14 11.47 10.65
CA THR E 261 -22.34 12.28 11.86
C THR E 261 -23.74 12.90 11.83
N GLY E 262 -24.32 13.01 10.63
CA GLY E 262 -25.65 13.61 10.52
C GLY E 262 -25.65 15.01 9.89
N VAL E 263 -24.48 15.52 9.48
CA VAL E 263 -24.43 16.82 8.82
C VAL E 263 -25.34 16.79 7.60
N ASP E 264 -25.90 17.94 7.24
CA ASP E 264 -26.78 17.99 6.10
C ASP E 264 -26.02 18.14 4.81
N TYR E 265 -24.84 18.73 4.85
CA TYR E 265 -24.07 18.94 3.62
C TYR E 265 -22.58 18.83 3.84
N LEU E 266 -21.88 18.51 2.74
CA LEU E 266 -20.42 18.44 2.70
C LEU E 266 -20.07 19.46 1.63
N ALA E 267 -19.24 20.44 1.97
CA ALA E 267 -18.82 21.50 1.04
C ALA E 267 -17.47 21.08 0.47
N VAL E 268 -17.43 20.72 -0.81
CA VAL E 268 -16.20 20.21 -1.39
C VAL E 268 -15.56 21.11 -2.41
N GLY E 269 -14.53 21.84 -2.00
CA GLY E 269 -13.88 22.72 -2.94
C GLY E 269 -13.16 21.99 -4.06
N ALA E 270 -12.70 20.77 -3.79
CA ALA E 270 -11.94 19.99 -4.77
C ALA E 270 -12.71 19.61 -6.05
N LEU E 271 -14.03 19.64 -5.98
CA LEU E 271 -14.85 19.36 -7.13
C LEU E 271 -14.56 20.38 -8.25
N THR E 272 -14.23 21.61 -7.88
CA THR E 272 -14.02 22.63 -8.88
C THR E 272 -12.59 23.13 -8.99
N HIS E 273 -11.85 23.17 -7.90
CA HIS E 273 -10.41 23.53 -7.98
C HIS E 273 -9.80 22.11 -8.02
N SER E 274 -8.55 21.88 -8.32
CA SER E 274 -8.19 20.45 -8.32
C SER E 274 -9.04 19.43 -9.13
N VAL E 275 -9.33 19.65 -10.40
CA VAL E 275 -10.11 18.61 -11.11
C VAL E 275 -9.20 17.78 -12.03
N ARG E 276 -9.53 16.48 -12.17
CA ARG E 276 -8.76 15.57 -13.01
C ARG E 276 -9.62 15.33 -14.24
N VAL E 277 -9.04 15.64 -15.39
CA VAL E 277 -9.75 15.59 -16.66
C VAL E 277 -10.25 14.23 -17.05
N LEU E 278 -11.43 14.16 -17.68
CA LEU E 278 -11.95 12.87 -18.17
C LEU E 278 -11.32 12.77 -19.56
N ASP E 279 -10.45 11.78 -19.76
CA ASP E 279 -9.77 11.62 -21.03
C ASP E 279 -10.68 11.22 -22.17
N ILE E 280 -10.74 12.08 -23.16
CA ILE E 280 -11.59 11.90 -24.31
C ILE E 280 -10.83 12.23 -25.58
N GLY E 281 -11.11 11.51 -26.66
CA GLY E 281 -10.43 11.78 -27.93
C GLY E 281 -11.44 11.98 -29.06
N LEU E 282 -11.01 12.59 -30.13
CA LEU E 282 -11.87 12.81 -31.28
C LEU E 282 -11.29 11.85 -32.29
N ASP E 283 -12.06 10.81 -32.62
CA ASP E 283 -11.59 9.78 -33.55
C ASP E 283 -12.22 9.88 -34.90
N MET E 284 -11.37 10.05 -35.90
CA MET E 284 -11.79 10.18 -37.29
C MET E 284 -11.39 8.96 -38.13
N GLY F 1 7.68 37.42 -13.98
CA GLY F 1 7.26 38.64 -14.71
C GLY F 1 6.28 38.32 -15.82
N LEU F 2 5.09 38.90 -15.73
CA LEU F 2 4.06 38.68 -16.74
C LEU F 2 4.42 39.52 -17.96
N SER F 3 4.42 38.91 -19.14
CA SER F 3 4.72 39.64 -20.35
C SER F 3 3.46 40.44 -20.65
N ASP F 4 3.52 41.42 -21.52
CA ASP F 4 2.33 42.20 -21.85
C ASP F 4 1.23 41.28 -22.33
N TRP F 5 1.62 40.16 -22.94
CA TRP F 5 0.65 39.19 -23.41
C TRP F 5 0.00 38.50 -22.20
N GLU F 6 0.83 37.98 -21.30
CA GLU F 6 0.35 37.32 -20.11
C GLU F 6 -0.39 38.26 -19.20
N LEU F 7 0.12 39.49 -19.12
CA LEU F 7 -0.47 40.51 -18.27
C LEU F 7 -1.88 40.80 -18.74
N ALA F 8 -2.07 40.81 -20.05
CA ALA F 8 -3.39 41.07 -20.62
C ALA F 8 -4.32 39.91 -20.33
N ALA F 9 -3.77 38.71 -20.42
CA ALA F 9 -4.54 37.51 -20.15
C ALA F 9 -5.00 37.57 -18.70
N ALA F 10 -4.08 37.91 -17.81
CA ALA F 10 -4.36 38.01 -16.38
C ALA F 10 -5.51 38.98 -16.13
N ARG F 11 -5.39 40.22 -16.60
CA ARG F 11 -6.45 41.22 -16.43
C ARG F 11 -7.80 40.75 -16.93
N ALA F 12 -7.83 40.15 -18.10
CA ALA F 12 -9.10 39.67 -18.63
C ALA F 12 -9.69 38.61 -17.73
N ALA F 13 -8.85 37.70 -17.28
CA ALA F 13 -9.30 36.65 -16.41
C ALA F 13 -9.81 37.23 -15.09
N ILE F 14 -8.97 38.03 -14.38
CA ILE F 14 -9.41 38.58 -13.09
C ILE F 14 -10.72 39.35 -13.28
N ALA F 15 -10.82 40.05 -14.39
CA ALA F 15 -12.02 40.78 -14.65
C ALA F 15 -13.19 39.80 -14.65
N ARG F 16 -13.09 38.71 -15.41
CA ARG F 16 -14.15 37.70 -15.47
C ARG F 16 -14.43 37.12 -14.09
N GLY F 17 -13.36 36.94 -13.33
CA GLY F 17 -13.47 36.42 -11.98
C GLY F 17 -14.32 37.30 -11.09
N LEU F 18 -13.97 38.57 -10.99
CA LEU F 18 -14.71 39.51 -10.16
C LEU F 18 -16.12 39.69 -10.64
N ASP F 19 -16.33 39.56 -11.93
CA ASP F 19 -17.68 39.70 -12.43
C ASP F 19 -18.56 38.53 -11.98
N GLU F 20 -18.00 37.33 -11.92
CA GLU F 20 -18.79 36.18 -11.45
C GLU F 20 -19.20 36.37 -9.99
N ASP F 21 -18.29 36.89 -9.19
CA ASP F 21 -18.54 37.14 -7.78
C ASP F 21 -19.51 38.29 -7.49
N LEU F 22 -19.34 39.37 -8.22
CA LEU F 22 -20.16 40.57 -8.04
C LEU F 22 -21.46 40.58 -8.79
N ARG F 23 -21.63 39.64 -9.70
CA ARG F 23 -22.85 39.55 -10.48
C ARG F 23 -24.15 39.57 -9.65
N TYR F 24 -24.12 39.00 -8.45
CA TYR F 24 -25.35 38.91 -7.67
C TYR F 24 -25.54 39.94 -6.59
N GLY F 25 -24.66 40.92 -6.54
CA GLY F 25 -24.78 41.92 -5.51
C GLY F 25 -23.47 42.02 -4.78
N PRO F 26 -23.25 43.13 -4.09
CA PRO F 26 -22.02 43.36 -3.34
C PRO F 26 -22.00 42.50 -2.08
N ASP F 27 -20.83 42.44 -1.48
CA ASP F 27 -20.66 41.68 -0.27
C ASP F 27 -21.39 42.40 0.87
N VAL F 28 -22.69 42.16 0.94
CA VAL F 28 -23.55 42.76 1.93
C VAL F 28 -23.06 42.58 3.38
N THR F 29 -22.32 41.50 3.63
CA THR F 29 -21.86 41.26 4.98
C THR F 29 -20.61 42.04 5.40
N THR F 30 -19.71 42.35 4.45
CA THR F 30 -18.53 43.16 4.81
C THR F 30 -19.09 44.55 4.99
N LEU F 31 -19.89 44.96 4.02
CA LEU F 31 -20.54 46.26 4.03
C LEU F 31 -21.14 46.53 5.39
N ALA F 32 -21.89 45.56 5.90
CA ALA F 32 -22.55 45.70 7.18
C ALA F 32 -21.64 45.67 8.38
N THR F 33 -20.52 44.96 8.29
CA THR F 33 -19.64 44.81 9.45
C THR F 33 -18.31 45.59 9.46
N VAL F 34 -17.84 46.01 8.29
CA VAL F 34 -16.57 46.71 8.23
C VAL F 34 -16.68 48.05 7.50
N PRO F 35 -16.39 49.13 8.21
CA PRO F 35 -16.43 50.49 7.68
C PRO F 35 -15.53 50.69 6.49
N ALA F 36 -15.92 51.64 5.65
CA ALA F 36 -15.19 52.00 4.45
C ALA F 36 -13.80 52.55 4.73
N SER F 37 -13.63 53.14 5.90
CA SER F 37 -12.32 53.72 6.20
C SER F 37 -11.32 52.70 6.75
N ALA F 38 -11.81 51.49 7.03
CA ALA F 38 -10.97 50.46 7.59
C ALA F 38 -9.84 50.01 6.70
N THR F 39 -8.71 49.80 7.33
CA THR F 39 -7.50 49.38 6.70
C THR F 39 -6.85 48.24 7.51
N THR F 40 -6.27 47.24 6.82
CA THR F 40 -5.59 46.13 7.49
C THR F 40 -4.30 45.77 6.79
N THR F 41 -3.62 44.86 7.45
CA THR F 41 -2.42 44.30 6.92
C THR F 41 -2.87 42.88 6.81
N ALA F 42 -2.68 42.30 5.64
CA ALA F 42 -3.09 40.94 5.40
C ALA F 42 -1.91 40.20 4.75
N SER F 43 -1.94 38.89 4.82
CA SER F 43 -0.89 38.09 4.21
C SER F 43 -1.46 36.91 3.49
N LEU F 44 -0.85 36.57 2.35
CA LEU F 44 -1.26 35.38 1.62
C LEU F 44 -0.30 34.36 2.21
N VAL F 45 -0.80 33.35 2.96
CA VAL F 45 0.08 32.35 3.54
C VAL F 45 -0.34 30.97 3.10
N THR F 46 0.63 30.11 2.79
CA THR F 46 0.35 28.74 2.36
C THR F 46 -0.07 27.83 3.48
N ARG F 47 -1.00 26.95 3.19
CA ARG F 47 -1.40 26.01 4.18
C ARG F 47 -0.56 24.74 3.91
N GLU F 48 0.18 24.74 2.81
CA GLU F 48 0.99 23.60 2.45
C GLU F 48 2.20 24.00 1.64
N ALA F 49 3.12 23.06 1.46
CA ALA F 49 4.37 23.33 0.74
C ALA F 49 4.20 23.21 -0.73
N GLY F 50 5.03 23.94 -1.44
CA GLY F 50 4.98 23.92 -2.88
C GLY F 50 5.86 24.98 -3.45
N VAL F 51 5.67 25.29 -4.73
CA VAL F 51 6.40 26.30 -5.46
C VAL F 51 5.33 27.38 -5.72
N VAL F 52 5.66 28.62 -5.47
CA VAL F 52 4.67 29.66 -5.61
C VAL F 52 4.70 30.32 -6.96
N ALA F 53 3.52 30.58 -7.51
CA ALA F 53 3.44 31.26 -8.80
C ALA F 53 2.19 32.08 -8.89
N GLY F 54 2.30 33.20 -9.57
CA GLY F 54 1.14 34.04 -9.75
C GLY F 54 0.91 35.18 -8.78
N LEU F 55 1.95 35.63 -8.08
CA LEU F 55 1.82 36.74 -7.11
C LEU F 55 1.45 38.07 -7.77
N ASP F 56 1.99 38.33 -8.95
CA ASP F 56 1.68 39.54 -9.68
C ASP F 56 0.20 39.54 -10.01
N VAL F 57 -0.38 38.34 -10.19
CA VAL F 57 -1.81 38.23 -10.51
C VAL F 57 -2.63 38.66 -9.29
N ALA F 58 -2.04 38.48 -8.11
CA ALA F 58 -2.69 38.87 -6.89
C ALA F 58 -2.74 40.40 -6.91
N LEU F 59 -1.62 41.02 -7.20
CA LEU F 59 -1.53 42.47 -7.28
C LEU F 59 -2.47 43.02 -8.34
N LEU F 60 -2.54 42.40 -9.51
CA LEU F 60 -3.45 42.89 -10.56
C LEU F 60 -4.91 42.90 -10.13
N THR F 61 -5.27 41.98 -9.24
CA THR F 61 -6.65 41.90 -8.75
C THR F 61 -6.94 43.07 -7.82
N LEU F 62 -5.98 43.41 -7.00
CA LEU F 62 -6.15 44.52 -6.08
C LEU F 62 -6.29 45.78 -6.92
N ASN F 63 -5.43 45.93 -7.92
CA ASN F 63 -5.49 47.08 -8.83
C ASN F 63 -6.91 47.24 -9.36
N GLU F 64 -7.48 46.15 -9.81
CA GLU F 64 -8.82 46.18 -10.34
C GLU F 64 -9.88 46.56 -9.33
N VAL F 65 -9.66 46.20 -8.07
CA VAL F 65 -10.64 46.48 -7.05
C VAL F 65 -10.38 47.75 -6.28
N LEU F 66 -9.13 47.95 -5.88
CA LEU F 66 -8.72 49.14 -5.12
C LEU F 66 -8.09 50.28 -5.96
N GLY F 67 -7.60 49.99 -7.16
CA GLY F 67 -6.92 51.00 -7.94
C GLY F 67 -5.45 50.76 -7.69
N THR F 68 -4.64 50.94 -8.71
CA THR F 68 -3.21 50.71 -8.63
C THR F 68 -2.54 51.14 -7.35
N ASN F 69 -2.96 52.26 -6.81
CA ASN F 69 -2.34 52.75 -5.60
C ASN F 69 -3.30 52.67 -4.43
N GLY F 70 -4.13 51.63 -4.43
CA GLY F 70 -5.09 51.48 -3.35
C GLY F 70 -4.60 50.55 -2.24
N TYR F 71 -3.36 50.08 -2.37
CA TYR F 71 -2.81 49.19 -1.38
C TYR F 71 -1.32 49.39 -1.37
N ARG F 72 -0.66 48.82 -0.36
CA ARG F 72 0.79 48.89 -0.22
C ARG F 72 1.33 47.49 0.06
N VAL F 73 2.31 47.05 -0.73
CA VAL F 73 2.89 45.72 -0.54
C VAL F 73 4.00 45.87 0.45
N LEU F 74 3.85 45.30 1.63
CA LEU F 74 4.91 45.42 2.61
C LEU F 74 6.03 44.41 2.37
N ASP F 75 5.67 43.25 1.85
CA ASP F 75 6.67 42.22 1.60
C ASP F 75 6.13 41.17 0.67
N ARG F 76 7.03 40.56 -0.10
CA ARG F 76 6.64 39.51 -1.02
C ARG F 76 7.79 38.62 -1.35
N VAL F 77 7.44 37.42 -1.78
CA VAL F 77 8.36 36.37 -2.13
C VAL F 77 8.45 36.38 -3.65
N GLU F 78 9.50 35.84 -4.21
CA GLU F 78 9.57 35.83 -5.66
C GLU F 78 8.89 34.61 -6.27
N ASP F 79 8.27 34.78 -7.43
CA ASP F 79 7.62 33.66 -8.10
C ASP F 79 8.70 32.62 -8.34
N GLY F 80 8.40 31.35 -8.04
CA GLY F 80 9.36 30.27 -8.26
C GLY F 80 10.05 29.83 -7.00
N ALA F 81 9.62 30.40 -5.89
CA ALA F 81 10.20 30.07 -4.60
C ALA F 81 9.62 28.76 -4.08
N ARG F 82 10.48 27.92 -3.52
CA ARG F 82 10.05 26.64 -2.93
C ARG F 82 9.66 27.16 -1.55
N VAL F 83 8.45 26.86 -1.12
CA VAL F 83 7.91 27.41 0.08
C VAL F 83 7.33 26.38 1.04
N PRO F 84 7.66 26.49 2.33
CA PRO F 84 7.14 25.56 3.33
C PRO F 84 5.77 26.01 3.77
N PRO F 85 5.09 25.18 4.57
CA PRO F 85 3.75 25.44 5.08
C PRO F 85 3.36 26.83 5.56
N GLY F 86 3.62 27.23 6.79
CA GLY F 86 3.14 28.56 7.18
C GLY F 86 3.74 29.85 6.59
N GLU F 87 4.41 29.73 5.46
CA GLU F 87 5.06 30.84 4.80
C GLU F 87 4.17 32.03 4.38
N ALA F 88 4.66 33.25 4.56
CA ALA F 88 3.91 34.45 4.12
C ALA F 88 4.51 34.80 2.79
N LEU F 89 3.74 34.56 1.74
CA LEU F 89 4.16 34.80 0.37
C LEU F 89 4.23 36.28 0.06
N MET F 90 3.32 37.02 0.67
CA MET F 90 3.20 38.44 0.43
C MET F 90 2.38 39.07 1.56
N THR F 91 2.86 40.20 2.05
CA THR F 91 2.19 40.91 3.12
C THR F 91 1.87 42.30 2.59
N LEU F 92 0.60 42.66 2.66
CA LEU F 92 0.21 43.98 2.21
C LEU F 92 -0.68 44.76 3.16
N GLU F 93 -0.74 46.05 2.94
CA GLU F 93 -1.57 46.94 3.73
C GLU F 93 -2.57 47.53 2.74
N ALA F 94 -3.87 47.36 2.97
CA ALA F 94 -4.87 47.90 2.05
C ALA F 94 -6.18 48.05 2.78
N GLN F 95 -7.18 48.65 2.13
CA GLN F 95 -8.51 48.85 2.70
C GLN F 95 -9.15 47.48 2.92
N THR F 96 -9.63 47.25 4.12
CA THR F 96 -10.23 45.97 4.45
C THR F 96 -11.35 45.50 3.54
N ARG F 97 -12.26 46.39 3.22
CA ARG F 97 -13.35 46.00 2.36
C ARG F 97 -12.85 45.51 1.02
N GLY F 98 -11.84 46.17 0.49
CA GLY F 98 -11.32 45.77 -0.79
C GLY F 98 -10.66 44.42 -0.78
N LEU F 99 -9.89 44.17 0.28
CA LEU F 99 -9.24 42.92 0.40
C LEU F 99 -10.28 41.83 0.43
N LEU F 100 -11.31 42.02 1.24
CA LEU F 100 -12.36 40.99 1.37
C LEU F 100 -13.14 40.69 0.09
N THR F 101 -13.20 41.66 -0.81
CA THR F 101 -13.91 41.48 -2.07
C THR F 101 -12.99 40.75 -3.04
N ALA F 102 -11.70 41.11 -3.07
CA ALA F 102 -10.73 40.52 -3.97
C ALA F 102 -10.31 39.09 -3.60
N GLU F 103 -10.31 38.81 -2.30
CA GLU F 103 -9.91 37.53 -1.73
C GLU F 103 -10.13 36.25 -2.53
N ARG F 104 -11.37 35.89 -2.78
CA ARG F 104 -11.62 34.64 -3.46
C ARG F 104 -11.06 34.52 -4.89
N THR F 105 -11.17 35.57 -5.68
CA THR F 105 -10.66 35.61 -7.05
C THR F 105 -9.16 35.49 -7.02
N MET F 106 -8.56 36.25 -6.12
CA MET F 106 -7.12 36.30 -5.97
C MET F 106 -6.57 34.93 -5.54
N LEU F 107 -7.18 34.33 -4.52
CA LEU F 107 -6.75 33.05 -4.02
C LEU F 107 -7.01 31.93 -5.03
N ASN F 108 -8.11 32.02 -5.77
CA ASN F 108 -8.43 31.00 -6.79
C ASN F 108 -7.35 31.00 -7.92
N LEU F 109 -6.92 32.20 -8.34
CA LEU F 109 -5.93 32.34 -9.39
C LEU F 109 -4.55 31.88 -8.96
N VAL F 110 -4.02 32.44 -7.88
CA VAL F 110 -2.69 32.03 -7.45
C VAL F 110 -2.60 30.57 -6.96
N GLY F 111 -3.66 30.10 -6.31
CA GLY F 111 -3.66 28.72 -5.83
C GLY F 111 -3.55 27.83 -7.04
N HIS F 112 -4.25 28.20 -8.11
CA HIS F 112 -4.21 27.44 -9.34
C HIS F 112 -2.81 27.52 -9.95
N LEU F 113 -2.32 28.70 -10.28
CA LEU F 113 -1.01 28.81 -10.87
C LEU F 113 0.08 28.18 -10.01
N SER F 114 -0.08 28.24 -8.69
CA SER F 114 0.94 27.66 -7.81
C SER F 114 0.84 26.16 -7.89
N GLY F 115 -0.40 25.66 -7.97
CA GLY F 115 -0.60 24.24 -8.11
C GLY F 115 0.15 23.72 -9.32
N ILE F 116 0.11 24.43 -10.45
CA ILE F 116 0.79 24.00 -11.69
C ILE F 116 2.31 24.06 -11.50
N ALA F 117 2.81 25.15 -10.94
CA ALA F 117 4.25 25.28 -10.72
C ALA F 117 4.74 24.19 -9.81
N THR F 118 3.88 23.79 -8.87
CA THR F 118 4.24 22.76 -7.90
C THR F 118 4.33 21.41 -8.59
N ALA F 119 3.31 21.08 -9.34
CA ALA F 119 3.30 19.86 -10.10
C ALA F 119 4.46 19.85 -11.09
N THR F 120 4.69 20.94 -11.82
CA THR F 120 5.78 20.87 -12.76
C THR F 120 7.13 20.71 -12.13
N ALA F 121 7.29 21.20 -10.89
CA ALA F 121 8.59 21.07 -10.22
C ALA F 121 8.84 19.64 -9.79
N ALA F 122 7.78 18.90 -9.54
CA ALA F 122 7.93 17.50 -9.15
C ALA F 122 8.46 16.72 -10.34
N TRP F 123 7.90 16.98 -11.52
CA TRP F 123 8.32 16.32 -12.78
C TRP F 123 9.75 16.70 -13.07
N VAL F 124 10.07 17.98 -12.92
CA VAL F 124 11.43 18.41 -13.13
C VAL F 124 12.36 17.66 -12.15
N ASP F 125 11.83 17.32 -10.99
CA ASP F 125 12.63 16.58 -10.03
C ASP F 125 12.79 15.17 -10.51
N ALA F 126 11.67 14.55 -10.91
CA ALA F 126 11.67 13.17 -11.36
C ALA F 126 12.72 12.81 -12.41
N VAL F 127 12.96 13.69 -13.37
CA VAL F 127 13.92 13.43 -14.44
C VAL F 127 15.25 14.09 -14.23
N ARG F 128 15.46 14.61 -13.04
CA ARG F 128 16.73 15.25 -12.71
C ARG F 128 17.86 14.19 -12.97
N GLY F 129 19.03 14.66 -13.37
CA GLY F 129 20.09 13.71 -13.64
C GLY F 129 20.06 13.14 -15.04
N THR F 130 19.04 13.56 -15.77
CA THR F 130 18.76 13.16 -17.13
C THR F 130 18.89 14.45 -17.97
N LYS F 131 18.89 14.35 -19.30
CA LYS F 131 19.00 15.58 -20.12
C LYS F 131 17.63 16.13 -20.54
N ALA F 132 16.59 15.33 -20.33
CA ALA F 132 15.22 15.66 -20.67
C ALA F 132 14.70 16.92 -19.98
N LYS F 133 13.83 17.65 -20.69
CA LYS F 133 13.20 18.87 -20.21
C LYS F 133 11.71 18.57 -20.22
N ILE F 134 10.99 19.11 -19.24
CA ILE F 134 9.56 18.87 -19.12
C ILE F 134 8.88 19.92 -19.95
N ARG F 135 7.91 19.52 -20.76
CA ARG F 135 7.19 20.42 -21.62
C ARG F 135 5.72 20.27 -21.49
N ASP F 136 5.00 21.35 -21.73
CA ASP F 136 3.56 21.36 -21.60
C ASP F 136 2.87 21.04 -22.95
N THR F 137 1.55 21.21 -23.00
CA THR F 137 0.76 20.92 -24.19
C THR F 137 -0.27 22.02 -24.43
N ARG F 138 -1.21 21.74 -25.32
CA ARG F 138 -2.28 22.67 -25.63
C ARG F 138 -3.55 22.18 -24.91
N LYS F 139 -3.35 21.30 -23.94
CA LYS F 139 -4.45 20.77 -23.15
C LYS F 139 -4.55 21.76 -21.99
N THR F 140 -5.04 22.97 -22.28
CA THR F 140 -5.18 24.05 -21.30
C THR F 140 -6.65 24.45 -21.12
N LEU F 141 -6.94 25.18 -20.06
CA LEU F 141 -8.33 25.61 -19.83
C LEU F 141 -8.51 26.89 -20.62
N PRO F 142 -9.64 27.00 -21.31
CA PRO F 142 -9.98 28.16 -22.15
C PRO F 142 -9.94 29.52 -21.44
N GLY F 143 -9.06 30.38 -21.91
CA GLY F 143 -8.97 31.67 -21.28
C GLY F 143 -7.82 31.72 -20.29
N LEU F 144 -7.21 30.56 -19.99
CA LEU F 144 -6.10 30.56 -19.05
C LEU F 144 -4.79 30.10 -19.64
N ARG F 145 -4.80 29.71 -20.91
CA ARG F 145 -3.56 29.22 -21.51
C ARG F 145 -2.35 30.02 -21.18
N ALA F 146 -2.38 31.33 -21.41
CA ALA F 146 -1.18 32.13 -21.15
C ALA F 146 -0.72 32.02 -19.72
N LEU F 147 -1.68 32.00 -18.78
CA LEU F 147 -1.33 31.93 -17.39
C LEU F 147 -0.78 30.57 -17.04
N GLN F 148 -1.44 29.50 -17.48
CA GLN F 148 -0.97 28.14 -17.25
C GLN F 148 0.44 27.93 -17.81
N LYS F 149 0.70 28.43 -19.01
CA LYS F 149 1.99 28.27 -19.64
C LYS F 149 3.07 28.95 -18.76
N TYR F 150 2.72 30.13 -18.27
CA TYR F 150 3.59 30.92 -17.42
C TYR F 150 4.00 30.11 -16.18
N ALA F 151 3.01 29.50 -15.55
CA ALA F 151 3.20 28.68 -14.36
C ALA F 151 4.10 27.50 -14.60
N VAL F 152 3.95 26.79 -15.72
CA VAL F 152 4.83 25.64 -15.89
C VAL F 152 6.25 26.12 -16.01
N ARG F 153 6.39 27.26 -16.67
CA ARG F 153 7.71 27.82 -16.86
C ARG F 153 8.29 28.13 -15.50
N THR F 154 7.50 28.74 -14.64
CA THR F 154 7.93 29.10 -13.29
C THR F 154 8.36 27.86 -12.46
N GLY F 155 7.71 26.73 -12.71
CA GLY F 155 8.00 25.50 -12.02
C GLY F 155 9.22 24.83 -12.57
N GLY F 156 9.74 25.31 -13.69
CA GLY F 156 10.94 24.74 -14.24
C GLY F 156 10.76 24.02 -15.55
N GLY F 157 9.53 23.98 -16.06
CA GLY F 157 9.29 23.31 -17.32
C GLY F 157 9.48 24.25 -18.50
N VAL F 158 9.34 23.73 -19.71
CA VAL F 158 9.49 24.57 -20.88
C VAL F 158 8.22 24.53 -21.69
N ASN F 159 7.84 25.69 -22.20
CA ASN F 159 6.64 25.85 -22.98
C ASN F 159 6.76 25.21 -24.37
N HIS F 160 5.67 24.60 -24.82
CA HIS F 160 5.67 23.98 -26.13
C HIS F 160 4.82 24.79 -27.10
N ARG F 161 3.68 24.29 -27.53
CA ARG F 161 2.93 25.08 -28.50
C ARG F 161 1.95 25.99 -27.85
N LEU F 162 1.91 27.23 -28.32
CA LEU F 162 0.99 28.23 -27.79
C LEU F 162 -0.36 28.23 -28.53
N GLY F 163 -0.38 27.56 -29.68
CA GLY F 163 -1.59 27.51 -30.46
C GLY F 163 -1.30 26.80 -31.77
N LEU F 164 -2.35 26.68 -32.58
CA LEU F 164 -2.35 26.03 -33.86
C LEU F 164 -1.33 26.55 -34.87
N GLY F 165 -1.09 27.87 -34.90
CA GLY F 165 -0.14 28.48 -35.83
C GLY F 165 1.30 28.65 -35.34
N ASP F 166 1.55 28.18 -34.14
CA ASP F 166 2.86 28.25 -33.51
C ASP F 166 3.96 27.61 -34.29
N ALA F 167 3.72 26.35 -34.60
CA ALA F 167 4.68 25.53 -35.27
C ALA F 167 3.86 24.50 -35.98
N ALA F 168 4.44 23.87 -36.98
CA ALA F 168 3.69 22.87 -37.72
C ALA F 168 3.78 21.59 -36.90
N LEU F 169 2.67 20.91 -36.69
CA LEU F 169 2.69 19.68 -35.94
C LEU F 169 1.90 18.66 -36.75
N ILE F 170 2.59 17.78 -37.47
CA ILE F 170 1.92 16.74 -38.25
C ILE F 170 1.44 15.61 -37.32
N LYS F 171 0.14 15.33 -37.38
CA LYS F 171 -0.54 14.32 -36.56
C LYS F 171 -1.03 13.26 -37.46
N ASP F 172 -1.66 12.27 -36.86
CA ASP F 172 -2.24 11.14 -37.57
C ASP F 172 -3.13 11.56 -38.75
N ASN F 173 -4.04 12.50 -38.50
CA ASN F 173 -4.98 12.99 -39.53
C ASN F 173 -4.27 13.53 -40.77
N HIS F 174 -3.19 14.26 -40.55
CA HIS F 174 -2.42 14.87 -41.62
C HIS F 174 -1.72 13.84 -42.48
N VAL F 175 -1.08 12.87 -41.82
CA VAL F 175 -0.35 11.79 -42.49
C VAL F 175 -1.31 11.05 -43.44
N ALA F 176 -2.51 10.81 -42.94
CA ALA F 176 -3.53 10.13 -43.69
C ALA F 176 -3.89 10.87 -44.96
N ALA F 177 -4.25 12.14 -44.81
CA ALA F 177 -4.63 12.98 -45.93
C ALA F 177 -3.51 13.11 -46.96
N ALA F 178 -2.29 13.23 -46.45
CA ALA F 178 -1.15 13.35 -47.34
C ALA F 178 -0.89 12.01 -48.00
N GLY F 179 -1.20 10.95 -47.28
CA GLY F 179 -0.97 9.62 -47.80
C GLY F 179 -0.02 8.96 -46.83
N SER F 180 1.09 9.64 -46.54
CA SER F 180 2.09 9.13 -45.64
C SER F 180 2.66 10.22 -44.76
N VAL F 181 3.38 9.80 -43.73
CA VAL F 181 3.99 10.72 -42.80
C VAL F 181 4.97 11.60 -43.56
N VAL F 182 5.64 11.03 -44.56
CA VAL F 182 6.61 11.81 -45.33
C VAL F 182 5.88 12.77 -46.24
N ASP F 183 4.74 12.33 -46.77
CA ASP F 183 3.96 13.18 -47.65
C ASP F 183 3.55 14.44 -46.92
N ALA F 184 2.91 14.26 -45.76
CA ALA F 184 2.47 15.38 -44.92
C ALA F 184 3.66 16.24 -44.54
N LEU F 185 4.79 15.58 -44.28
CA LEU F 185 6.00 16.26 -43.88
C LEU F 185 6.50 17.15 -45.02
N ARG F 186 6.62 16.58 -46.20
CA ARG F 186 7.10 17.34 -47.32
C ARG F 186 6.16 18.50 -47.58
N ALA F 187 4.85 18.20 -47.59
CA ALA F 187 3.78 19.18 -47.83
C ALA F 187 3.98 20.42 -46.96
N VAL F 188 4.11 20.16 -45.66
CA VAL F 188 4.31 21.22 -44.71
C VAL F 188 5.66 21.90 -44.93
N ARG F 189 6.68 21.13 -45.32
CA ARG F 189 8.02 21.68 -45.56
C ARG F 189 7.95 22.79 -46.59
N ASN F 190 7.06 22.60 -47.57
CA ASN F 190 6.90 23.58 -48.63
C ASN F 190 5.94 24.70 -48.32
N ALA F 191 4.89 24.39 -47.58
CA ALA F 191 3.91 25.39 -47.20
C ALA F 191 4.41 26.40 -46.13
N ALA F 192 5.15 25.94 -45.13
CA ALA F 192 5.65 26.84 -44.08
C ALA F 192 7.09 26.54 -43.76
N PRO F 193 8.00 26.82 -44.71
CA PRO F 193 9.45 26.58 -44.57
C PRO F 193 10.10 27.26 -43.37
N ASP F 194 9.47 28.34 -42.92
CA ASP F 194 9.96 29.13 -41.81
C ASP F 194 9.54 28.49 -40.49
N LEU F 195 8.46 27.72 -40.59
CA LEU F 195 7.83 27.05 -39.47
C LEU F 195 8.46 25.75 -39.01
N PRO F 196 8.57 25.56 -37.68
CA PRO F 196 9.14 24.35 -37.10
C PRO F 196 8.28 23.12 -37.36
N CYS F 197 8.89 22.04 -37.82
CA CYS F 197 8.20 20.80 -38.08
C CYS F 197 8.28 19.90 -36.87
N GLU F 198 7.17 19.24 -36.58
CA GLU F 198 7.09 18.30 -35.48
C GLU F 198 6.16 17.26 -36.03
N VAL F 199 6.55 15.99 -35.96
CA VAL F 199 5.69 14.92 -36.45
C VAL F 199 5.42 13.87 -35.40
N GLU F 200 4.16 13.57 -35.23
CA GLU F 200 3.68 12.62 -34.25
C GLU F 200 3.64 11.22 -34.86
N VAL F 201 4.44 10.31 -34.31
CA VAL F 201 4.45 8.91 -34.77
C VAL F 201 3.92 7.98 -33.70
N ASP F 202 3.14 7.00 -34.11
CA ASP F 202 2.61 6.09 -33.12
C ASP F 202 3.12 4.67 -33.27
N SER F 203 4.15 4.49 -34.09
CA SER F 203 4.71 3.17 -34.29
C SER F 203 6.16 3.33 -34.66
N LEU F 204 6.90 2.23 -34.61
CA LEU F 204 8.32 2.30 -34.93
C LEU F 204 8.53 2.31 -36.43
N GLU F 205 7.65 1.62 -37.17
CA GLU F 205 7.74 1.57 -38.62
C GLU F 205 7.66 3.01 -39.09
N GLN F 206 6.72 3.78 -38.52
CA GLN F 206 6.60 5.19 -38.87
C GLN F 206 7.87 5.93 -38.47
N LEU F 207 8.46 5.56 -37.35
CA LEU F 207 9.69 6.19 -36.92
C LEU F 207 10.75 6.03 -38.00
N ASP F 208 10.93 4.80 -38.50
CA ASP F 208 11.92 4.53 -39.55
C ASP F 208 11.63 5.36 -40.78
N ALA F 209 10.35 5.47 -41.14
CA ALA F 209 9.92 6.24 -42.29
C ALA F 209 10.18 7.74 -42.26
N VAL F 210 10.07 8.39 -41.10
CA VAL F 210 10.29 9.83 -41.06
C VAL F 210 11.67 10.22 -40.61
N LEU F 211 12.37 9.26 -40.02
CA LEU F 211 13.72 9.51 -39.52
C LEU F 211 14.63 10.14 -40.56
N PRO F 212 14.64 9.60 -41.80
CA PRO F 212 15.51 10.19 -42.82
C PRO F 212 15.03 11.60 -43.23
N GLU F 213 13.73 11.89 -43.11
CA GLU F 213 13.23 13.21 -43.44
C GLU F 213 13.78 14.27 -42.50
N LYS F 214 14.40 13.82 -41.42
CA LYS F 214 15.04 14.66 -40.40
C LYS F 214 14.24 15.83 -39.84
N PRO F 215 12.98 15.61 -39.45
CA PRO F 215 12.20 16.74 -38.92
C PRO F 215 12.90 17.32 -37.70
N GLU F 216 12.48 18.50 -37.26
CA GLU F 216 13.08 19.15 -36.08
C GLU F 216 12.84 18.32 -34.79
N LEU F 217 11.64 17.73 -34.68
CA LEU F 217 11.29 17.03 -33.47
C LEU F 217 10.30 15.94 -33.80
N ILE F 218 10.47 14.76 -33.19
CA ILE F 218 9.53 13.68 -33.40
C ILE F 218 8.85 13.37 -32.07
N LEU F 219 7.52 13.26 -32.10
CA LEU F 219 6.75 12.97 -30.91
C LEU F 219 6.42 11.48 -30.90
N LEU F 220 6.89 10.77 -29.86
CA LEU F 220 6.64 9.37 -29.75
C LEU F 220 5.33 9.26 -29.00
N ASP F 221 4.23 9.07 -29.74
CA ASP F 221 2.95 8.96 -29.10
C ASP F 221 2.66 7.58 -28.50
N ASN F 222 2.61 7.51 -27.17
CA ASN F 222 2.30 6.26 -26.48
C ASN F 222 3.23 5.08 -26.74
N PHE F 223 4.54 5.30 -26.61
CA PHE F 223 5.51 4.23 -26.80
C PHE F 223 5.81 3.56 -25.45
N ALA F 224 6.04 2.24 -25.45
CA ALA F 224 6.39 1.52 -24.23
C ALA F 224 7.78 2.00 -23.97
N VAL F 225 8.31 1.75 -22.77
CA VAL F 225 9.65 2.25 -22.49
C VAL F 225 10.62 1.61 -23.42
N TRP F 226 10.44 0.31 -23.70
CA TRP F 226 11.38 -0.39 -24.59
C TRP F 226 11.40 0.18 -25.99
N GLN F 227 10.26 0.61 -26.49
CA GLN F 227 10.21 1.18 -27.81
C GLN F 227 10.84 2.55 -27.81
N THR F 228 10.74 3.23 -26.68
CA THR F 228 11.29 4.57 -26.60
C THR F 228 12.80 4.42 -26.68
N GLN F 229 13.34 3.40 -26.00
CA GLN F 229 14.79 3.15 -26.00
C GLN F 229 15.29 2.83 -27.39
N THR F 230 14.53 2.03 -28.14
CA THR F 230 14.87 1.67 -29.52
C THR F 230 14.89 2.96 -30.31
N ALA F 231 13.83 3.75 -30.16
CA ALA F 231 13.70 5.04 -30.85
C ALA F 231 14.93 5.89 -30.67
N VAL F 232 15.44 5.95 -29.45
CA VAL F 232 16.62 6.75 -29.16
C VAL F 232 17.83 6.12 -29.82
N GLN F 233 17.92 4.79 -29.78
CA GLN F 233 19.04 4.11 -30.43
C GLN F 233 19.03 4.45 -31.94
N ARG F 234 17.90 4.25 -32.61
CA ARG F 234 17.81 4.53 -34.02
C ARG F 234 18.11 6.00 -34.34
N ARG F 235 17.45 6.92 -33.63
CA ARG F 235 17.69 8.33 -33.84
C ARG F 235 19.20 8.55 -33.74
N ASP F 236 19.80 8.18 -32.63
CA ASP F 236 21.23 8.37 -32.44
C ASP F 236 22.09 7.92 -33.58
N SER F 237 21.71 6.81 -34.20
CA SER F 237 22.49 6.26 -35.30
C SER F 237 22.18 6.79 -36.70
N ARG F 238 20.91 7.07 -36.98
CA ARG F 238 20.52 7.54 -38.29
C ARG F 238 20.31 9.02 -38.45
N ALA F 239 19.87 9.71 -37.40
CA ALA F 239 19.55 11.11 -37.48
C ALA F 239 19.80 11.79 -36.17
N PRO F 240 21.07 11.92 -35.81
CA PRO F 240 21.58 12.53 -34.59
C PRO F 240 21.02 13.90 -34.24
N THR F 241 20.58 14.64 -35.25
CA THR F 241 20.06 15.98 -35.06
C THR F 241 18.61 16.07 -34.62
N VAL F 242 17.84 15.03 -34.91
CA VAL F 242 16.42 15.00 -34.59
C VAL F 242 16.20 14.89 -33.08
N MET F 243 15.33 15.74 -32.56
CA MET F 243 15.02 15.72 -31.15
C MET F 243 13.85 14.77 -30.99
N LEU F 244 13.79 14.12 -29.84
CA LEU F 244 12.72 13.16 -29.54
C LEU F 244 11.99 13.58 -28.24
N GLU F 245 10.67 13.48 -28.25
CA GLU F 245 9.83 13.85 -27.10
C GLU F 245 8.78 12.79 -26.84
N SER F 246 8.76 12.29 -25.61
CA SER F 246 7.78 11.26 -25.25
C SER F 246 6.45 11.93 -24.90
N SER F 247 5.35 11.34 -25.37
CA SER F 247 4.01 11.87 -25.17
C SER F 247 3.02 10.72 -25.00
N GLY F 248 2.06 10.90 -24.10
CA GLY F 248 1.08 9.85 -23.92
C GLY F 248 0.98 9.05 -22.63
N GLY F 249 1.68 7.91 -22.57
CA GLY F 249 1.60 7.07 -21.38
C GLY F 249 2.51 7.44 -20.24
N LEU F 250 2.58 8.74 -19.94
CA LEU F 250 3.44 9.26 -18.88
C LEU F 250 2.75 9.42 -17.53
N SER F 251 3.47 9.06 -16.49
CA SER F 251 2.98 9.20 -15.15
C SER F 251 4.17 9.66 -14.41
N LEU F 252 3.93 10.32 -13.29
CA LEU F 252 5.04 10.79 -12.49
C LEU F 252 5.89 9.59 -12.01
N GLN F 253 5.27 8.44 -11.85
CA GLN F 253 6.01 7.26 -11.39
C GLN F 253 6.93 6.73 -12.48
N THR F 254 6.53 6.86 -13.74
CA THR F 254 7.33 6.37 -14.86
C THR F 254 8.28 7.37 -15.50
N ALA F 255 8.07 8.65 -15.22
CA ALA F 255 8.88 9.75 -15.77
C ALA F 255 10.37 9.51 -15.91
N ALA F 256 11.01 9.09 -14.84
CA ALA F 256 12.45 8.86 -14.85
C ALA F 256 12.86 7.70 -15.73
N THR F 257 12.00 6.69 -15.82
CA THR F 257 12.25 5.54 -16.66
C THR F 257 12.26 6.05 -18.08
N TYR F 258 11.26 6.83 -18.45
CA TYR F 258 11.25 7.33 -19.81
C TYR F 258 12.43 8.22 -20.00
N ALA F 259 12.72 9.03 -19.01
CA ALA F 259 13.83 9.96 -19.16
C ALA F 259 15.17 9.27 -19.36
N GLU F 260 15.33 8.09 -18.79
CA GLU F 260 16.61 7.39 -18.88
C GLU F 260 16.90 6.79 -20.23
N THR F 261 15.88 6.74 -21.10
CA THR F 261 16.04 6.20 -22.44
C THR F 261 16.85 7.20 -23.29
N GLY F 262 16.92 8.45 -22.81
CA GLY F 262 17.67 9.48 -23.52
C GLY F 262 16.83 10.47 -24.32
N VAL F 263 15.50 10.35 -24.29
CA VAL F 263 14.64 11.30 -25.02
C VAL F 263 14.99 12.69 -24.54
N ASP F 264 14.74 13.67 -25.39
CA ASP F 264 15.08 15.04 -25.04
C ASP F 264 14.03 15.77 -24.23
N TYR F 265 12.76 15.40 -24.43
CA TYR F 265 11.66 16.04 -23.76
C TYR F 265 10.57 15.05 -23.40
N LEU F 266 9.79 15.44 -22.41
CA LEU F 266 8.63 14.68 -21.96
C LEU F 266 7.49 15.70 -22.06
N ALA F 267 6.46 15.39 -22.85
CA ALA F 267 5.32 16.28 -23.03
C ALA F 267 4.25 15.85 -22.06
N VAL F 268 4.02 16.68 -21.04
CA VAL F 268 3.08 16.32 -19.97
C VAL F 268 1.73 17.08 -19.93
N GLY F 269 0.68 16.51 -20.51
CA GLY F 269 -0.59 17.20 -20.46
C GLY F 269 -1.12 17.48 -19.04
N ALA F 270 -0.84 16.58 -18.10
CA ALA F 270 -1.30 16.68 -16.71
C ALA F 270 -0.92 17.94 -15.99
N LEU F 271 0.17 18.56 -16.40
CA LEU F 271 0.62 19.80 -15.77
C LEU F 271 -0.47 20.89 -15.92
N THR F 272 -1.26 20.85 -16.99
CA THR F 272 -2.24 21.89 -17.17
C THR F 272 -3.70 21.42 -17.09
N HIS F 273 -3.98 20.21 -17.55
CA HIS F 273 -5.36 19.68 -17.38
C HIS F 273 -5.18 18.93 -16.08
N SER F 274 -6.20 18.50 -15.35
CA SER F 274 -5.83 17.77 -14.10
C SER F 274 -4.88 18.48 -13.09
N VAL F 275 -5.14 19.74 -12.69
CA VAL F 275 -4.24 20.40 -11.71
C VAL F 275 -4.84 20.40 -10.30
N ARG F 276 -3.99 20.25 -9.29
CA ARG F 276 -4.40 20.25 -7.90
C ARG F 276 -3.94 21.57 -7.32
N VAL F 277 -4.86 22.27 -6.69
CA VAL F 277 -4.58 23.57 -6.16
C VAL F 277 -3.62 23.60 -5.01
N LEU F 278 -2.81 24.64 -4.95
CA LEU F 278 -1.91 24.85 -3.83
C LEU F 278 -2.74 25.69 -2.85
N ASP F 279 -2.99 25.13 -1.68
CA ASP F 279 -3.82 25.75 -0.68
C ASP F 279 -3.13 26.90 -0.03
N ILE F 280 -3.75 28.07 -0.22
CA ILE F 280 -3.26 29.34 0.27
C ILE F 280 -4.42 30.10 0.87
N GLY F 281 -4.16 30.84 1.93
CA GLY F 281 -5.21 31.60 2.56
C GLY F 281 -4.78 33.05 2.75
N LEU F 282 -5.76 33.94 2.92
CA LEU F 282 -5.49 35.35 3.17
C LEU F 282 -5.78 35.50 4.65
N ASP F 283 -4.73 35.76 5.43
CA ASP F 283 -4.83 35.94 6.87
C ASP F 283 -4.74 37.39 7.29
N MET F 284 -5.77 37.85 7.97
CA MET F 284 -5.81 39.22 8.45
C MET F 284 -5.71 39.25 9.97
#